data_2P9E
#
_entry.id   2P9E
#
_cell.length_a   76.237
_cell.length_b   76.237
_cell.length_c   353.650
_cell.angle_alpha   90.00
_cell.angle_beta   90.00
_cell.angle_gamma   90.00
#
_symmetry.space_group_name_H-M   'P 43'
#
loop_
_entity.id
_entity.type
_entity.pdbx_description
1 polymer 'D-3-phosphoglycerate dehydrogenase'
2 non-polymer 'PHOSPHATE ION'
3 non-polymer '1,4-DIHYDRONICOTINAMIDE ADENINE DINUCLEOTIDE'
4 non-polymer 'CITRIC ACID'
5 non-polymer 'SULFATE ION'
6 water water
#
_entity_poly.entity_id   1
_entity_poly.type   'polypeptide(L)'
_entity_poly.pdbx_seq_one_letter_code
;MAKVSLEKDKIKFLLVEGVHQKALESLRAAGYTNIEFHKGALDDEQLKESIRDAHFIGLRSRTHLTEDVINAAEKLVAIG
AFAIGTNQVDLDAAAKRGIPVFNAPFSNTRSVAELVIGELLLLLRGVPEANAKAHRGVWNKLAAGSFEARGKKLGIIGYG
HIGTQLGILAESLGMYVYFYDIENKLPLGNATQVQHLSDLLNMSDVVSLHVPENPSTKNMMGAKEISLMKPGSLLINASR
GTVVDIPALADALASKHLAGAAIDVFPTEPATNSDPFTSPLAEFDNVLLTPHIGGSTQEAQENIGLEVAGKLIKYSDNGS
TLSAVNFPEVSLPLHVGRRLMHIHENRPGVLTALNKIFAEQGVNIAAQYLQTSAQMGYVVIDIEADEDVAEKALQAMKAI
PGTIRARLLY
;
_entity_poly.pdbx_strand_id   A,B,C,D
#
loop_
_chem_comp.id
_chem_comp.type
_chem_comp.name
_chem_comp.formula
CIT non-polymer 'CITRIC ACID' 'C6 H8 O7'
NAI non-polymer '1,4-DIHYDRONICOTINAMIDE ADENINE DINUCLEOTIDE' 'C21 H29 N7 O14 P2'
PO4 non-polymer 'PHOSPHATE ION' 'O4 P -3'
SO4 non-polymer 'SULFATE ION' 'O4 S -2'
#
# COMPACT_ATOMS: atom_id res chain seq x y z
N SER A 5 -28.94 -5.59 38.42
CA SER A 5 -27.56 -5.54 39.04
C SER A 5 -27.49 -6.45 40.25
N LEU A 6 -28.41 -6.32 41.19
CA LEU A 6 -28.52 -7.36 42.19
C LEU A 6 -29.14 -8.64 41.60
N GLU A 7 -29.96 -8.52 40.55
CA GLU A 7 -30.42 -9.73 39.83
C GLU A 7 -29.40 -10.35 38.85
N LYS A 8 -28.46 -9.56 38.33
CA LYS A 8 -27.40 -10.16 37.51
C LYS A 8 -26.53 -11.08 38.35
N ASP A 9 -26.06 -10.57 39.48
CA ASP A 9 -25.20 -11.30 40.43
C ASP A 9 -25.60 -12.73 40.74
N LYS A 10 -26.67 -13.25 40.14
CA LYS A 10 -27.17 -14.52 40.57
C LYS A 10 -26.86 -15.54 39.51
N ILE A 11 -26.50 -15.07 38.32
CA ILE A 11 -26.32 -15.99 37.21
C ILE A 11 -24.88 -16.52 37.11
N LYS A 12 -24.67 -17.78 37.51
CA LYS A 12 -23.32 -18.29 37.48
C LYS A 12 -22.83 -18.39 36.05
N PHE A 13 -21.79 -17.64 35.74
CA PHE A 13 -20.93 -17.91 34.59
C PHE A 13 -19.79 -18.80 35.05
N LEU A 14 -19.70 -19.99 34.46
CA LEU A 14 -18.57 -20.88 34.64
C LEU A 14 -17.70 -20.85 33.36
N LEU A 15 -16.47 -20.38 33.47
CA LEU A 15 -15.53 -20.48 32.35
C LEU A 15 -14.36 -21.32 32.77
N VAL A 16 -14.17 -22.41 32.04
CA VAL A 16 -13.10 -23.30 32.31
C VAL A 16 -12.12 -23.12 31.19
N GLU A 17 -11.11 -23.98 31.16
CA GLU A 17 -10.12 -24.10 30.09
C GLU A 17 -9.21 -22.91 29.71
N GLY A 18 -9.31 -21.84 30.48
CA GLY A 18 -8.42 -20.70 30.28
C GLY A 18 -8.83 -19.81 29.13
N VAL A 19 -10.04 -19.29 29.16
CA VAL A 19 -10.43 -18.36 28.09
C VAL A 19 -9.77 -16.99 28.28
N HIS A 20 -9.71 -16.22 27.21
CA HIS A 20 -9.05 -14.95 27.29
C HIS A 20 -9.71 -13.99 28.26
N GLN A 21 -8.91 -13.10 28.82
CA GLN A 21 -9.36 -12.28 29.92
C GLN A 21 -10.40 -11.30 29.48
N LYS A 22 -10.35 -10.90 28.21
CA LYS A 22 -11.34 -9.96 27.69
C LYS A 22 -12.78 -10.52 27.64
N ALA A 23 -12.91 -11.84 27.75
CA ALA A 23 -14.23 -12.44 27.88
C ALA A 23 -14.85 -12.00 29.21
N LEU A 24 -14.07 -12.07 30.29
CA LEU A 24 -14.49 -11.62 31.62
C LEU A 24 -14.70 -10.10 31.67
N GLU A 25 -13.85 -9.39 30.98
CA GLU A 25 -14.02 -7.98 30.92
C GLU A 25 -15.38 -7.65 30.25
N SER A 26 -15.81 -8.49 29.33
CA SER A 26 -17.04 -8.20 28.59
C SER A 26 -18.32 -8.49 29.37
N LEU A 27 -18.25 -9.52 30.23
CA LEU A 27 -19.29 -9.84 31.23
C LEU A 27 -19.42 -8.68 32.19
N ARG A 28 -18.36 -8.44 32.92
CA ARG A 28 -18.32 -7.33 33.84
C ARG A 28 -18.88 -6.07 33.19
N ALA A 29 -18.49 -5.75 31.97
CA ALA A 29 -19.05 -4.50 31.39
C ALA A 29 -20.56 -4.59 31.18
N ALA A 30 -21.04 -5.80 30.95
CA ALA A 30 -22.44 -6.01 30.70
C ALA A 30 -23.18 -6.24 32.01
N GLY A 31 -22.56 -5.95 33.15
CA GLY A 31 -23.21 -6.10 34.45
C GLY A 31 -23.07 -7.46 35.12
N TYR A 32 -22.69 -8.50 34.34
CA TYR A 32 -22.64 -9.89 34.83
C TYR A 32 -21.31 -10.14 35.51
N THR A 33 -21.33 -10.17 36.84
CA THR A 33 -20.08 -10.13 37.60
C THR A 33 -19.77 -11.37 38.41
N ASN A 34 -20.67 -12.34 38.45
CA ASN A 34 -20.46 -13.56 39.22
C ASN A 34 -19.98 -14.68 38.28
N ILE A 35 -18.71 -15.05 38.44
CA ILE A 35 -18.03 -15.84 37.43
C ILE A 35 -17.09 -16.80 38.11
N GLU A 36 -17.16 -18.07 37.78
CA GLU A 36 -16.18 -19.03 38.32
C GLU A 36 -15.15 -19.24 37.24
N PHE A 37 -13.96 -18.65 37.42
CA PHE A 37 -12.87 -18.77 36.41
C PHE A 37 -11.85 -19.90 36.61
N HIS A 38 -11.74 -20.80 35.65
CA HIS A 38 -10.72 -21.84 35.73
C HIS A 38 -9.74 -21.78 34.52
N LYS A 39 -8.43 -21.78 34.83
CA LYS A 39 -7.34 -21.82 33.83
C LYS A 39 -7.29 -23.14 33.06
N GLY A 40 -7.67 -24.24 33.71
CA GLY A 40 -7.53 -25.54 33.08
C GLY A 40 -8.83 -26.31 33.00
N ALA A 41 -8.74 -27.58 32.59
CA ALA A 41 -9.89 -28.49 32.56
C ALA A 41 -10.23 -28.99 33.96
N LEU A 42 -11.42 -29.59 34.11
CA LEU A 42 -11.91 -30.11 35.39
C LEU A 42 -12.29 -31.56 35.19
N ASP A 43 -12.11 -32.39 36.21
CA ASP A 43 -12.44 -33.82 36.05
C ASP A 43 -13.97 -33.98 36.10
N ASP A 44 -14.47 -35.11 35.60
CA ASP A 44 -15.85 -35.52 35.86
C ASP A 44 -16.40 -34.84 37.10
N GLU A 45 -15.66 -34.93 38.20
CA GLU A 45 -16.16 -34.52 39.51
C GLU A 45 -16.42 -33.02 39.72
N GLN A 46 -15.38 -32.18 39.67
CA GLN A 46 -15.59 -30.73 39.91
C GLN A 46 -16.25 -29.96 38.74
N LEU A 47 -16.38 -30.63 37.59
CA LEU A 47 -17.31 -30.21 36.54
C LEU A 47 -18.70 -30.10 37.13
N LYS A 48 -19.29 -31.29 37.33
CA LYS A 48 -20.65 -31.41 37.86
C LYS A 48 -20.93 -30.62 39.12
N GLU A 49 -19.91 -30.04 39.74
CA GLU A 49 -20.12 -29.31 40.98
C GLU A 49 -20.18 -27.83 40.72
N SER A 50 -19.14 -27.34 40.05
CA SER A 50 -19.10 -25.95 39.62
C SER A 50 -20.20 -25.64 38.56
N ILE A 51 -20.62 -26.66 37.81
CA ILE A 51 -21.73 -26.48 36.89
C ILE A 51 -23.13 -26.54 37.55
N ARG A 52 -23.36 -27.50 38.43
CA ARG A 52 -24.71 -27.74 38.98
C ARG A 52 -25.58 -26.47 38.99
N ASP A 53 -25.12 -25.42 39.67
CA ASP A 53 -25.96 -24.23 39.76
C ASP A 53 -25.61 -23.17 38.71
N ALA A 54 -25.22 -23.59 37.52
CA ALA A 54 -24.65 -22.64 36.58
C ALA A 54 -25.53 -22.34 35.41
N HIS A 55 -25.85 -21.06 35.30
CA HIS A 55 -26.71 -20.56 34.25
C HIS A 55 -26.05 -20.65 32.88
N PHE A 56 -24.78 -20.22 32.84
CA PHE A 56 -23.99 -20.20 31.59
C PHE A 56 -22.62 -20.87 31.72
N ILE A 57 -22.22 -21.63 30.72
CA ILE A 57 -20.89 -22.19 30.74
C ILE A 57 -19.98 -21.71 29.57
N GLY A 58 -18.67 -21.67 29.79
CA GLY A 58 -17.72 -21.38 28.72
C GLY A 58 -16.62 -22.42 28.69
N LEU A 59 -16.65 -23.30 27.70
CA LEU A 59 -15.53 -24.22 27.50
C LEU A 59 -14.73 -23.99 26.15
N ARG A 60 -13.51 -24.54 26.07
CA ARG A 60 -12.79 -24.61 24.81
C ARG A 60 -12.90 -26.03 24.25
N SER A 61 -11.86 -26.67 23.73
CA SER A 61 -12.11 -27.98 23.07
C SER A 61 -11.85 -29.25 23.86
N ARG A 62 -11.55 -29.12 25.15
CA ARG A 62 -11.24 -30.30 25.97
C ARG A 62 -12.36 -30.65 26.96
N THR A 63 -13.11 -29.66 27.40
CA THR A 63 -14.21 -29.98 28.30
C THR A 63 -15.23 -30.75 27.52
N HIS A 64 -15.64 -31.91 28.05
CA HIS A 64 -16.62 -32.75 27.38
C HIS A 64 -18.00 -32.56 28.02
N LEU A 65 -18.89 -31.85 27.32
CA LEU A 65 -20.28 -31.74 27.74
C LEU A 65 -21.11 -32.74 26.96
N THR A 66 -21.25 -33.92 27.55
CA THR A 66 -21.98 -35.02 26.96
C THR A 66 -23.34 -34.99 27.56
N GLU A 67 -24.20 -35.90 27.10
CA GLU A 67 -25.57 -35.93 27.61
C GLU A 67 -25.64 -35.89 29.14
N ASP A 68 -24.97 -36.82 29.81
CA ASP A 68 -25.20 -36.95 31.22
C ASP A 68 -24.85 -35.64 31.92
N VAL A 69 -23.77 -35.03 31.49
CA VAL A 69 -23.34 -33.81 32.15
C VAL A 69 -24.42 -32.77 31.96
N ILE A 70 -24.93 -32.70 30.73
CA ILE A 70 -25.94 -31.69 30.40
C ILE A 70 -27.18 -31.95 31.23
N ASN A 71 -27.53 -33.22 31.44
CA ASN A 71 -28.62 -33.52 32.35
C ASN A 71 -28.34 -33.14 33.81
N ALA A 72 -27.07 -33.20 34.21
CA ALA A 72 -26.72 -32.86 35.57
C ALA A 72 -26.99 -31.39 35.97
N ALA A 73 -26.67 -30.44 35.10
CA ALA A 73 -26.84 -29.04 35.50
C ALA A 73 -28.30 -28.66 35.58
N GLU A 74 -28.75 -28.32 36.78
CA GLU A 74 -30.14 -28.04 37.02
C GLU A 74 -30.57 -26.64 36.57
N LYS A 75 -29.64 -25.84 36.05
CA LYS A 75 -29.97 -24.46 35.67
C LYS A 75 -29.16 -23.91 34.47
N LEU A 76 -28.78 -24.76 33.52
CA LEU A 76 -28.00 -24.26 32.38
C LEU A 76 -28.84 -23.60 31.26
N VAL A 77 -28.62 -22.29 31.01
CA VAL A 77 -29.32 -21.54 29.95
C VAL A 77 -28.66 -21.58 28.56
N ALA A 78 -27.39 -21.18 28.44
CA ALA A 78 -26.66 -21.38 27.16
C ALA A 78 -25.29 -21.98 27.31
N ILE A 79 -24.77 -22.49 26.21
CA ILE A 79 -23.41 -22.97 26.20
C ILE A 79 -22.56 -22.14 25.24
N GLY A 80 -21.36 -21.80 25.71
CA GLY A 80 -20.44 -21.04 24.89
C GLY A 80 -19.15 -21.78 24.57
N ALA A 81 -19.12 -22.40 23.40
CA ALA A 81 -17.87 -22.90 22.83
C ALA A 81 -16.96 -21.73 22.46
N PHE A 82 -16.04 -21.42 23.36
CA PHE A 82 -15.08 -20.36 23.09
C PHE A 82 -13.97 -20.83 22.17
N ALA A 83 -14.35 -21.41 21.05
CA ALA A 83 -13.47 -22.00 20.09
C ALA A 83 -14.33 -22.11 18.81
N ILE A 84 -13.82 -22.79 17.80
CA ILE A 84 -14.58 -23.03 16.60
C ILE A 84 -15.40 -24.32 16.67
N GLY A 85 -14.73 -25.43 16.92
CA GLY A 85 -15.41 -26.71 16.86
C GLY A 85 -16.46 -26.90 17.92
N THR A 86 -17.47 -27.69 17.63
CA THR A 86 -18.45 -27.96 18.68
C THR A 86 -18.61 -29.43 18.98
N ASN A 87 -17.93 -30.29 18.20
CA ASN A 87 -17.88 -31.74 18.44
C ASN A 87 -17.67 -32.24 19.92
N GLN A 88 -17.10 -31.44 20.80
CA GLN A 88 -16.97 -31.78 22.23
C GLN A 88 -18.26 -31.64 23.07
N VAL A 89 -19.37 -31.27 22.43
CA VAL A 89 -20.60 -30.85 23.08
C VAL A 89 -21.67 -31.55 22.29
N ASP A 90 -22.53 -32.32 22.98
CA ASP A 90 -23.68 -33.01 22.32
C ASP A 90 -24.78 -31.98 21.97
N LEU A 91 -24.71 -31.47 20.73
CA LEU A 91 -25.57 -30.38 20.26
C LEU A 91 -27.05 -30.74 20.40
N ASP A 92 -27.34 -31.99 20.00
CA ASP A 92 -28.65 -32.56 20.05
C ASP A 92 -29.16 -32.79 21.45
N ALA A 93 -28.37 -32.47 22.47
CA ALA A 93 -28.87 -32.64 23.83
C ALA A 93 -29.01 -31.33 24.57
N ALA A 94 -28.29 -30.29 24.17
CA ALA A 94 -28.63 -29.01 24.80
C ALA A 94 -29.91 -28.49 24.11
N ALA A 95 -30.07 -28.87 22.84
CA ALA A 95 -31.27 -28.60 22.10
C ALA A 95 -32.45 -29.21 22.85
N LYS A 96 -32.39 -30.51 23.06
CA LYS A 96 -33.44 -31.19 23.81
C LYS A 96 -33.90 -30.43 25.08
N ARG A 97 -32.98 -29.79 25.81
CA ARG A 97 -33.32 -29.08 27.05
C ARG A 97 -33.54 -27.58 26.87
N GLY A 98 -33.46 -27.12 25.64
CA GLY A 98 -33.58 -25.69 25.37
C GLY A 98 -32.37 -24.83 25.69
N ILE A 99 -31.18 -25.42 25.54
CA ILE A 99 -29.92 -24.71 25.70
C ILE A 99 -29.27 -24.46 24.33
N PRO A 100 -29.22 -23.19 23.91
CA PRO A 100 -28.57 -23.02 22.61
C PRO A 100 -27.01 -23.08 22.76
N VAL A 101 -26.34 -23.58 21.72
CA VAL A 101 -24.88 -23.49 21.69
C VAL A 101 -24.34 -22.42 20.73
N PHE A 102 -23.31 -21.72 21.18
CA PHE A 102 -22.62 -20.69 20.41
C PHE A 102 -21.15 -21.01 20.22
N ASN A 103 -20.44 -20.24 19.40
CA ASN A 103 -19.05 -20.52 19.04
C ASN A 103 -18.45 -19.34 18.33
N ALA A 104 -17.22 -19.44 17.83
CA ALA A 104 -16.65 -18.29 17.08
C ALA A 104 -16.02 -18.76 15.77
N PRO A 105 -16.86 -19.00 14.77
CA PRO A 105 -16.42 -19.66 13.56
C PRO A 105 -15.37 -18.87 12.76
N PHE A 106 -15.32 -17.54 12.91
CA PHE A 106 -14.40 -16.75 12.09
C PHE A 106 -13.72 -15.74 12.96
N SER A 107 -13.22 -16.16 14.10
CA SER A 107 -12.48 -15.21 14.89
C SER A 107 -10.98 -15.45 14.77
N ASN A 108 -10.60 -16.32 13.82
CA ASN A 108 -9.22 -16.78 13.67
C ASN A 108 -8.58 -16.35 12.33
N THR A 109 -9.14 -15.32 11.69
CA THR A 109 -8.75 -15.00 10.31
C THR A 109 -7.29 -14.59 10.10
N ARG A 110 -6.85 -13.54 10.75
CA ARG A 110 -5.45 -13.18 10.59
C ARG A 110 -4.48 -14.31 11.00
N SER A 111 -4.77 -14.98 12.09
CA SER A 111 -3.82 -15.90 12.58
C SER A 111 -3.44 -16.95 11.57
N VAL A 112 -4.42 -17.49 10.85
CA VAL A 112 -4.18 -18.51 9.84
C VAL A 112 -3.53 -17.91 8.61
N ALA A 113 -3.98 -16.74 8.18
CA ALA A 113 -3.36 -16.12 7.03
C ALA A 113 -1.88 -15.84 7.37
N GLU A 114 -1.60 -15.34 8.57
CA GLU A 114 -0.22 -15.02 8.91
C GLU A 114 0.66 -16.25 8.87
N LEU A 115 0.25 -17.28 9.61
CA LEU A 115 0.92 -18.59 9.52
C LEU A 115 1.18 -19.11 8.09
N VAL A 116 0.24 -18.96 7.15
CA VAL A 116 0.53 -19.51 5.84
C VAL A 116 1.63 -18.77 5.10
N ILE A 117 1.57 -17.43 5.10
CA ILE A 117 2.67 -16.58 4.65
C ILE A 117 4.07 -16.98 5.15
N GLY A 118 4.19 -17.22 6.44
CA GLY A 118 5.46 -17.62 7.02
C GLY A 118 5.89 -18.97 6.46
N GLU A 119 4.93 -19.88 6.32
CA GLU A 119 5.27 -21.24 5.96
C GLU A 119 5.78 -21.32 4.55
N LEU A 120 5.15 -20.58 3.65
CA LEU A 120 5.46 -20.61 2.23
C LEU A 120 6.76 -19.82 1.96
N LEU A 121 6.93 -18.70 2.66
CA LEU A 121 8.23 -18.04 2.75
C LEU A 121 9.32 -19.04 3.05
N LEU A 122 9.19 -19.84 4.09
CA LEU A 122 10.30 -20.76 4.43
C LEU A 122 10.34 -21.97 3.55
N LEU A 123 9.21 -22.47 3.10
CA LEU A 123 9.25 -23.63 2.20
C LEU A 123 9.87 -23.33 0.84
N LEU A 124 9.64 -22.15 0.28
CA LEU A 124 10.31 -21.84 -0.98
C LEU A 124 11.82 -21.80 -0.83
N ARG A 125 12.30 -21.59 0.39
CA ARG A 125 13.73 -21.57 0.66
C ARG A 125 14.37 -22.90 1.06
N GLY A 126 13.60 -23.98 1.18
CA GLY A 126 14.19 -25.24 1.62
C GLY A 126 14.73 -25.06 3.03
N VAL A 127 14.12 -24.15 3.80
CA VAL A 127 14.53 -23.86 5.13
C VAL A 127 14.14 -24.96 6.10
N PRO A 128 12.90 -25.45 6.05
CA PRO A 128 12.65 -26.55 6.98
C PRO A 128 13.59 -27.74 6.81
N GLU A 129 13.95 -28.12 5.58
CA GLU A 129 14.92 -29.18 5.42
C GLU A 129 16.30 -28.77 5.96
N ALA A 130 16.67 -27.51 5.71
CA ALA A 130 17.92 -26.95 6.22
C ALA A 130 18.06 -27.00 7.78
N ASN A 131 17.00 -26.61 8.46
CA ASN A 131 16.93 -26.58 9.92
C ASN A 131 16.98 -27.96 10.53
N ALA A 132 16.25 -28.91 9.94
CA ALA A 132 16.32 -30.29 10.44
C ALA A 132 17.74 -30.90 10.28
N LYS A 133 18.30 -30.80 9.08
CA LYS A 133 19.65 -31.26 8.81
C LYS A 133 20.63 -30.55 9.73
N ALA A 134 20.51 -29.23 9.84
CA ALA A 134 21.45 -28.47 10.67
C ALA A 134 21.46 -28.94 12.11
N HIS A 135 20.26 -29.25 12.64
CA HIS A 135 20.15 -29.59 14.06
C HIS A 135 20.73 -30.99 14.26
N ARG A 136 21.01 -31.74 13.20
CA ARG A 136 21.71 -33.03 13.40
C ARG A 136 23.11 -33.09 12.81
N GLY A 137 23.76 -31.94 12.76
CA GLY A 137 25.13 -31.85 12.25
C GLY A 137 25.29 -31.69 10.75
N VAL A 138 24.20 -31.65 10.00
CA VAL A 138 24.39 -31.52 8.57
C VAL A 138 24.22 -30.12 8.01
N TRP A 139 25.27 -29.64 7.38
CA TRP A 139 25.26 -28.39 6.69
C TRP A 139 24.98 -28.70 5.20
N ASN A 140 24.20 -27.86 4.56
CA ASN A 140 23.74 -28.13 3.21
C ASN A 140 23.35 -26.80 2.64
N LYS A 141 24.34 -25.98 2.30
CA LYS A 141 24.01 -24.66 1.83
C LYS A 141 24.19 -24.58 0.35
N LEU A 142 23.10 -24.24 -0.33
CA LEU A 142 23.13 -24.15 -1.75
C LEU A 142 22.01 -23.19 -2.16
N ALA A 143 22.02 -22.72 -3.40
CA ALA A 143 21.00 -21.81 -3.92
C ALA A 143 20.03 -22.41 -4.94
N ALA A 144 20.32 -23.61 -5.42
CA ALA A 144 19.53 -24.21 -6.47
C ALA A 144 18.22 -24.69 -5.92
N GLY A 145 17.18 -24.24 -6.58
CA GLY A 145 15.85 -24.69 -6.22
C GLY A 145 15.30 -23.94 -5.02
N SER A 146 16.05 -23.00 -4.43
CA SER A 146 15.45 -22.02 -3.44
C SER A 146 14.99 -20.74 -4.13
N PHE A 147 13.89 -20.17 -3.69
CA PHE A 147 13.32 -19.05 -4.43
C PHE A 147 12.69 -18.07 -3.48
N GLU A 148 12.57 -16.81 -3.92
CA GLU A 148 11.77 -15.81 -3.21
C GLU A 148 10.29 -15.90 -3.49
N ALA A 149 9.53 -15.46 -2.50
CA ALA A 149 8.10 -15.41 -2.61
C ALA A 149 7.63 -14.37 -3.64
N ARG A 150 8.21 -13.17 -3.58
CA ARG A 150 7.87 -12.08 -4.50
C ARG A 150 7.91 -12.49 -5.98
N GLY A 151 6.85 -12.20 -6.71
CA GLY A 151 6.80 -12.64 -8.12
C GLY A 151 6.20 -14.03 -8.35
N LYS A 152 6.24 -14.87 -7.32
CA LYS A 152 5.65 -16.20 -7.36
C LYS A 152 4.11 -16.12 -7.38
N LYS A 153 3.44 -17.12 -7.96
CA LYS A 153 1.95 -17.21 -8.00
C LYS A 153 1.39 -18.05 -6.84
N LEU A 154 0.50 -17.46 -6.05
CA LEU A 154 -0.19 -18.20 -4.96
C LEU A 154 -1.55 -18.62 -5.44
N GLY A 155 -1.86 -19.90 -5.29
CA GLY A 155 -3.17 -20.43 -5.64
C GLY A 155 -4.07 -20.69 -4.41
N ILE A 156 -5.01 -19.78 -4.13
CA ILE A 156 -5.79 -19.95 -2.96
C ILE A 156 -6.98 -20.74 -3.40
N ILE A 157 -7.27 -21.86 -2.74
CA ILE A 157 -8.45 -22.67 -3.03
C ILE A 157 -9.42 -22.56 -1.88
N GLY A 158 -10.53 -21.88 -2.11
CA GLY A 158 -11.50 -21.60 -1.05
C GLY A 158 -11.16 -20.20 -0.69
N TYR A 159 -11.89 -19.27 -1.27
CA TYR A 159 -11.61 -17.85 -1.11
C TYR A 159 -12.70 -17.21 -0.21
N GLY A 160 -12.76 -17.62 1.07
CA GLY A 160 -13.80 -17.17 2.01
C GLY A 160 -13.14 -16.13 2.86
N HIS A 161 -13.37 -16.17 4.17
CA HIS A 161 -12.78 -15.21 5.11
C HIS A 161 -11.27 -15.25 5.18
N ILE A 162 -10.71 -16.46 5.10
CA ILE A 162 -9.27 -16.69 5.23
C ILE A 162 -8.50 -16.55 3.89
N GLY A 163 -8.85 -17.36 2.90
CA GLY A 163 -8.35 -17.11 1.56
C GLY A 163 -8.20 -15.63 1.25
N THR A 164 -9.27 -14.87 1.47
CA THR A 164 -9.28 -13.44 1.15
C THR A 164 -8.21 -12.68 1.95
N GLN A 165 -8.05 -12.99 3.23
CA GLN A 165 -7.11 -12.22 4.01
C GLN A 165 -5.74 -12.70 3.59
N LEU A 166 -5.60 -14.01 3.41
CA LEU A 166 -4.34 -14.56 2.91
C LEU A 166 -3.93 -13.88 1.62
N GLY A 167 -4.88 -13.73 0.70
CA GLY A 167 -4.58 -13.11 -0.59
C GLY A 167 -4.04 -11.70 -0.47
N ILE A 168 -4.69 -10.93 0.38
CA ILE A 168 -4.27 -9.58 0.66
C ILE A 168 -2.84 -9.58 1.15
N LEU A 169 -2.56 -10.32 2.21
CA LEU A 169 -1.21 -10.37 2.73
C LEU A 169 -0.22 -10.79 1.64
N ALA A 170 -0.65 -11.69 0.74
CA ALA A 170 0.22 -12.20 -0.29
C ALA A 170 0.56 -11.13 -1.33
N GLU A 171 -0.43 -10.35 -1.81
CA GLU A 171 0.00 -9.39 -2.80
C GLU A 171 0.79 -8.22 -2.19
N SER A 172 0.56 -7.93 -0.92
CA SER A 172 1.41 -6.99 -0.22
C SER A 172 2.88 -7.41 -0.23
N LEU A 173 3.14 -8.72 -0.39
CA LEU A 173 4.51 -9.26 -0.35
C LEU A 173 5.09 -9.47 -1.72
N GLY A 174 4.38 -9.03 -2.74
CA GLY A 174 4.84 -9.12 -4.10
C GLY A 174 4.35 -10.31 -4.91
N MET A 175 3.47 -11.13 -4.33
CA MET A 175 3.00 -12.36 -5.00
C MET A 175 1.84 -12.05 -5.86
N TYR A 176 1.77 -12.72 -7.02
CA TYR A 176 0.58 -12.64 -7.86
C TYR A 176 -0.42 -13.70 -7.35
N VAL A 177 -1.64 -13.24 -7.09
CA VAL A 177 -2.64 -14.08 -6.45
C VAL A 177 -3.85 -14.55 -7.31
N TYR A 178 -4.05 -15.86 -7.35
CA TYR A 178 -5.15 -16.49 -8.07
C TYR A 178 -6.01 -17.34 -7.15
N PHE A 179 -7.29 -17.50 -7.45
CA PHE A 179 -8.06 -18.41 -6.62
C PHE A 179 -9.19 -19.20 -7.30
N TYR A 180 -9.67 -20.25 -6.64
CA TYR A 180 -10.73 -21.11 -7.16
C TYR A 180 -11.73 -21.27 -6.06
N ASP A 181 -12.99 -21.19 -6.41
CA ASP A 181 -14.06 -21.31 -5.43
C ASP A 181 -15.26 -21.88 -6.21
N ILE A 182 -16.24 -22.45 -5.52
CA ILE A 182 -17.34 -23.10 -6.22
C ILE A 182 -18.41 -22.06 -6.48
N GLU A 183 -18.37 -20.94 -5.73
CA GLU A 183 -19.12 -19.75 -6.13
C GLU A 183 -18.27 -18.60 -6.72
N ASN A 184 -18.96 -17.66 -7.36
CA ASN A 184 -18.30 -16.55 -8.02
C ASN A 184 -18.09 -15.45 -7.04
N LYS A 185 -16.86 -15.02 -6.87
CA LYS A 185 -16.60 -14.16 -5.75
C LYS A 185 -15.99 -12.87 -6.24
N LEU A 186 -16.28 -11.78 -5.56
CA LEU A 186 -15.59 -10.53 -5.87
C LEU A 186 -14.16 -10.40 -5.25
N PRO A 187 -13.14 -10.42 -6.12
CA PRO A 187 -11.70 -10.22 -5.83
C PRO A 187 -11.40 -8.92 -5.09
N LEU A 188 -10.34 -8.93 -4.29
CA LEU A 188 -9.89 -7.72 -3.65
C LEU A 188 -8.52 -7.45 -4.23
N GLY A 189 -7.99 -6.25 -4.09
CA GLY A 189 -6.79 -5.88 -4.85
C GLY A 189 -6.82 -6.57 -6.23
N ASN A 190 -5.70 -7.17 -6.62
CA ASN A 190 -5.53 -7.77 -7.99
C ASN A 190 -5.64 -9.29 -8.03
N ALA A 191 -6.36 -9.86 -7.06
CA ALA A 191 -6.60 -11.27 -7.05
C ALA A 191 -7.33 -11.64 -8.35
N THR A 192 -7.34 -12.92 -8.68
CA THR A 192 -8.02 -13.34 -9.89
C THR A 192 -8.73 -14.66 -9.73
N GLN A 193 -10.02 -14.69 -10.04
CA GLN A 193 -10.73 -15.95 -9.96
C GLN A 193 -10.28 -16.80 -11.14
N VAL A 194 -10.07 -18.09 -10.91
CA VAL A 194 -9.69 -19.01 -12.00
C VAL A 194 -10.82 -19.99 -12.15
N GLN A 195 -11.34 -20.14 -13.38
CA GLN A 195 -12.57 -20.90 -13.57
C GLN A 195 -12.39 -22.40 -13.36
N HIS A 196 -11.25 -22.94 -13.72
CA HIS A 196 -11.00 -24.36 -13.44
C HIS A 196 -9.85 -24.58 -12.46
N LEU A 197 -10.09 -25.48 -11.52
CA LEU A 197 -9.14 -25.85 -10.50
C LEU A 197 -7.89 -26.46 -11.11
N SER A 198 -8.04 -27.15 -12.24
CA SER A 198 -6.92 -27.68 -12.99
C SER A 198 -6.11 -26.51 -13.57
N ASP A 199 -6.80 -25.44 -13.92
CA ASP A 199 -6.11 -24.24 -14.39
C ASP A 199 -5.28 -23.69 -13.22
N LEU A 200 -5.89 -23.66 -12.03
CA LEU A 200 -5.25 -23.05 -10.88
C LEU A 200 -4.13 -23.94 -10.38
N LEU A 201 -4.39 -25.24 -10.33
CA LEU A 201 -3.35 -26.19 -10.03
C LEU A 201 -2.22 -26.16 -11.02
N ASN A 202 -2.49 -26.06 -12.32
CA ASN A 202 -1.38 -26.09 -13.25
C ASN A 202 -0.42 -24.89 -13.10
N MET A 203 -0.92 -23.77 -12.55
CA MET A 203 -0.15 -22.53 -12.56
C MET A 203 0.66 -22.21 -11.30
N SER A 204 0.13 -22.60 -10.14
CA SER A 204 0.56 -22.08 -8.84
C SER A 204 1.94 -22.54 -8.41
N ASP A 205 2.72 -21.65 -7.81
CA ASP A 205 3.97 -22.04 -7.23
C ASP A 205 3.69 -22.59 -5.84
N VAL A 206 2.65 -22.04 -5.24
CA VAL A 206 2.15 -22.53 -3.97
C VAL A 206 0.63 -22.64 -4.00
N VAL A 207 0.09 -23.71 -3.42
CA VAL A 207 -1.36 -23.91 -3.30
C VAL A 207 -1.73 -24.09 -1.84
N SER A 208 -2.68 -23.28 -1.36
CA SER A 208 -3.07 -23.32 0.02
C SER A 208 -4.58 -23.36 0.16
N LEU A 209 -5.05 -24.15 1.11
CA LEU A 209 -6.42 -24.61 1.10
C LEU A 209 -7.17 -23.98 2.25
N HIS A 210 -8.33 -23.42 1.94
CA HIS A 210 -9.19 -22.84 2.97
C HIS A 210 -10.63 -23.09 2.67
N VAL A 211 -10.97 -24.37 2.61
CA VAL A 211 -12.31 -24.80 2.35
C VAL A 211 -12.95 -25.38 3.62
N PRO A 212 -14.23 -25.75 3.56
CA PRO A 212 -14.88 -26.25 4.75
C PRO A 212 -14.91 -27.75 4.68
N GLU A 213 -15.41 -28.36 5.76
CA GLU A 213 -15.46 -29.82 5.79
C GLU A 213 -16.81 -30.27 5.33
N ASN A 214 -16.84 -30.91 4.15
CA ASN A 214 -18.08 -31.45 3.60
C ASN A 214 -17.78 -32.35 2.42
N PRO A 215 -18.80 -33.11 1.95
CA PRO A 215 -18.66 -34.04 0.83
C PRO A 215 -17.83 -33.51 -0.34
N SER A 216 -18.05 -32.27 -0.77
CA SER A 216 -17.33 -31.72 -1.95
C SER A 216 -15.83 -31.68 -1.72
N THR A 217 -15.43 -31.28 -0.51
CA THR A 217 -14.00 -31.17 -0.10
C THR A 217 -13.34 -32.45 0.41
N LYS A 218 -14.10 -33.47 0.76
CA LYS A 218 -13.45 -34.71 1.23
C LYS A 218 -12.44 -35.22 0.21
N ASN A 219 -11.17 -35.19 0.58
CA ASN A 219 -10.10 -35.68 -0.30
C ASN A 219 -10.07 -34.97 -1.66
N MET A 220 -10.58 -33.75 -1.70
CA MET A 220 -10.55 -33.01 -2.94
C MET A 220 -9.12 -32.87 -3.48
N MET A 221 -8.13 -32.77 -2.63
CA MET A 221 -6.75 -32.93 -3.09
C MET A 221 -6.25 -34.40 -3.11
N GLY A 222 -6.60 -35.15 -4.15
CA GLY A 222 -6.07 -36.51 -4.28
C GLY A 222 -4.95 -36.66 -5.29
N ALA A 223 -4.71 -37.88 -5.75
CA ALA A 223 -3.58 -38.13 -6.59
C ALA A 223 -3.68 -37.25 -7.82
N LYS A 224 -4.78 -37.39 -8.55
CA LYS A 224 -4.98 -36.73 -9.84
C LYS A 224 -4.64 -35.27 -9.76
N GLU A 225 -5.09 -34.64 -8.69
CA GLU A 225 -4.95 -33.20 -8.47
C GLU A 225 -3.51 -32.81 -8.17
N ILE A 226 -2.89 -33.55 -7.26
CA ILE A 226 -1.55 -33.28 -6.83
C ILE A 226 -0.72 -33.38 -8.09
N SER A 227 -1.18 -34.22 -9.00
CA SER A 227 -0.40 -34.52 -10.18
C SER A 227 -0.47 -33.31 -11.08
N LEU A 228 -1.60 -32.64 -11.04
CA LEU A 228 -1.79 -31.43 -11.81
C LEU A 228 -0.97 -30.21 -11.29
N MET A 229 -0.69 -30.14 -10.00
CA MET A 229 0.20 -29.07 -9.51
C MET A 229 1.56 -29.01 -10.29
N LYS A 230 2.16 -27.83 -10.30
CA LYS A 230 3.40 -27.64 -11.01
C LYS A 230 4.63 -28.36 -10.38
N PRO A 231 5.45 -28.97 -11.23
CA PRO A 231 6.63 -29.63 -10.68
C PRO A 231 7.45 -28.63 -9.92
N GLY A 232 7.92 -29.04 -8.75
CA GLY A 232 8.65 -28.18 -7.83
C GLY A 232 7.76 -27.23 -7.02
N SER A 233 6.45 -27.50 -6.95
CA SER A 233 5.52 -26.62 -6.25
C SER A 233 5.25 -27.01 -4.77
N LEU A 234 4.45 -26.20 -4.10
CA LEU A 234 4.24 -26.38 -2.70
C LEU A 234 2.76 -26.56 -2.33
N LEU A 235 2.51 -27.51 -1.42
CA LEU A 235 1.17 -27.75 -0.90
C LEU A 235 0.99 -27.35 0.58
N ILE A 236 0.00 -26.52 0.85
CA ILE A 236 -0.24 -26.06 2.21
C ILE A 236 -1.71 -26.32 2.61
N ASN A 237 -1.92 -26.88 3.81
CA ASN A 237 -3.25 -27.20 4.30
C ASN A 237 -3.51 -26.91 5.79
N ALA A 238 -4.19 -25.80 6.05
CA ALA A 238 -4.53 -25.34 7.37
C ALA A 238 -6.05 -25.14 7.33
N SER A 239 -6.71 -25.94 6.51
CA SER A 239 -8.16 -25.90 6.50
C SER A 239 -8.68 -27.05 7.35
N ARG A 240 -8.93 -28.21 6.72
CA ARG A 240 -9.57 -29.32 7.40
C ARG A 240 -8.76 -30.57 7.26
N GLY A 241 -8.76 -31.40 8.29
CA GLY A 241 -8.07 -32.69 8.24
C GLY A 241 -8.42 -33.66 7.13
N THR A 242 -9.59 -33.51 6.52
CA THR A 242 -10.12 -34.47 5.53
C THR A 242 -9.97 -34.03 4.02
N VAL A 243 -9.42 -32.83 3.81
CA VAL A 243 -9.30 -32.34 2.45
C VAL A 243 -8.16 -32.95 1.58
N VAL A 244 -7.11 -33.44 2.20
CA VAL A 244 -6.00 -33.90 1.38
C VAL A 244 -5.76 -35.38 1.68
N ASP A 245 -5.60 -36.14 0.61
CA ASP A 245 -5.22 -37.53 0.70
C ASP A 245 -3.73 -37.61 1.00
N ILE A 246 -3.47 -37.85 2.28
CA ILE A 246 -2.12 -37.76 2.85
C ILE A 246 -1.13 -38.78 2.25
N PRO A 247 -1.56 -40.05 2.07
CA PRO A 247 -0.73 -41.04 1.40
C PRO A 247 -0.38 -40.57 0.02
N ALA A 248 -1.32 -39.90 -0.63
CA ALA A 248 -1.04 -39.36 -1.96
C ALA A 248 -0.03 -38.23 -1.80
N LEU A 249 -0.29 -37.30 -0.88
CA LEU A 249 0.69 -36.25 -0.62
C LEU A 249 2.06 -36.83 -0.33
N ALA A 250 2.10 -37.94 0.40
CA ALA A 250 3.39 -38.50 0.71
C ALA A 250 4.08 -39.03 -0.52
N ASP A 251 3.35 -39.72 -1.40
CA ASP A 251 3.97 -40.29 -2.59
C ASP A 251 4.49 -39.25 -3.61
N ALA A 252 3.86 -38.08 -3.61
CA ALA A 252 4.25 -36.99 -4.48
C ALA A 252 5.56 -36.32 -3.97
N LEU A 253 5.64 -36.14 -2.65
CA LEU A 253 6.79 -35.53 -2.04
C LEU A 253 8.01 -36.43 -2.16
N ALA A 254 7.77 -37.73 -2.13
CA ALA A 254 8.88 -38.69 -2.19
C ALA A 254 9.47 -38.75 -3.59
N SER A 255 8.65 -38.51 -4.61
CA SER A 255 9.08 -38.57 -6.01
C SER A 255 9.48 -37.18 -6.46
N LYS A 256 9.49 -36.25 -5.52
CA LYS A 256 9.93 -34.85 -5.73
C LYS A 256 9.15 -34.06 -6.71
N HIS A 257 7.92 -34.49 -6.98
CA HIS A 257 6.99 -33.73 -7.82
C HIS A 257 6.60 -32.48 -7.13
N LEU A 258 6.45 -32.58 -5.81
CA LEU A 258 6.25 -31.43 -4.90
C LEU A 258 7.56 -31.20 -4.17
N ALA A 259 7.85 -29.98 -3.77
CA ALA A 259 9.15 -29.77 -3.19
C ALA A 259 8.97 -29.60 -1.71
N GLY A 260 7.72 -29.52 -1.26
CA GLY A 260 7.44 -29.36 0.17
C GLY A 260 5.97 -29.23 0.47
N ALA A 261 5.59 -29.29 1.75
CA ALA A 261 4.22 -29.08 2.16
C ALA A 261 4.30 -28.68 3.60
N ALA A 262 3.29 -27.92 4.02
CA ALA A 262 3.07 -27.60 5.40
C ALA A 262 1.62 -28.05 5.68
N ILE A 263 1.42 -28.95 6.63
CA ILE A 263 0.09 -29.45 6.95
C ILE A 263 -0.15 -29.17 8.44
N ASP A 264 -1.29 -28.53 8.79
CA ASP A 264 -1.65 -28.17 10.18
C ASP A 264 -2.80 -29.05 10.68
N VAL A 265 -3.49 -29.71 9.77
CA VAL A 265 -4.61 -30.57 10.16
C VAL A 265 -4.58 -31.93 9.46
N PHE A 266 -4.98 -32.99 10.18
CA PHE A 266 -4.83 -34.39 9.73
C PHE A 266 -6.12 -35.20 9.89
N PRO A 267 -6.24 -36.33 9.16
CA PRO A 267 -7.51 -37.05 9.15
C PRO A 267 -7.89 -37.32 10.55
N THR A 268 -7.02 -38.03 11.25
CA THR A 268 -7.15 -38.16 12.70
C THR A 268 -6.04 -37.44 13.49
N GLU A 269 -6.43 -36.81 14.60
CA GLU A 269 -5.51 -36.06 15.50
C GLU A 269 -5.56 -36.48 16.99
N PRO A 270 -4.46 -36.24 17.73
CA PRO A 270 -4.28 -36.51 19.16
C PRO A 270 -5.25 -35.68 19.96
N ALA A 271 -5.80 -36.26 21.03
CA ALA A 271 -6.88 -35.59 21.73
C ALA A 271 -6.32 -34.66 22.79
N THR A 272 -5.13 -34.96 23.29
CA THR A 272 -4.44 -34.02 24.17
C THR A 272 -3.00 -33.97 23.76
N ASN A 273 -2.25 -33.12 24.45
CA ASN A 273 -0.88 -32.91 24.15
C ASN A 273 -0.02 -33.99 24.78
N SER A 274 -0.66 -34.96 25.40
CA SER A 274 0.09 -36.12 25.90
C SER A 274 -0.11 -37.31 24.98
N ASP A 275 -1.12 -37.23 24.10
CA ASP A 275 -1.38 -38.30 23.15
C ASP A 275 -0.36 -38.23 22.03
N PRO A 276 0.25 -39.36 21.66
CA PRO A 276 1.29 -39.31 20.60
C PRO A 276 0.73 -38.92 19.22
N PHE A 277 1.59 -38.38 18.34
CA PHE A 277 1.22 -38.13 16.95
C PHE A 277 1.96 -39.02 15.95
N THR A 278 1.23 -39.57 14.98
CA THR A 278 1.91 -40.18 13.83
C THR A 278 1.28 -39.81 12.51
N SER A 279 2.10 -39.89 11.47
CA SER A 279 1.71 -39.56 10.10
C SER A 279 2.75 -40.03 9.15
N PRO A 280 2.34 -40.47 7.97
CA PRO A 280 3.38 -40.78 7.00
C PRO A 280 4.19 -39.53 6.53
N LEU A 281 3.85 -38.34 7.01
CA LEU A 281 4.59 -37.14 6.63
C LEU A 281 5.74 -36.87 7.56
N ALA A 282 5.77 -37.56 8.70
CA ALA A 282 6.88 -37.39 9.68
C ALA A 282 8.27 -37.71 9.09
N GLU A 283 8.33 -38.62 8.13
CA GLU A 283 9.60 -38.99 7.48
C GLU A 283 10.28 -37.89 6.61
N PHE A 284 9.60 -36.76 6.39
CA PHE A 284 10.07 -35.70 5.47
C PHE A 284 10.60 -34.42 6.17
N ASP A 285 11.89 -34.11 6.03
CA ASP A 285 12.41 -32.91 6.65
C ASP A 285 11.84 -31.69 5.92
N ASN A 286 11.41 -31.90 4.68
CA ASN A 286 10.90 -30.78 3.90
C ASN A 286 9.39 -30.57 4.01
N VAL A 287 8.81 -31.02 5.13
CA VAL A 287 7.41 -30.79 5.44
C VAL A 287 7.19 -30.19 6.81
N LEU A 288 6.60 -29.02 6.88
CA LEU A 288 6.28 -28.50 8.15
C LEU A 288 5.07 -29.27 8.62
N LEU A 289 5.14 -29.82 9.82
CA LEU A 289 3.94 -30.37 10.45
C LEU A 289 3.71 -29.58 11.71
N THR A 290 2.49 -29.11 11.91
CA THR A 290 2.13 -28.27 13.04
C THR A 290 0.85 -28.80 13.68
N PRO A 291 0.71 -28.68 15.01
CA PRO A 291 -0.41 -29.42 15.56
C PRO A 291 -1.65 -28.58 15.62
N HIS A 292 -2.32 -28.36 14.49
CA HIS A 292 -3.60 -27.64 14.44
C HIS A 292 -3.56 -26.32 15.22
N ILE A 293 -2.51 -25.55 14.95
CA ILE A 293 -2.29 -24.29 15.61
C ILE A 293 -2.52 -23.11 14.64
N GLY A 294 -3.14 -23.39 13.50
CA GLY A 294 -3.57 -22.33 12.58
C GLY A 294 -4.18 -21.12 13.27
N GLY A 295 -5.11 -21.36 14.19
CA GLY A 295 -5.81 -20.24 14.86
C GLY A 295 -5.45 -20.09 16.32
N SER A 296 -4.44 -20.83 16.74
CA SER A 296 -3.85 -20.72 18.09
C SER A 296 -2.92 -19.54 18.36
N THR A 297 -3.45 -18.34 18.43
CA THR A 297 -2.65 -17.27 19.01
C THR A 297 -3.45 -16.52 20.06
N GLN A 298 -2.79 -15.58 20.73
CA GLN A 298 -3.46 -14.75 21.72
C GLN A 298 -4.36 -13.69 21.05
N GLU A 299 -3.96 -13.18 19.89
CA GLU A 299 -4.86 -12.26 19.24
C GLU A 299 -6.21 -12.99 18.93
N ALA A 300 -6.11 -14.20 18.39
CA ALA A 300 -7.27 -15.01 18.10
C ALA A 300 -8.08 -15.35 19.36
N GLN A 301 -7.42 -15.79 20.40
CA GLN A 301 -8.15 -16.04 21.60
C GLN A 301 -8.81 -14.74 22.10
N GLU A 302 -8.20 -13.60 21.83
CA GLU A 302 -8.76 -12.43 22.39
C GLU A 302 -10.05 -12.19 21.62
N ASN A 303 -10.00 -12.49 20.33
CA ASN A 303 -11.14 -12.26 19.46
C ASN A 303 -12.32 -13.18 19.80
N ILE A 304 -12.00 -14.42 20.14
CA ILE A 304 -13.01 -15.40 20.44
C ILE A 304 -13.67 -15.02 21.75
N GLY A 305 -12.87 -14.47 22.65
CA GLY A 305 -13.35 -14.12 23.97
C GLY A 305 -14.44 -13.08 23.83
N LEU A 306 -14.19 -12.04 23.05
CA LEU A 306 -15.16 -10.99 22.92
C LEU A 306 -16.40 -11.49 22.18
N GLU A 307 -16.20 -12.33 21.18
CA GLU A 307 -17.29 -12.72 20.27
C GLU A 307 -18.36 -13.40 21.10
N VAL A 308 -17.91 -14.48 21.74
CA VAL A 308 -18.76 -15.41 22.47
C VAL A 308 -19.29 -14.90 23.82
N ALA A 309 -18.59 -13.95 24.42
CA ALA A 309 -19.10 -13.44 25.65
C ALA A 309 -20.31 -12.61 25.23
N GLY A 310 -20.12 -11.80 24.19
CA GLY A 310 -21.21 -11.04 23.53
C GLY A 310 -22.45 -11.86 23.20
N LYS A 311 -22.30 -13.01 22.56
CA LYS A 311 -23.42 -13.88 22.24
C LYS A 311 -24.13 -14.38 23.48
N LEU A 312 -23.39 -14.89 24.44
CA LEU A 312 -23.95 -15.30 25.71
C LEU A 312 -24.62 -14.13 26.42
N ILE A 313 -23.90 -13.05 26.65
CA ILE A 313 -24.54 -11.81 27.12
C ILE A 313 -25.80 -11.37 26.37
N LYS A 314 -25.80 -11.43 25.04
CA LYS A 314 -26.96 -11.05 24.24
C LYS A 314 -28.12 -12.00 24.45
N TYR A 315 -27.80 -13.27 24.56
CA TYR A 315 -28.87 -14.21 24.66
C TYR A 315 -29.56 -13.89 25.97
N SER A 316 -28.72 -13.70 26.99
CA SER A 316 -29.17 -13.50 28.33
C SER A 316 -30.02 -12.26 28.40
N ASP A 317 -29.58 -11.18 27.76
CA ASP A 317 -30.31 -9.91 27.85
C ASP A 317 -31.53 -9.78 26.98
N ASN A 318 -31.44 -10.23 25.73
CA ASN A 318 -32.50 -9.93 24.73
C ASN A 318 -33.05 -11.16 24.01
N GLY A 319 -32.39 -12.30 24.18
CA GLY A 319 -32.95 -13.60 23.81
C GLY A 319 -32.50 -13.98 22.43
N SER A 320 -31.49 -13.28 21.91
CA SER A 320 -31.01 -13.62 20.59
C SER A 320 -30.26 -14.93 20.57
N THR A 321 -30.68 -15.85 19.73
CA THR A 321 -29.91 -17.03 19.41
C THR A 321 -29.35 -16.95 17.99
N LEU A 322 -29.26 -15.73 17.46
CA LEU A 322 -28.59 -15.56 16.19
C LEU A 322 -27.20 -16.15 16.30
N SER A 323 -26.88 -17.07 15.38
CA SER A 323 -25.57 -17.73 15.18
C SER A 323 -25.40 -19.02 15.97
N ALA A 324 -26.45 -19.37 16.70
CA ALA A 324 -26.42 -20.55 17.54
C ALA A 324 -26.38 -21.75 16.63
N VAL A 325 -25.67 -22.78 17.05
CA VAL A 325 -25.27 -23.88 16.16
C VAL A 325 -26.21 -25.09 16.19
N ASN A 326 -27.04 -25.18 17.23
CA ASN A 326 -27.95 -26.31 17.44
C ASN A 326 -29.42 -25.92 17.76
N PHE A 327 -29.90 -24.79 17.21
CA PHE A 327 -31.04 -24.08 17.77
C PHE A 327 -31.62 -23.08 16.75
N PRO A 328 -32.96 -22.88 16.74
CA PRO A 328 -33.57 -21.96 15.78
C PRO A 328 -33.15 -20.56 16.11
N GLU A 329 -32.79 -19.85 15.05
CA GLU A 329 -32.12 -18.58 15.20
C GLU A 329 -33.18 -17.51 15.22
N VAL A 330 -33.37 -16.90 16.36
CA VAL A 330 -34.29 -15.78 16.43
C VAL A 330 -33.49 -14.61 16.93
N SER A 331 -33.75 -13.43 16.40
CA SER A 331 -33.41 -12.17 17.07
C SER A 331 -34.39 -11.04 16.63
N LEU A 332 -34.59 -10.09 17.53
CA LEU A 332 -35.52 -9.00 17.34
C LEU A 332 -34.90 -7.76 17.98
N PRO A 333 -34.96 -6.61 17.31
CA PRO A 333 -34.39 -5.36 17.78
C PRO A 333 -35.12 -4.85 18.98
N LEU A 334 -34.40 -4.25 19.93
CA LEU A 334 -34.97 -3.71 21.16
C LEU A 334 -35.94 -2.65 20.74
N HIS A 335 -37.08 -2.60 21.42
CA HIS A 335 -38.19 -1.83 20.89
C HIS A 335 -39.33 -1.54 21.88
N VAL A 336 -39.00 -0.90 23.00
CA VAL A 336 -40.02 -0.36 23.93
C VAL A 336 -41.15 -1.31 24.35
N GLY A 337 -41.13 -1.72 25.61
CA GLY A 337 -42.16 -2.58 26.13
C GLY A 337 -41.49 -3.59 27.02
N ARG A 338 -42.16 -4.72 27.21
CA ARG A 338 -41.56 -5.81 27.94
C ARG A 338 -41.32 -6.98 26.96
N ARG A 339 -40.29 -7.77 27.20
CA ARG A 339 -39.97 -8.87 26.27
C ARG A 339 -40.01 -10.27 26.92
N LEU A 340 -40.73 -11.22 26.32
CA LEU A 340 -40.63 -12.62 26.80
C LEU A 340 -40.07 -13.53 25.77
N MET A 341 -39.88 -14.79 26.13
CA MET A 341 -39.31 -15.82 25.25
C MET A 341 -39.94 -17.09 25.67
N HIS A 342 -39.88 -18.07 24.82
CA HIS A 342 -40.60 -19.29 25.08
C HIS A 342 -40.04 -20.31 24.14
N ILE A 343 -39.54 -21.37 24.77
CA ILE A 343 -38.90 -22.47 24.05
C ILE A 343 -39.78 -23.64 24.30
N HIS A 344 -40.22 -24.31 23.26
CA HIS A 344 -41.20 -25.37 23.43
C HIS A 344 -41.01 -26.52 22.44
N GLU A 345 -41.59 -27.67 22.75
CA GLU A 345 -41.62 -28.70 21.75
C GLU A 345 -42.77 -28.30 20.84
N ASN A 346 -42.70 -28.68 19.57
CA ASN A 346 -43.75 -28.34 18.59
C ASN A 346 -45.13 -29.03 18.76
N ARG A 347 -45.67 -28.99 19.98
CA ARG A 347 -47.00 -29.53 20.26
C ARG A 347 -48.11 -28.75 19.53
N PRO A 348 -49.20 -29.45 19.14
CA PRO A 348 -50.29 -28.79 18.42
C PRO A 348 -50.92 -27.78 19.34
N GLY A 349 -51.07 -26.56 18.90
CA GLY A 349 -51.85 -25.64 19.72
C GLY A 349 -51.02 -24.77 20.63
N VAL A 350 -49.71 -24.86 20.51
CA VAL A 350 -48.83 -24.06 21.37
C VAL A 350 -48.96 -22.60 21.05
N LEU A 351 -48.93 -22.28 19.76
CA LEU A 351 -48.99 -20.90 19.31
C LEU A 351 -50.31 -20.30 19.64
N THR A 352 -51.32 -21.16 19.54
CA THR A 352 -52.70 -20.78 19.73
C THR A 352 -52.93 -20.60 21.23
N ALA A 353 -52.25 -21.36 22.09
CA ALA A 353 -52.31 -21.02 23.52
C ALA A 353 -51.57 -19.70 23.83
N LEU A 354 -50.42 -19.52 23.20
CA LEU A 354 -49.69 -18.26 23.26
C LEU A 354 -50.58 -17.01 23.03
N ASN A 355 -51.33 -16.87 21.92
CA ASN A 355 -52.05 -15.59 21.86
C ASN A 355 -53.31 -15.48 22.68
N LYS A 356 -53.96 -16.59 22.97
CA LYS A 356 -55.14 -16.50 23.81
C LYS A 356 -54.72 -15.94 25.18
N ILE A 357 -53.65 -16.48 25.76
CA ILE A 357 -53.08 -15.93 27.00
C ILE A 357 -52.93 -14.40 27.02
N PHE A 358 -52.58 -13.80 25.89
CA PHE A 358 -52.47 -12.35 25.82
C PHE A 358 -53.82 -11.73 25.56
N ALA A 359 -54.54 -12.28 24.57
CA ALA A 359 -55.92 -11.85 24.30
C ALA A 359 -56.65 -11.75 25.62
N GLU A 360 -56.54 -12.82 26.39
CA GLU A 360 -57.24 -13.01 27.65
C GLU A 360 -56.61 -12.16 28.77
N GLN A 361 -55.93 -11.09 28.37
CA GLN A 361 -55.43 -10.12 29.33
C GLN A 361 -55.33 -8.80 28.65
N GLY A 362 -56.04 -8.69 27.51
CA GLY A 362 -56.08 -7.46 26.72
C GLY A 362 -54.73 -6.81 26.49
N VAL A 363 -53.75 -7.62 26.07
CA VAL A 363 -52.36 -7.19 25.91
C VAL A 363 -51.95 -7.14 24.44
N ASN A 364 -51.52 -5.97 23.99
CA ASN A 364 -51.10 -5.81 22.61
C ASN A 364 -49.67 -6.35 22.36
N ILE A 365 -49.56 -7.23 21.37
CA ILE A 365 -48.25 -7.72 20.92
C ILE A 365 -47.66 -6.75 19.88
N ALA A 366 -46.69 -5.93 20.29
CA ALA A 366 -46.00 -5.11 19.31
C ALA A 366 -45.05 -5.86 18.35
N ALA A 367 -44.60 -7.07 18.71
CA ALA A 367 -43.59 -7.82 17.88
C ALA A 367 -43.45 -9.27 18.23
N GLN A 368 -43.32 -10.12 17.22
CA GLN A 368 -43.17 -11.56 17.48
C GLN A 368 -42.26 -12.34 16.51
N TYR A 369 -41.26 -13.00 17.08
CA TYR A 369 -40.38 -13.73 16.19
C TYR A 369 -40.31 -15.19 16.61
N LEU A 370 -40.79 -16.05 15.72
CA LEU A 370 -40.93 -17.48 15.98
C LEU A 370 -40.14 -18.26 14.99
N GLN A 371 -39.33 -19.19 15.47
CA GLN A 371 -38.54 -19.99 14.58
C GLN A 371 -38.49 -21.44 15.07
N THR A 372 -38.48 -22.38 14.15
CA THR A 372 -38.49 -23.79 14.55
C THR A 372 -37.44 -24.64 13.81
N SER A 373 -37.06 -25.76 14.41
CA SER A 373 -36.41 -26.86 13.70
C SER A 373 -37.14 -28.16 14.08
N ALA A 374 -37.06 -29.19 13.25
CA ALA A 374 -37.79 -30.45 13.53
C ALA A 374 -38.82 -30.36 14.69
N GLN A 375 -38.49 -30.84 15.87
CA GLN A 375 -39.52 -30.81 16.92
C GLN A 375 -39.44 -29.61 17.89
N MET A 376 -38.45 -28.74 17.69
CA MET A 376 -38.20 -27.58 18.55
C MET A 376 -38.70 -26.25 17.97
N GLY A 377 -38.95 -25.28 18.83
CA GLY A 377 -39.54 -24.00 18.44
C GLY A 377 -39.25 -22.94 19.49
N TYR A 378 -38.86 -21.76 19.03
CA TYR A 378 -38.36 -20.75 19.91
C TYR A 378 -39.07 -19.55 19.47
N VAL A 379 -39.65 -18.81 20.40
CA VAL A 379 -40.31 -17.63 19.92
C VAL A 379 -40.12 -16.55 20.94
N VAL A 380 -39.85 -15.34 20.46
CA VAL A 380 -39.64 -14.21 21.34
C VAL A 380 -40.69 -13.21 20.96
N ILE A 381 -41.30 -12.61 22.00
CA ILE A 381 -42.52 -11.81 21.91
C ILE A 381 -42.32 -10.54 22.69
N ASP A 382 -42.61 -9.41 22.05
CA ASP A 382 -42.46 -8.07 22.59
C ASP A 382 -43.89 -7.47 22.81
N ILE A 383 -44.15 -6.99 24.03
CA ILE A 383 -45.52 -6.66 24.45
C ILE A 383 -45.61 -5.29 25.12
N GLU A 384 -46.70 -4.57 24.92
CA GLU A 384 -46.91 -3.32 25.68
C GLU A 384 -47.63 -3.73 26.93
N ALA A 385 -47.05 -3.57 28.12
CA ALA A 385 -47.83 -3.95 29.29
C ALA A 385 -47.20 -3.71 30.63
N ASP A 386 -48.01 -3.87 31.66
CA ASP A 386 -47.53 -3.75 33.02
C ASP A 386 -46.60 -4.88 33.35
N GLU A 387 -45.97 -4.81 34.52
CA GLU A 387 -45.14 -5.91 34.98
C GLU A 387 -45.98 -7.02 35.53
N ASP A 388 -46.92 -6.66 36.37
CA ASP A 388 -47.70 -7.70 37.00
C ASP A 388 -48.35 -8.49 35.86
N VAL A 389 -48.86 -7.79 34.85
CA VAL A 389 -49.38 -8.45 33.67
C VAL A 389 -48.30 -9.26 32.93
N ALA A 390 -47.11 -8.70 32.79
CA ALA A 390 -46.03 -9.44 32.16
C ALA A 390 -45.65 -10.68 33.00
N GLU A 391 -45.70 -10.54 34.32
CA GLU A 391 -45.32 -11.63 35.19
C GLU A 391 -46.44 -12.64 35.18
N LYS A 392 -47.65 -12.16 35.10
CA LYS A 392 -48.76 -13.12 35.11
C LYS A 392 -48.72 -13.98 33.87
N ALA A 393 -48.45 -13.35 32.71
CA ALA A 393 -48.47 -14.02 31.41
C ALA A 393 -47.36 -15.05 31.42
N LEU A 394 -46.25 -14.68 32.00
CA LEU A 394 -45.15 -15.60 32.07
C LEU A 394 -45.64 -16.90 32.74
N GLN A 395 -46.25 -16.80 33.94
CA GLN A 395 -46.77 -17.99 34.66
C GLN A 395 -47.66 -18.85 33.78
N ALA A 396 -48.60 -18.19 33.13
CA ALA A 396 -49.50 -18.85 32.18
C ALA A 396 -48.77 -19.60 31.06
N MET A 397 -47.79 -18.91 30.45
CA MET A 397 -46.90 -19.47 29.41
C MET A 397 -46.17 -20.75 29.82
N LYS A 398 -45.65 -20.77 31.05
CA LYS A 398 -44.86 -21.89 31.55
C LYS A 398 -45.61 -23.21 31.69
N ALA A 399 -46.94 -23.12 31.70
CA ALA A 399 -47.82 -24.28 31.91
C ALA A 399 -48.34 -24.89 30.60
N ILE A 400 -48.05 -24.22 29.49
CA ILE A 400 -48.48 -24.69 28.19
C ILE A 400 -47.81 -26.02 27.88
N PRO A 401 -48.59 -27.09 27.65
CA PRO A 401 -47.95 -28.39 27.33
C PRO A 401 -46.99 -28.32 26.15
N GLY A 402 -45.75 -28.80 26.35
CA GLY A 402 -44.69 -28.73 25.32
C GLY A 402 -43.64 -27.71 25.70
N THR A 403 -43.97 -26.89 26.70
CA THR A 403 -43.08 -25.84 27.11
C THR A 403 -41.84 -26.47 27.71
N ILE A 404 -40.67 -26.25 27.07
CA ILE A 404 -39.37 -26.59 27.70
C ILE A 404 -38.92 -25.54 28.66
N ARG A 405 -38.98 -24.28 28.27
CA ARG A 405 -38.62 -23.21 29.20
C ARG A 405 -39.08 -21.82 28.68
N ALA A 406 -39.29 -20.90 29.60
CA ALA A 406 -39.69 -19.57 29.22
C ALA A 406 -39.29 -18.57 30.29
N ARG A 407 -39.00 -17.34 29.85
CA ARG A 407 -38.40 -16.36 30.72
C ARG A 407 -38.84 -14.94 30.37
N LEU A 408 -39.00 -14.08 31.37
CA LEU A 408 -39.33 -12.69 31.09
C LEU A 408 -38.03 -11.92 31.12
N LEU A 409 -37.50 -11.56 29.95
CA LEU A 409 -36.13 -10.97 29.83
C LEU A 409 -36.02 -9.50 30.17
N TYR A 410 -37.14 -8.80 30.21
CA TYR A 410 -37.13 -7.45 30.75
C TYR A 410 -38.48 -6.75 30.53
N GLU B 7 37.04 -9.15 -33.06
CA GLU B 7 37.98 -9.08 -31.89
C GLU B 7 37.31 -9.49 -30.58
N LYS B 8 36.11 -8.98 -30.30
CA LYS B 8 35.43 -9.24 -29.04
C LYS B 8 35.19 -10.73 -28.83
N ASP B 9 35.02 -11.46 -29.92
CA ASP B 9 34.69 -12.87 -29.74
C ASP B 9 35.92 -13.77 -29.76
N LYS B 10 37.11 -13.15 -29.74
CA LYS B 10 38.34 -13.87 -29.40
C LYS B 10 38.70 -13.61 -27.92
N ILE B 11 37.74 -13.01 -27.19
CA ILE B 11 37.98 -12.68 -25.78
C ILE B 11 37.18 -13.58 -24.86
N LYS B 12 37.90 -14.54 -24.28
CA LYS B 12 37.28 -15.68 -23.65
C LYS B 12 36.96 -15.43 -22.20
N PHE B 13 35.71 -15.66 -21.88
CA PHE B 13 35.25 -15.68 -20.55
C PHE B 13 35.21 -17.12 -20.10
N LEU B 14 35.87 -17.38 -18.98
CA LEU B 14 35.70 -18.67 -18.27
C LEU B 14 34.75 -18.51 -17.09
N LEU B 15 33.57 -19.11 -17.17
CA LEU B 15 32.61 -19.06 -16.06
C LEU B 15 32.47 -20.40 -15.34
N VAL B 16 32.84 -20.44 -14.07
CA VAL B 16 32.62 -21.65 -13.25
C VAL B 16 31.56 -21.56 -12.12
N GLU B 17 31.21 -22.72 -11.55
CA GLU B 17 30.26 -22.84 -10.39
C GLU B 17 28.83 -22.47 -10.69
N GLY B 18 28.45 -22.50 -11.94
CA GLY B 18 27.06 -22.43 -12.25
C GLY B 18 26.44 -21.07 -12.07
N VAL B 19 27.17 -20.00 -12.41
CA VAL B 19 26.57 -18.70 -12.30
C VAL B 19 25.22 -18.65 -13.04
N HIS B 20 24.42 -17.66 -12.70
CA HIS B 20 23.13 -17.62 -13.34
C HIS B 20 23.22 -17.26 -14.85
N GLN B 21 22.31 -17.85 -15.61
CA GLN B 21 22.18 -17.67 -17.06
C GLN B 21 22.25 -16.21 -17.48
N LYS B 22 21.52 -15.33 -16.81
CA LYS B 22 21.54 -13.91 -17.18
C LYS B 22 23.00 -13.37 -17.31
N ALA B 23 23.94 -13.85 -16.47
CA ALA B 23 25.34 -13.43 -16.69
C ALA B 23 25.66 -13.73 -18.13
N LEU B 24 25.40 -14.95 -18.56
CA LEU B 24 25.71 -15.33 -19.92
C LEU B 24 24.95 -14.50 -20.94
N GLU B 25 23.68 -14.22 -20.69
CA GLU B 25 22.94 -13.31 -21.57
C GLU B 25 23.57 -11.96 -21.71
N SER B 26 24.14 -11.42 -20.63
CA SER B 26 24.62 -10.03 -20.69
C SER B 26 25.87 -9.98 -21.48
N LEU B 27 26.74 -10.94 -21.20
CA LEU B 27 27.96 -11.16 -21.97
C LEU B 27 27.65 -11.16 -23.42
N ARG B 28 26.86 -12.13 -23.85
CA ARG B 28 26.51 -12.19 -25.26
C ARG B 28 25.89 -10.91 -25.81
N ALA B 29 25.14 -10.15 -25.05
CA ALA B 29 24.48 -8.98 -25.71
C ALA B 29 25.42 -7.79 -25.86
N ALA B 30 26.33 -7.64 -24.89
CA ALA B 30 27.53 -6.79 -24.99
C ALA B 30 28.52 -7.17 -26.13
N GLY B 31 28.26 -8.29 -26.82
CA GLY B 31 29.18 -8.79 -27.85
C GLY B 31 30.21 -9.86 -27.45
N TYR B 32 30.27 -10.25 -26.18
CA TYR B 32 31.28 -11.23 -25.77
C TYR B 32 30.63 -12.60 -25.82
N THR B 33 30.83 -13.27 -26.96
CA THR B 33 30.16 -14.51 -27.20
C THR B 33 31.07 -15.72 -26.98
N ASN B 34 32.32 -15.49 -26.58
CA ASN B 34 33.23 -16.62 -26.35
C ASN B 34 33.30 -17.01 -24.92
N ILE B 35 32.52 -18.01 -24.56
CA ILE B 35 32.20 -18.28 -23.16
C ILE B 35 32.32 -19.77 -22.84
N GLU B 36 33.38 -20.17 -22.14
CA GLU B 36 33.47 -21.55 -21.63
C GLU B 36 32.83 -21.60 -20.25
N PHE B 37 31.69 -22.29 -20.15
CA PHE B 37 30.90 -22.29 -18.93
C PHE B 37 30.84 -23.62 -18.23
N HIS B 38 31.00 -23.59 -16.90
CA HIS B 38 31.01 -24.82 -16.11
C HIS B 38 29.96 -24.88 -15.02
N LYS B 39 29.34 -26.05 -14.88
CA LYS B 39 28.35 -26.19 -13.83
C LYS B 39 29.00 -26.17 -12.44
N GLY B 40 29.99 -27.04 -12.20
CA GLY B 40 30.56 -27.11 -10.87
C GLY B 40 31.86 -26.35 -10.78
N ALA B 41 32.64 -26.64 -9.75
CA ALA B 41 34.00 -26.13 -9.72
C ALA B 41 34.90 -27.15 -10.41
N LEU B 42 36.05 -26.68 -10.88
CA LEU B 42 37.02 -27.50 -11.58
C LEU B 42 38.14 -27.99 -10.64
N ASP B 43 38.68 -29.18 -10.92
CA ASP B 43 39.83 -29.66 -10.16
C ASP B 43 41.10 -28.81 -10.49
N ASP B 44 42.21 -29.05 -9.82
CA ASP B 44 43.38 -28.22 -10.09
C ASP B 44 43.89 -28.29 -11.50
N GLU B 45 44.07 -29.50 -11.99
CA GLU B 45 44.56 -29.66 -13.33
C GLU B 45 43.64 -29.14 -14.43
N GLN B 46 42.33 -29.16 -14.23
CA GLN B 46 41.45 -28.57 -15.26
C GLN B 46 41.37 -27.04 -15.14
N LEU B 47 41.22 -26.54 -13.94
CA LEU B 47 41.31 -25.11 -13.74
C LEU B 47 42.48 -24.51 -14.52
N LYS B 48 43.71 -24.92 -14.26
CA LYS B 48 44.85 -24.35 -15.02
C LYS B 48 44.74 -24.54 -16.54
N GLU B 49 44.17 -25.65 -16.99
CA GLU B 49 43.89 -25.85 -18.40
C GLU B 49 42.94 -24.77 -18.95
N SER B 50 41.79 -24.58 -18.34
CA SER B 50 40.80 -23.62 -18.82
C SER B 50 41.21 -22.15 -18.60
N ILE B 51 42.04 -21.87 -17.61
CA ILE B 51 42.29 -20.46 -17.34
C ILE B 51 43.54 -19.93 -18.03
N ARG B 52 44.31 -20.86 -18.62
CA ARG B 52 45.59 -20.55 -19.27
C ARG B 52 45.42 -19.44 -20.28
N ASP B 53 44.25 -19.37 -20.89
CA ASP B 53 44.03 -18.42 -21.94
C ASP B 53 42.71 -17.64 -21.81
N ALA B 54 42.15 -17.61 -20.60
CA ALA B 54 40.95 -16.81 -20.35
C ALA B 54 41.34 -15.37 -20.10
N HIS B 55 40.67 -14.47 -20.80
CA HIS B 55 40.81 -13.04 -20.52
C HIS B 55 40.05 -12.68 -19.25
N PHE B 56 38.90 -13.32 -19.06
CA PHE B 56 38.09 -13.03 -17.87
C PHE B 56 37.75 -14.33 -17.17
N ILE B 57 37.55 -14.25 -15.86
CA ILE B 57 36.93 -15.37 -15.17
C ILE B 57 35.87 -14.88 -14.20
N GLY B 58 34.70 -15.52 -14.27
CA GLY B 58 33.68 -15.48 -13.20
C GLY B 58 33.67 -16.81 -12.44
N LEU B 59 33.81 -16.72 -11.12
CA LEU B 59 33.88 -17.88 -10.22
C LEU B 59 32.91 -17.63 -9.09
N ARG B 60 32.71 -18.57 -8.18
CA ARG B 60 32.08 -18.14 -6.90
C ARG B 60 32.77 -18.62 -5.59
N SER B 61 32.00 -18.92 -4.55
CA SER B 61 32.59 -19.24 -3.24
C SER B 61 33.76 -20.18 -3.33
N ARG B 62 33.61 -21.27 -4.07
CA ARG B 62 34.52 -22.40 -3.90
C ARG B 62 35.83 -22.38 -4.65
N THR B 63 35.92 -21.71 -5.78
CA THR B 63 37.12 -21.79 -6.62
C THR B 63 38.14 -20.91 -5.98
N HIS B 64 39.37 -21.39 -5.85
CA HIS B 64 40.40 -20.62 -5.19
C HIS B 64 41.32 -20.05 -6.20
N LEU B 65 41.34 -18.73 -6.37
CA LEU B 65 42.41 -18.16 -7.18
C LEU B 65 43.60 -17.73 -6.32
N THR B 66 44.46 -18.69 -6.08
CA THR B 66 45.69 -18.47 -5.34
C THR B 66 46.73 -17.77 -6.23
N GLU B 67 47.75 -17.18 -5.59
CA GLU B 67 48.85 -16.53 -6.33
C GLU B 67 49.29 -17.32 -7.53
N ASP B 68 49.57 -18.59 -7.30
CA ASP B 68 50.15 -19.47 -8.28
C ASP B 68 49.17 -19.62 -9.45
N VAL B 69 47.90 -19.78 -9.14
CA VAL B 69 46.92 -19.95 -10.17
C VAL B 69 46.83 -18.68 -10.99
N ILE B 70 46.60 -17.55 -10.32
CA ILE B 70 46.55 -16.27 -11.02
C ILE B 70 47.77 -16.06 -11.89
N ASN B 71 48.94 -16.29 -11.32
CA ASN B 71 50.18 -15.99 -12.05
C ASN B 71 50.53 -16.87 -13.27
N ALA B 72 50.02 -18.11 -13.29
CA ALA B 72 50.04 -18.92 -14.52
C ALA B 72 48.99 -18.46 -15.52
N ALA B 73 47.95 -17.77 -15.08
CA ALA B 73 46.95 -17.31 -16.02
C ALA B 73 47.58 -16.21 -16.84
N GLU B 74 48.03 -16.57 -18.04
CA GLU B 74 48.80 -15.67 -18.91
C GLU B 74 48.05 -14.45 -19.42
N LYS B 75 46.77 -14.60 -19.70
CA LYS B 75 46.03 -13.60 -20.45
C LYS B 75 44.93 -12.89 -19.64
N LEU B 76 45.00 -12.94 -18.30
CA LEU B 76 43.85 -12.66 -17.48
C LEU B 76 43.70 -11.21 -17.27
N VAL B 77 42.54 -10.68 -17.68
CA VAL B 77 42.33 -9.23 -17.67
C VAL B 77 41.66 -8.74 -16.39
N ALA B 78 40.55 -9.36 -16.00
CA ALA B 78 39.95 -9.13 -14.68
C ALA B 78 39.21 -10.37 -14.16
N ILE B 79 38.80 -10.30 -12.89
CA ILE B 79 38.28 -11.46 -12.22
C ILE B 79 36.98 -11.00 -11.66
N GLY B 80 35.98 -11.87 -11.75
CA GLY B 80 34.61 -11.55 -11.33
C GLY B 80 34.07 -12.52 -10.30
N ALA B 81 33.99 -12.08 -9.02
CA ALA B 81 33.35 -12.91 -7.99
C ALA B 81 31.86 -12.68 -8.03
N PHE B 82 31.17 -13.68 -8.60
CA PHE B 82 29.70 -13.76 -8.71
C PHE B 82 29.15 -14.27 -7.36
N ALA B 83 29.22 -13.38 -6.39
CA ALA B 83 29.13 -13.77 -5.02
C ALA B 83 29.41 -12.52 -4.21
N ILE B 84 29.34 -12.62 -2.89
CA ILE B 84 29.64 -11.47 -2.05
C ILE B 84 31.07 -11.51 -1.62
N GLY B 85 31.51 -12.68 -1.15
CA GLY B 85 32.84 -12.82 -0.57
C GLY B 85 33.90 -12.69 -1.63
N THR B 86 35.10 -12.22 -1.31
CA THR B 86 36.19 -12.32 -2.26
C THR B 86 37.34 -13.01 -1.63
N ASN B 87 37.07 -13.73 -0.54
CA ASN B 87 38.14 -14.30 0.27
C ASN B 87 38.71 -15.60 -0.24
N GLN B 88 38.25 -15.98 -1.41
CA GLN B 88 38.73 -17.15 -2.12
C GLN B 88 39.70 -16.70 -3.25
N VAL B 89 39.85 -15.36 -3.39
CA VAL B 89 40.75 -14.78 -4.38
C VAL B 89 41.93 -14.10 -3.75
N ASP B 90 43.14 -14.33 -4.29
CA ASP B 90 44.29 -13.55 -3.87
C ASP B 90 44.26 -12.11 -4.37
N LEU B 91 43.49 -11.28 -3.68
CA LEU B 91 43.19 -9.95 -4.16
C LEU B 91 44.47 -9.19 -4.35
N ASP B 92 45.50 -9.60 -3.66
CA ASP B 92 46.70 -8.81 -3.80
C ASP B 92 47.69 -9.41 -4.77
N ALA B 93 47.67 -10.72 -4.95
CA ALA B 93 48.39 -11.29 -6.08
C ALA B 93 47.86 -10.66 -7.36
N ALA B 94 46.54 -10.64 -7.47
CA ALA B 94 45.87 -10.08 -8.62
C ALA B 94 46.20 -8.63 -8.84
N ALA B 95 46.44 -7.87 -7.77
CA ALA B 95 46.68 -6.47 -8.06
C ALA B 95 48.09 -6.29 -8.60
N LYS B 96 48.98 -7.19 -8.26
CA LYS B 96 50.33 -6.98 -8.72
C LYS B 96 50.44 -7.21 -10.21
N ARG B 97 49.65 -8.14 -10.75
CA ARG B 97 49.59 -8.32 -12.20
C ARG B 97 48.59 -7.31 -12.85
N GLY B 98 48.03 -6.39 -12.07
CA GLY B 98 47.08 -5.39 -12.62
C GLY B 98 45.73 -5.94 -13.12
N ILE B 99 45.13 -6.80 -12.32
CA ILE B 99 43.87 -7.43 -12.64
C ILE B 99 42.90 -7.03 -11.53
N PRO B 100 41.84 -6.27 -11.87
CA PRO B 100 40.97 -5.93 -10.77
C PRO B 100 40.01 -7.06 -10.49
N VAL B 101 39.41 -7.04 -9.30
CA VAL B 101 38.44 -8.03 -8.82
C VAL B 101 37.14 -7.32 -8.48
N PHE B 102 36.03 -7.81 -9.01
CA PHE B 102 34.70 -7.25 -8.78
C PHE B 102 33.87 -8.28 -8.07
N ASN B 103 32.68 -7.90 -7.61
CA ASN B 103 31.89 -8.86 -6.87
C ASN B 103 30.51 -8.29 -6.81
N ALA B 104 29.58 -8.90 -6.07
CA ALA B 104 28.26 -8.25 -5.88
C ALA B 104 27.77 -8.12 -4.42
N PRO B 105 28.06 -6.98 -3.76
CA PRO B 105 27.83 -6.88 -2.31
C PRO B 105 26.39 -6.66 -1.84
N PHE B 106 25.52 -6.16 -2.71
CA PHE B 106 24.15 -5.68 -2.35
C PHE B 106 23.07 -6.31 -3.25
N SER B 107 23.28 -7.55 -3.63
CA SER B 107 22.34 -8.14 -4.58
C SER B 107 21.35 -9.12 -3.94
N ASN B 108 21.58 -9.42 -2.67
CA ASN B 108 20.88 -10.42 -1.91
C ASN B 108 19.74 -9.77 -1.13
N THR B 109 19.64 -8.46 -1.22
CA THR B 109 18.77 -7.75 -0.32
C THR B 109 17.35 -8.37 -0.18
N ARG B 110 16.48 -8.29 -1.18
CA ARG B 110 15.17 -8.89 -0.95
C ARG B 110 15.21 -10.32 -0.29
N SER B 111 16.19 -11.17 -0.62
CA SER B 111 16.27 -12.54 -0.08
C SER B 111 16.45 -12.62 1.39
N VAL B 112 17.40 -11.85 1.93
CA VAL B 112 17.59 -11.81 3.37
C VAL B 112 16.36 -11.22 4.07
N ALA B 113 15.95 -10.01 3.70
CA ALA B 113 14.71 -9.42 4.20
C ALA B 113 13.61 -10.48 4.30
N GLU B 114 13.18 -11.03 3.15
CA GLU B 114 12.20 -12.14 3.12
C GLU B 114 12.49 -13.30 4.13
N LEU B 115 13.73 -13.78 4.17
CA LEU B 115 14.03 -14.86 5.07
C LEU B 115 13.61 -14.45 6.47
N VAL B 116 14.03 -13.25 6.84
CA VAL B 116 13.76 -12.74 8.20
C VAL B 116 12.27 -12.69 8.50
N ILE B 117 11.50 -12.07 7.63
CA ILE B 117 10.07 -11.99 7.82
C ILE B 117 9.49 -13.38 7.99
N GLY B 118 9.80 -14.24 7.04
CA GLY B 118 9.37 -15.62 7.15
C GLY B 118 9.80 -16.19 8.49
N GLU B 119 11.03 -15.91 8.86
CA GLU B 119 11.54 -16.52 10.07
C GLU B 119 10.80 -16.07 11.33
N LEU B 120 10.47 -14.78 11.40
CA LEU B 120 9.86 -14.22 12.59
C LEU B 120 8.40 -14.67 12.67
N LEU B 121 7.60 -14.43 11.64
CA LEU B 121 6.32 -15.08 11.60
C LEU B 121 6.39 -16.45 12.32
N LEU B 122 7.33 -17.32 11.99
CA LEU B 122 7.21 -18.67 12.53
C LEU B 122 7.62 -18.76 13.97
N LEU B 123 8.56 -17.91 14.31
CA LEU B 123 9.11 -17.93 15.65
C LEU B 123 8.03 -17.43 16.61
N LEU B 124 7.50 -16.24 16.38
CA LEU B 124 6.42 -15.72 17.18
C LEU B 124 5.28 -16.76 17.48
N ARG B 125 5.17 -17.76 16.62
CA ARG B 125 4.13 -18.78 16.73
C ARG B 125 4.65 -20.04 17.38
N GLY B 126 5.95 -20.19 17.53
CA GLY B 126 6.43 -21.42 18.13
C GLY B 126 6.37 -22.54 17.13
N VAL B 127 6.23 -22.19 15.86
CA VAL B 127 6.17 -23.21 14.78
C VAL B 127 7.44 -24.09 14.66
N PRO B 128 8.63 -23.48 14.77
CA PRO B 128 9.85 -24.31 14.75
C PRO B 128 9.82 -25.35 15.81
N GLU B 129 9.59 -24.95 17.05
CA GLU B 129 9.44 -25.95 18.10
C GLU B 129 8.36 -27.01 17.87
N ALA B 130 7.14 -26.58 17.53
CA ALA B 130 6.04 -27.53 17.26
C ALA B 130 6.36 -28.54 16.17
N ASN B 131 7.11 -28.10 15.17
CA ASN B 131 7.43 -28.96 14.06
C ASN B 131 8.47 -30.02 14.42
N ALA B 132 9.44 -29.64 15.23
CA ALA B 132 10.44 -30.58 15.66
C ALA B 132 9.83 -31.75 16.48
N LYS B 133 9.05 -31.38 17.50
CA LYS B 133 8.22 -32.37 18.19
C LYS B 133 7.32 -33.15 17.20
N ALA B 134 6.59 -32.44 16.33
CA ALA B 134 5.70 -33.17 15.46
C ALA B 134 6.47 -34.27 14.82
N HIS B 135 7.68 -33.97 14.34
CA HIS B 135 8.38 -35.00 13.57
C HIS B 135 8.75 -36.19 14.44
N ARG B 136 8.95 -35.98 15.73
CA ARG B 136 9.19 -37.13 16.59
C ARG B 136 7.97 -37.56 17.43
N GLY B 137 6.78 -37.15 17.01
CA GLY B 137 5.62 -37.87 17.45
C GLY B 137 5.07 -37.19 18.66
N VAL B 138 5.45 -35.94 18.87
CA VAL B 138 4.97 -35.18 20.02
C VAL B 138 4.12 -34.03 19.52
N TRP B 139 2.90 -33.98 20.05
CA TRP B 139 1.90 -33.02 19.66
C TRP B 139 1.81 -31.95 20.76
N ASN B 140 1.75 -30.69 20.38
CA ASN B 140 1.92 -29.62 21.35
C ASN B 140 1.01 -28.43 21.04
N LYS B 141 -0.30 -28.65 20.93
CA LYS B 141 -1.16 -27.55 20.52
C LYS B 141 -1.46 -26.61 21.68
N LEU B 142 -0.96 -25.40 21.59
CA LEU B 142 -1.22 -24.52 22.68
C LEU B 142 -1.21 -23.16 22.06
N ALA B 143 -1.76 -22.18 22.76
CA ALA B 143 -1.84 -20.87 22.19
C ALA B 143 -1.10 -19.90 23.08
N ALA B 144 -1.00 -20.26 24.35
CA ALA B 144 -0.06 -19.62 25.30
C ALA B 144 1.35 -19.39 24.69
N GLY B 145 1.81 -18.15 24.66
CA GLY B 145 3.13 -17.83 24.13
C GLY B 145 3.05 -17.30 22.71
N SER B 146 1.99 -17.68 21.98
CA SER B 146 1.98 -17.42 20.55
C SER B 146 1.32 -16.15 20.10
N PHE B 147 1.86 -15.54 19.05
CA PHE B 147 1.38 -14.27 18.60
C PHE B 147 1.40 -14.14 17.11
N GLU B 148 0.51 -13.29 16.64
CA GLU B 148 0.52 -12.72 15.32
C GLU B 148 1.55 -11.58 15.32
N ALA B 149 2.10 -11.31 14.15
CA ALA B 149 3.11 -10.30 14.06
C ALA B 149 2.44 -8.96 13.91
N ARG B 150 1.22 -8.98 13.38
CA ARG B 150 0.53 -7.72 13.23
C ARG B 150 0.52 -7.05 14.59
N GLY B 151 1.04 -5.81 14.61
CA GLY B 151 1.06 -4.99 15.81
C GLY B 151 2.23 -5.24 16.74
N LYS B 152 3.14 -6.09 16.33
CA LYS B 152 4.32 -6.25 17.12
C LYS B 152 5.37 -5.21 16.71
N LYS B 153 6.28 -4.97 17.64
CA LYS B 153 7.37 -4.05 17.44
C LYS B 153 8.60 -4.83 16.92
N LEU B 154 9.00 -4.46 15.72
CA LEU B 154 10.27 -4.98 15.16
C LEU B 154 11.41 -3.96 15.29
N GLY B 155 12.48 -4.36 15.99
CA GLY B 155 13.69 -3.52 16.12
C GLY B 155 14.85 -4.03 15.28
N ILE B 156 15.17 -3.28 14.24
CA ILE B 156 16.23 -3.60 13.29
C ILE B 156 17.53 -2.91 13.76
N ILE B 157 18.59 -3.67 13.99
CA ILE B 157 19.87 -3.06 14.32
C ILE B 157 20.71 -3.20 13.11
N GLY B 158 20.84 -2.11 12.37
CA GLY B 158 21.53 -2.10 11.08
C GLY B 158 20.51 -1.69 10.04
N TYR B 159 20.47 -0.42 9.71
CA TYR B 159 19.43 0.08 8.81
C TYR B 159 20.10 0.40 7.49
N GLY B 160 20.83 -0.59 6.95
CA GLY B 160 21.55 -0.47 5.68
C GLY B 160 20.66 -0.83 4.51
N HIS B 161 21.24 -1.53 3.53
CA HIS B 161 20.51 -1.94 2.31
C HIS B 161 19.40 -2.90 2.71
N ILE B 162 19.70 -3.76 3.69
CA ILE B 162 18.77 -4.80 4.15
C ILE B 162 17.73 -4.39 5.24
N GLY B 163 18.18 -3.71 6.29
CA GLY B 163 17.21 -3.18 7.27
C GLY B 163 16.14 -2.39 6.54
N THR B 164 16.56 -1.49 5.66
CA THR B 164 15.61 -0.73 4.89
C THR B 164 14.52 -1.64 4.37
N GLN B 165 14.88 -2.54 3.45
CA GLN B 165 13.91 -3.45 2.82
C GLN B 165 13.20 -4.37 3.82
N LEU B 166 13.90 -4.85 4.84
CA LEU B 166 13.26 -5.62 5.91
C LEU B 166 12.10 -4.77 6.42
N GLY B 167 12.42 -3.60 6.96
CA GLY B 167 11.40 -2.68 7.38
C GLY B 167 10.22 -2.63 6.43
N ILE B 168 10.46 -2.31 5.17
CA ILE B 168 9.31 -2.10 4.29
C ILE B 168 8.36 -3.30 4.34
N LEU B 169 8.92 -4.51 4.37
CA LEU B 169 8.09 -5.67 4.45
C LEU B 169 7.42 -5.70 5.81
N ALA B 170 8.17 -5.37 6.86
CA ALA B 170 7.63 -5.60 8.20
C ALA B 170 6.41 -4.72 8.32
N GLU B 171 6.47 -3.62 7.59
CA GLU B 171 5.41 -2.65 7.69
C GLU B 171 4.27 -3.10 6.81
N SER B 172 4.61 -3.80 5.72
CA SER B 172 3.57 -4.36 4.86
C SER B 172 2.67 -5.28 5.64
N LEU B 173 3.26 -6.08 6.49
CA LEU B 173 2.54 -6.94 7.41
C LEU B 173 1.95 -6.26 8.65
N GLY B 174 1.97 -4.93 8.71
CA GLY B 174 1.47 -4.21 9.88
C GLY B 174 2.22 -4.34 11.20
N MET B 175 3.54 -4.56 11.13
CA MET B 175 4.42 -4.53 12.33
C MET B 175 4.91 -3.12 12.57
N TYR B 176 5.27 -2.83 13.82
CA TYR B 176 5.73 -1.48 14.15
C TYR B 176 7.24 -1.47 14.02
N VAL B 177 7.78 -0.52 13.25
CA VAL B 177 9.20 -0.55 12.89
C VAL B 177 10.11 0.55 13.47
N TYR B 178 10.97 0.11 14.36
CA TYR B 178 11.98 0.93 15.05
C TYR B 178 13.41 0.47 14.64
N PHE B 179 14.37 1.40 14.63
CA PHE B 179 15.74 1.02 14.29
C PHE B 179 16.88 1.82 14.87
N TYR B 180 18.00 1.12 15.00
CA TYR B 180 19.24 1.69 15.49
C TYR B 180 20.36 1.53 14.50
N ASP B 181 20.92 2.67 14.09
CA ASP B 181 22.15 2.69 13.28
C ASP B 181 23.09 3.81 13.78
N ILE B 182 24.37 3.52 13.93
CA ILE B 182 25.35 4.48 14.46
C ILE B 182 25.44 5.76 13.63
N GLU B 183 24.48 5.96 12.76
CA GLU B 183 24.43 7.09 11.86
C GLU B 183 22.95 7.55 11.74
N ASN B 184 22.71 8.80 11.33
CA ASN B 184 21.32 9.36 11.27
C ASN B 184 20.61 8.99 9.95
N LYS B 185 19.70 8.01 9.98
CA LYS B 185 19.16 7.51 8.74
C LYS B 185 17.77 8.06 8.42
N LEU B 186 17.59 8.53 7.20
CA LEU B 186 16.27 8.97 6.75
C LEU B 186 15.27 7.81 6.65
N PRO B 187 14.22 7.82 7.51
CA PRO B 187 13.17 6.79 7.51
C PRO B 187 12.34 6.61 6.22
N LEU B 188 12.09 5.33 5.92
CA LEU B 188 11.15 5.02 4.87
C LEU B 188 9.83 4.66 5.53
N GLY B 189 8.74 4.81 4.78
CA GLY B 189 7.43 4.68 5.37
C GLY B 189 7.49 5.32 6.75
N ASN B 190 7.17 4.55 7.78
CA ASN B 190 6.96 5.10 9.11
C ASN B 190 7.92 4.44 10.05
N ALA B 191 9.09 4.16 9.53
CA ALA B 191 10.06 3.54 10.38
C ALA B 191 10.47 4.61 11.36
N THR B 192 10.94 4.21 12.52
CA THR B 192 11.33 5.19 13.51
C THR B 192 12.74 4.92 14.03
N GLN B 193 13.63 5.93 14.00
CA GLN B 193 15.02 5.74 14.49
C GLN B 193 15.12 5.91 16.01
N VAL B 194 15.55 4.87 16.72
CA VAL B 194 15.81 5.02 18.13
C VAL B 194 17.28 5.41 18.30
N GLN B 195 17.59 6.45 19.08
CA GLN B 195 18.98 6.93 19.17
C GLN B 195 19.84 6.02 20.03
N HIS B 196 19.28 5.50 21.11
CA HIS B 196 20.02 4.61 21.95
C HIS B 196 19.65 3.14 21.70
N LEU B 197 20.64 2.26 21.78
CA LEU B 197 20.43 0.85 21.46
C LEU B 197 19.65 0.14 22.53
N SER B 198 19.81 0.58 23.78
CA SER B 198 19.19 -0.11 24.91
C SER B 198 17.70 0.17 24.94
N ASP B 199 17.28 1.25 24.27
CA ASP B 199 15.87 1.50 24.13
C ASP B 199 15.36 0.43 23.18
N LEU B 200 15.86 0.45 21.94
CA LEU B 200 15.47 -0.46 20.87
C LEU B 200 15.34 -1.87 21.37
N LEU B 201 16.33 -2.33 22.13
CA LEU B 201 16.27 -3.68 22.66
C LEU B 201 15.02 -3.89 23.53
N ASN B 202 14.76 -2.92 24.41
CA ASN B 202 13.66 -3.00 25.38
C ASN B 202 12.32 -2.97 24.69
N MET B 203 12.19 -2.17 23.63
CA MET B 203 10.87 -1.97 23.06
C MET B 203 10.49 -3.14 22.15
N SER B 204 11.50 -3.82 21.64
CA SER B 204 11.29 -4.68 20.51
C SER B 204 10.85 -6.15 20.79
N ASP B 205 9.77 -6.54 20.11
CA ASP B 205 9.22 -7.88 20.14
C ASP B 205 10.11 -8.85 19.37
N VAL B 206 10.70 -8.34 18.30
CA VAL B 206 11.73 -9.08 17.61
C VAL B 206 12.86 -8.12 17.24
N VAL B 207 14.09 -8.64 17.39
CA VAL B 207 15.30 -7.91 17.09
C VAL B 207 15.97 -8.53 15.90
N SER B 208 16.38 -7.73 14.91
CA SER B 208 17.11 -8.28 13.74
C SER B 208 18.46 -7.54 13.46
N LEU B 209 19.53 -8.27 13.20
CA LEU B 209 20.79 -7.60 12.87
C LEU B 209 21.14 -7.55 11.39
N HIS B 210 21.53 -6.36 10.93
CA HIS B 210 21.92 -6.17 9.55
C HIS B 210 23.18 -5.30 9.35
N VAL B 211 24.28 -5.79 9.95
CA VAL B 211 25.47 -4.97 10.18
C VAL B 211 26.68 -5.64 9.57
N PRO B 212 27.69 -4.82 9.27
CA PRO B 212 28.97 -5.18 8.66
C PRO B 212 29.86 -5.88 9.66
N GLU B 213 30.92 -6.55 9.22
CA GLU B 213 31.78 -7.31 10.14
C GLU B 213 32.93 -6.48 10.69
N ASN B 214 32.67 -5.35 11.34
CA ASN B 214 33.80 -4.53 11.79
C ASN B 214 34.06 -4.62 13.28
N PRO B 215 34.88 -3.71 13.82
CA PRO B 215 35.15 -3.78 15.27
C PRO B 215 34.08 -3.09 16.15
N SER B 216 33.16 -2.33 15.55
CA SER B 216 31.97 -1.90 16.30
C SER B 216 30.97 -3.06 16.49
N THR B 217 31.15 -4.11 15.69
CA THR B 217 30.18 -5.21 15.62
C THR B 217 30.64 -6.55 16.20
N LYS B 218 31.92 -6.71 16.47
CA LYS B 218 32.32 -7.97 17.06
C LYS B 218 31.63 -8.14 18.42
N ASN B 219 30.61 -8.99 18.42
CA ASN B 219 29.99 -9.42 19.66
C ASN B 219 29.10 -8.37 20.22
N MET B 220 28.65 -7.54 19.29
CA MET B 220 27.86 -6.42 19.66
C MET B 220 26.64 -6.83 20.51
N MET B 221 26.37 -8.14 20.57
CA MET B 221 25.27 -8.72 21.34
C MET B 221 25.74 -9.75 22.36
N GLY B 222 25.99 -9.29 23.59
CA GLY B 222 26.44 -10.18 24.64
C GLY B 222 25.39 -10.40 25.72
N ALA B 223 25.72 -11.27 26.69
CA ALA B 223 24.91 -11.42 27.90
C ALA B 223 24.19 -10.10 28.16
N LYS B 224 24.98 -9.04 28.34
CA LYS B 224 24.47 -7.69 28.55
C LYS B 224 23.30 -7.42 27.63
N GLU B 225 23.62 -6.98 26.42
CA GLU B 225 22.64 -6.57 25.41
C GLU B 225 21.40 -7.50 25.33
N ILE B 226 21.60 -8.79 25.51
CA ILE B 226 20.49 -9.71 25.36
C ILE B 226 19.55 -9.67 26.54
N SER B 227 20.09 -9.45 27.73
CA SER B 227 19.24 -9.39 28.89
C SER B 227 18.49 -8.08 28.84
N LEU B 228 19.04 -7.10 28.13
CA LEU B 228 18.29 -5.89 27.84
C LEU B 228 17.01 -6.15 27.04
N MET B 229 16.99 -7.24 26.27
CA MET B 229 15.85 -7.54 25.37
C MET B 229 14.60 -8.00 26.19
N LYS B 230 13.41 -7.71 25.61
CA LYS B 230 12.10 -7.92 26.21
C LYS B 230 11.93 -9.40 26.57
N PRO B 231 11.45 -9.70 27.79
CA PRO B 231 11.28 -11.13 28.04
C PRO B 231 10.25 -11.70 27.04
N GLY B 232 10.51 -12.93 26.60
CA GLY B 232 9.74 -13.58 25.56
C GLY B 232 10.13 -13.19 24.14
N SER B 233 11.18 -12.41 23.98
CA SER B 233 11.42 -11.85 22.65
C SER B 233 12.15 -12.82 21.71
N LEU B 234 12.43 -12.33 20.50
CA LEU B 234 13.10 -13.15 19.51
C LEU B 234 14.31 -12.48 18.89
N LEU B 235 15.37 -13.28 18.74
CA LEU B 235 16.64 -12.78 18.16
C LEU B 235 16.91 -13.38 16.80
N ILE B 236 17.06 -12.51 15.81
CA ILE B 236 17.37 -12.99 14.49
C ILE B 236 18.74 -12.51 14.06
N ASN B 237 19.67 -13.42 13.78
CA ASN B 237 20.91 -13.00 13.08
C ASN B 237 21.19 -13.58 11.70
N ALA B 238 21.02 -12.79 10.65
CA ALA B 238 21.62 -13.25 9.37
C ALA B 238 22.50 -12.19 8.70
N SER B 239 23.34 -11.53 9.48
CA SER B 239 24.28 -10.61 8.86
C SER B 239 25.65 -11.23 8.80
N ARG B 240 26.36 -11.29 9.94
CA ARG B 240 27.73 -11.79 10.01
C ARG B 240 27.86 -12.78 11.18
N GLY B 241 28.73 -13.80 11.04
CA GLY B 241 28.92 -14.80 12.08
C GLY B 241 29.54 -14.38 13.41
N THR B 242 30.12 -13.18 13.47
CA THR B 242 30.88 -12.76 14.67
C THR B 242 30.09 -11.80 15.53
N VAL B 243 28.90 -11.44 15.07
CA VAL B 243 28.15 -10.37 15.68
C VAL B 243 27.52 -10.79 17.01
N VAL B 244 27.30 -12.09 17.18
CA VAL B 244 26.55 -12.62 18.34
C VAL B 244 27.28 -13.70 19.16
N ASP B 245 27.22 -13.56 20.47
CA ASP B 245 27.94 -14.45 21.37
C ASP B 245 27.05 -15.68 21.69
N ILE B 246 27.18 -16.69 20.83
CA ILE B 246 26.32 -17.88 20.86
C ILE B 246 26.01 -18.39 22.29
N PRO B 247 27.05 -18.74 23.07
CA PRO B 247 26.73 -19.27 24.41
C PRO B 247 25.92 -18.30 25.27
N ALA B 248 26.15 -16.99 25.14
CA ALA B 248 25.28 -16.03 25.83
C ALA B 248 23.82 -16.30 25.46
N LEU B 249 23.49 -16.18 24.18
CA LEU B 249 22.14 -16.50 23.72
C LEU B 249 21.66 -17.92 24.10
N ALA B 250 22.53 -18.92 24.02
CA ALA B 250 22.17 -20.25 24.57
C ALA B 250 21.71 -20.11 26.03
N ASP B 251 22.46 -19.36 26.82
CA ASP B 251 22.09 -19.07 28.19
C ASP B 251 20.67 -18.56 28.29
N ALA B 252 20.45 -17.45 27.57
CA ALA B 252 19.22 -16.67 27.67
C ALA B 252 18.01 -17.46 27.15
N LEU B 253 18.28 -18.38 26.22
CA LEU B 253 17.32 -19.35 25.74
C LEU B 253 16.94 -20.45 26.72
N ALA B 254 17.84 -20.90 27.58
CA ALA B 254 17.37 -21.90 28.59
C ALA B 254 16.71 -21.18 29.77
N SER B 255 17.30 -20.04 30.13
CA SER B 255 16.72 -19.10 31.06
C SER B 255 15.29 -18.79 30.63
N LYS B 256 14.96 -19.17 29.39
CA LYS B 256 13.70 -18.82 28.72
C LYS B 256 13.47 -17.32 28.67
N HIS B 257 14.53 -16.55 29.02
CA HIS B 257 14.48 -15.10 28.83
C HIS B 257 14.10 -14.72 27.39
N LEU B 258 14.58 -15.54 26.44
CA LEU B 258 14.15 -15.47 25.03
C LEU B 258 13.29 -16.68 24.71
N ALA B 259 12.33 -16.46 23.81
CA ALA B 259 11.44 -17.54 23.35
C ALA B 259 12.06 -18.39 22.25
N GLY B 260 12.92 -17.76 21.43
CA GLY B 260 13.59 -18.47 20.38
C GLY B 260 14.42 -17.54 19.51
N ALA B 261 14.87 -18.07 18.38
CA ALA B 261 15.89 -17.40 17.63
C ALA B 261 16.09 -18.07 16.32
N ALA B 262 16.68 -17.30 15.41
CA ALA B 262 17.16 -17.79 14.12
C ALA B 262 18.58 -17.26 13.84
N ILE B 263 19.44 -18.17 13.43
CA ILE B 263 20.82 -17.87 13.11
C ILE B 263 21.21 -18.47 11.74
N ASP B 264 21.61 -17.63 10.80
CA ASP B 264 21.97 -18.05 9.44
C ASP B 264 23.48 -17.96 9.24
N VAL B 265 24.18 -17.41 10.25
CA VAL B 265 25.63 -17.29 10.17
C VAL B 265 26.33 -17.63 11.49
N PHE B 266 27.51 -18.21 11.43
CA PHE B 266 28.26 -18.54 12.67
C PHE B 266 29.74 -18.16 12.57
N PRO B 267 30.40 -17.84 13.72
CA PRO B 267 31.81 -17.47 13.70
C PRO B 267 32.61 -18.45 12.86
N THR B 268 32.19 -19.71 12.89
CA THR B 268 32.92 -20.78 12.26
C THR B 268 31.92 -21.50 11.39
N GLU B 269 32.28 -21.75 10.14
CA GLU B 269 31.39 -22.46 9.26
C GLU B 269 32.03 -23.61 8.47
N PRO B 270 31.25 -24.68 8.29
CA PRO B 270 31.71 -25.80 7.54
C PRO B 270 32.22 -25.26 6.22
N ALA B 271 33.35 -25.77 5.75
CA ALA B 271 33.90 -25.22 4.55
C ALA B 271 33.18 -25.84 3.37
N THR B 272 32.90 -27.14 3.42
CA THR B 272 32.04 -27.73 2.40
C THR B 272 30.79 -28.25 3.07
N ASN B 273 29.92 -28.89 2.29
CA ASN B 273 28.70 -29.43 2.84
C ASN B 273 28.89 -30.86 3.34
N SER B 274 30.09 -31.42 3.16
CA SER B 274 30.39 -32.79 3.65
C SER B 274 31.06 -32.67 5.01
N ASP B 275 31.60 -31.49 5.27
CA ASP B 275 32.13 -31.12 6.55
C ASP B 275 31.00 -30.98 7.55
N PRO B 276 31.24 -31.43 8.80
CA PRO B 276 30.21 -31.39 9.87
C PRO B 276 29.85 -29.98 10.40
N PHE B 277 28.64 -29.82 10.94
CA PHE B 277 28.23 -28.56 11.60
C PHE B 277 28.11 -28.75 13.11
N THR B 278 28.42 -27.68 13.84
CA THR B 278 28.47 -27.75 15.29
C THR B 278 28.06 -26.45 15.91
N SER B 279 27.05 -26.53 16.76
CA SER B 279 26.68 -25.40 17.60
C SER B 279 25.99 -25.95 18.81
N PRO B 280 26.01 -25.20 19.91
CA PRO B 280 25.26 -25.59 21.09
C PRO B 280 23.78 -25.29 20.85
N LEU B 281 23.51 -24.30 19.98
CA LEU B 281 22.12 -23.94 19.66
C LEU B 281 21.39 -25.16 19.07
N ALA B 282 22.16 -26.08 18.53
CA ALA B 282 21.62 -27.31 17.96
C ALA B 282 20.75 -28.14 18.91
N GLU B 283 20.63 -27.72 20.16
CA GLU B 283 19.82 -28.51 21.07
C GLU B 283 18.48 -27.82 21.36
N PHE B 284 18.28 -26.64 20.83
CA PHE B 284 17.01 -25.96 20.93
C PHE B 284 16.07 -26.10 19.71
N ASP B 285 15.01 -26.88 19.86
CA ASP B 285 13.93 -26.94 18.87
C ASP B 285 13.37 -25.54 18.57
N ASN B 286 13.49 -24.59 19.49
CA ASN B 286 12.91 -23.27 19.26
C ASN B 286 13.91 -22.32 18.59
N VAL B 287 14.98 -22.90 18.02
CA VAL B 287 15.88 -22.10 17.22
C VAL B 287 15.96 -22.59 15.77
N LEU B 288 15.71 -21.69 14.83
CA LEU B 288 15.95 -21.98 13.42
C LEU B 288 17.41 -21.77 13.17
N LEU B 289 18.04 -22.84 12.70
CA LEU B 289 19.44 -22.87 12.36
C LEU B 289 19.58 -23.03 10.84
N THR B 290 20.07 -22.02 10.16
CA THR B 290 20.20 -22.17 8.72
C THR B 290 21.63 -21.98 8.25
N PRO B 291 22.02 -22.73 7.21
CA PRO B 291 23.40 -22.76 6.66
C PRO B 291 23.85 -21.55 5.85
N HIS B 292 23.78 -20.35 6.40
CA HIS B 292 24.25 -19.22 5.61
C HIS B 292 23.60 -19.21 4.24
N ILE B 293 22.25 -19.25 4.19
CA ILE B 293 21.57 -19.26 2.89
C ILE B 293 20.72 -18.02 2.86
N GLY B 294 21.04 -17.12 3.77
CA GLY B 294 20.31 -15.87 3.82
C GLY B 294 20.19 -15.22 2.47
N GLY B 295 21.23 -15.38 1.66
CA GLY B 295 21.28 -14.72 0.37
C GLY B 295 21.16 -15.69 -0.79
N SER B 296 20.87 -16.94 -0.50
CA SER B 296 20.84 -18.00 -1.49
C SER B 296 19.50 -18.18 -2.16
N THR B 297 19.24 -17.41 -3.19
CA THR B 297 18.08 -17.73 -3.95
C THR B 297 18.39 -17.60 -5.40
N GLN B 298 17.51 -18.11 -6.26
CA GLN B 298 17.76 -17.97 -7.66
C GLN B 298 17.74 -16.53 -7.99
N GLU B 299 16.77 -15.81 -7.44
CA GLU B 299 16.60 -14.42 -7.82
C GLU B 299 17.85 -13.65 -7.41
N ALA B 300 18.42 -13.99 -6.25
CA ALA B 300 19.69 -13.39 -5.86
C ALA B 300 20.71 -13.75 -6.91
N GLN B 301 20.79 -15.04 -7.27
CA GLN B 301 21.77 -15.48 -8.27
C GLN B 301 21.65 -14.67 -9.58
N GLU B 302 20.45 -14.23 -9.91
CA GLU B 302 20.19 -13.55 -11.19
C GLU B 302 20.75 -12.12 -11.16
N ASN B 303 20.56 -11.49 -10.01
CA ASN B 303 21.14 -10.20 -9.74
C ASN B 303 22.65 -10.18 -9.77
N ILE B 304 23.27 -11.13 -9.07
CA ILE B 304 24.72 -11.31 -9.07
C ILE B 304 25.19 -11.60 -10.48
N GLY B 305 24.43 -12.42 -11.18
CA GLY B 305 24.61 -12.57 -12.61
C GLY B 305 24.66 -11.24 -13.34
N LEU B 306 23.57 -10.43 -13.28
CA LEU B 306 23.49 -9.15 -14.01
C LEU B 306 24.62 -8.21 -13.64
N GLU B 307 25.03 -8.25 -12.38
CA GLU B 307 25.84 -7.21 -11.86
C GLU B 307 27.30 -7.41 -12.10
N VAL B 308 27.82 -8.58 -11.76
CA VAL B 308 29.22 -8.90 -12.00
C VAL B 308 29.60 -9.13 -13.48
N ALA B 309 28.71 -9.68 -14.30
CA ALA B 309 28.90 -9.59 -15.75
C ALA B 309 28.90 -8.13 -16.20
N GLY B 310 27.90 -7.37 -15.76
CA GLY B 310 27.83 -5.94 -16.10
C GLY B 310 29.17 -5.27 -15.83
N LYS B 311 29.71 -5.51 -14.65
CA LYS B 311 30.97 -4.90 -14.24
C LYS B 311 32.16 -5.35 -15.11
N LEU B 312 32.20 -6.62 -15.49
CA LEU B 312 33.32 -7.13 -16.19
C LEU B 312 33.30 -6.41 -17.51
N ILE B 313 32.10 -6.35 -18.10
CA ILE B 313 31.87 -5.82 -19.45
C ILE B 313 32.21 -4.34 -19.54
N LYS B 314 31.73 -3.57 -18.57
CA LYS B 314 32.09 -2.15 -18.47
C LYS B 314 33.62 -1.95 -18.49
N TYR B 315 34.32 -2.74 -17.68
CA TYR B 315 35.74 -2.63 -17.59
C TYR B 315 36.36 -2.93 -18.96
N SER B 316 36.08 -4.13 -19.48
CA SER B 316 36.48 -4.52 -20.82
C SER B 316 36.19 -3.44 -21.87
N ASP B 317 34.99 -2.86 -21.81
CA ASP B 317 34.56 -1.86 -22.77
C ASP B 317 35.00 -0.46 -22.42
N ASN B 318 35.04 -0.10 -21.14
CA ASN B 318 35.32 1.28 -20.91
C ASN B 318 36.43 1.58 -19.95
N GLY B 319 36.86 0.58 -19.18
CA GLY B 319 37.99 0.76 -18.25
C GLY B 319 37.64 1.04 -16.81
N SER B 320 36.35 0.94 -16.51
CA SER B 320 35.81 1.36 -15.27
C SER B 320 36.19 0.39 -14.20
N THR B 321 36.71 0.93 -13.11
CA THR B 321 37.03 0.16 -11.92
C THR B 321 36.17 0.62 -10.74
N LEU B 322 35.25 1.56 -10.97
CA LEU B 322 34.18 1.76 -10.00
C LEU B 322 33.81 0.45 -9.30
N SER B 323 34.16 0.31 -8.01
CA SER B 323 33.68 -0.78 -7.12
C SER B 323 34.61 -1.96 -7.08
N ALA B 324 35.70 -1.88 -7.81
CA ALA B 324 36.64 -2.92 -7.72
C ALA B 324 37.16 -2.93 -6.26
N VAL B 325 37.53 -4.08 -5.79
CA VAL B 325 37.77 -4.32 -4.41
C VAL B 325 39.26 -4.20 -4.13
N ASN B 326 40.07 -4.27 -5.17
CA ASN B 326 41.52 -4.29 -5.00
C ASN B 326 42.27 -3.38 -5.94
N PHE B 327 41.70 -2.26 -6.30
CA PHE B 327 42.19 -1.48 -7.39
C PHE B 327 41.71 -0.06 -7.18
N PRO B 328 42.43 0.91 -7.75
CA PRO B 328 42.00 2.30 -7.73
C PRO B 328 40.83 2.43 -8.64
N GLU B 329 39.86 3.29 -8.27
CA GLU B 329 38.56 3.35 -8.90
C GLU B 329 38.50 4.49 -9.86
N VAL B 330 38.30 4.15 -11.15
CA VAL B 330 38.20 5.12 -12.26
C VAL B 330 37.00 4.84 -13.13
N SER B 331 36.44 5.90 -13.68
CA SER B 331 35.35 5.77 -14.59
C SER B 331 35.24 7.10 -15.29
N LEU B 332 35.21 7.08 -16.60
CA LEU B 332 35.15 8.29 -17.41
C LEU B 332 34.02 8.15 -18.40
N PRO B 333 33.25 9.21 -18.64
CA PRO B 333 32.13 9.09 -19.56
C PRO B 333 32.55 8.93 -21.02
N LEU B 334 31.68 8.38 -21.85
CA LEU B 334 32.06 8.17 -23.21
C LEU B 334 31.95 9.43 -24.00
N HIS B 335 33.02 9.78 -24.69
CA HIS B 335 32.96 10.80 -25.73
C HIS B 335 33.71 10.29 -26.91
N VAL B 336 33.50 10.94 -28.04
CA VAL B 336 34.04 10.51 -29.30
C VAL B 336 35.53 10.44 -29.19
N GLY B 337 36.09 9.28 -29.50
CA GLY B 337 37.51 9.23 -29.80
C GLY B 337 37.99 7.84 -29.44
N ARG B 338 39.29 7.71 -29.27
CA ARG B 338 39.87 6.49 -28.76
C ARG B 338 40.01 6.58 -27.22
N ARG B 339 40.08 5.44 -26.53
CA ARG B 339 40.35 5.48 -25.10
C ARG B 339 41.46 4.49 -24.85
N LEU B 340 42.48 4.88 -24.12
CA LEU B 340 43.53 3.95 -23.78
C LEU B 340 43.62 3.91 -22.28
N MET B 341 44.41 2.98 -21.76
CA MET B 341 44.57 2.90 -20.31
C MET B 341 45.85 2.22 -19.91
N HIS B 342 46.38 2.71 -18.80
CA HIS B 342 47.67 2.36 -18.29
C HIS B 342 47.57 2.05 -16.79
N ILE B 343 47.95 0.83 -16.41
CA ILE B 343 48.08 0.42 -15.04
C ILE B 343 49.56 0.31 -14.73
N HIS B 344 49.95 0.81 -13.57
CA HIS B 344 51.36 0.92 -13.30
C HIS B 344 51.70 0.99 -11.83
N GLU B 345 52.95 0.61 -11.51
CA GLU B 345 53.59 0.93 -10.24
C GLU B 345 53.56 2.43 -10.02
N ASN B 346 53.63 2.84 -8.76
CA ASN B 346 53.44 4.24 -8.45
C ASN B 346 54.71 5.12 -8.58
N ARG B 347 55.53 4.87 -9.59
CA ARG B 347 56.76 5.63 -9.76
C ARG B 347 56.35 7.06 -9.87
N PRO B 348 57.25 7.99 -9.56
CA PRO B 348 56.83 9.33 -9.89
C PRO B 348 57.09 9.53 -11.37
N GLY B 349 56.43 10.51 -11.97
CA GLY B 349 56.67 10.75 -13.40
C GLY B 349 56.37 9.62 -14.39
N VAL B 350 55.49 8.69 -14.03
CA VAL B 350 54.74 7.94 -15.03
C VAL B 350 53.83 8.94 -15.77
N LEU B 351 53.13 9.78 -15.04
CA LEU B 351 52.27 10.77 -15.68
C LEU B 351 53.02 11.76 -16.58
N THR B 352 54.23 12.12 -16.17
CA THR B 352 55.08 12.96 -17.01
C THR B 352 55.41 12.16 -18.27
N ALA B 353 55.74 10.89 -18.10
CA ALA B 353 56.06 10.04 -19.26
C ALA B 353 54.87 9.93 -20.26
N LEU B 354 53.72 9.51 -19.74
CA LEU B 354 52.45 9.52 -20.48
C LEU B 354 52.20 10.79 -21.24
N ASN B 355 52.32 11.93 -20.59
CA ASN B 355 51.89 13.16 -21.24
C ASN B 355 52.83 13.56 -22.32
N LYS B 356 54.11 13.43 -22.03
CA LYS B 356 55.09 13.63 -23.08
C LYS B 356 54.78 12.81 -24.35
N ILE B 357 54.30 11.58 -24.18
CA ILE B 357 54.04 10.72 -25.36
C ILE B 357 53.05 11.36 -26.33
N PHE B 358 51.96 11.91 -25.82
CA PHE B 358 50.91 12.38 -26.70
C PHE B 358 51.23 13.70 -27.41
N ALA B 359 52.10 14.49 -26.74
CA ALA B 359 52.50 15.80 -27.24
C ALA B 359 53.51 15.64 -28.35
N GLU B 360 54.48 14.76 -28.16
CA GLU B 360 55.35 14.32 -29.27
C GLU B 360 54.56 13.93 -30.52
N GLN B 361 53.47 13.19 -30.33
CA GLN B 361 52.76 12.69 -31.48
C GLN B 361 51.75 13.72 -31.98
N GLY B 362 51.66 14.83 -31.24
CA GLY B 362 50.74 15.92 -31.57
C GLY B 362 49.29 15.51 -31.38
N VAL B 363 48.99 14.92 -30.23
CA VAL B 363 47.67 14.35 -30.02
C VAL B 363 47.03 15.05 -28.86
N ASN B 364 45.81 15.54 -29.05
CA ASN B 364 45.11 16.21 -27.94
C ASN B 364 44.47 15.18 -27.04
N ILE B 365 44.77 15.31 -25.74
CA ILE B 365 44.14 14.57 -24.68
C ILE B 365 42.78 15.16 -24.26
N ALA B 366 41.69 14.70 -24.86
CA ALA B 366 40.36 15.14 -24.46
C ALA B 366 40.02 15.02 -22.94
N ALA B 367 40.51 13.96 -22.26
CA ALA B 367 40.18 13.66 -20.86
C ALA B 367 41.19 12.73 -20.22
N GLN B 368 41.41 12.84 -18.90
CA GLN B 368 42.11 11.72 -18.27
C GLN B 368 41.84 11.68 -16.79
N TYR B 369 41.89 10.46 -16.26
CA TYR B 369 41.64 10.24 -14.87
C TYR B 369 42.71 9.30 -14.28
N LEU B 370 43.56 9.86 -13.43
CA LEU B 370 44.54 9.05 -12.76
C LEU B 370 44.02 8.90 -11.37
N GLN B 371 44.08 7.69 -10.85
CA GLN B 371 43.78 7.48 -9.44
C GLN B 371 44.88 6.56 -8.92
N THR B 372 45.31 6.79 -7.67
CA THR B 372 46.48 6.12 -7.09
C THR B 372 46.02 5.45 -5.85
N SER B 373 46.55 4.27 -5.57
CA SER B 373 46.55 3.71 -4.23
C SER B 373 48.01 3.65 -3.77
N ALA B 374 48.27 3.16 -2.55
CA ALA B 374 49.64 3.22 -2.02
C ALA B 374 50.69 2.58 -2.95
N GLN B 375 50.34 1.44 -3.53
CA GLN B 375 51.28 0.62 -4.31
C GLN B 375 51.15 0.77 -5.85
N MET B 376 50.03 1.33 -6.33
CA MET B 376 49.62 1.16 -7.73
C MET B 376 49.08 2.47 -8.25
N GLY B 377 48.92 2.55 -9.57
CA GLY B 377 48.28 3.71 -10.15
C GLY B 377 47.49 3.26 -11.35
N TYR B 378 46.31 3.83 -11.57
CA TYR B 378 45.56 3.54 -12.79
C TYR B 378 45.06 4.83 -13.43
N VAL B 379 45.22 4.92 -14.76
CA VAL B 379 44.85 6.15 -15.47
C VAL B 379 44.16 5.82 -16.80
N VAL B 380 43.03 6.45 -17.06
CA VAL B 380 42.32 6.29 -18.32
C VAL B 380 42.39 7.61 -19.08
N ILE B 381 42.82 7.54 -20.34
CA ILE B 381 43.07 8.71 -21.16
C ILE B 381 42.24 8.59 -22.41
N ASP B 382 41.48 9.64 -22.73
CA ASP B 382 40.76 9.73 -24.01
C ASP B 382 41.57 10.60 -24.90
N ILE B 383 41.60 10.25 -26.18
CA ILE B 383 42.38 11.02 -27.15
C ILE B 383 41.62 11.03 -28.43
N GLU B 384 41.92 12.00 -29.28
CA GLU B 384 41.33 12.07 -30.60
C GLU B 384 42.41 11.75 -31.64
N ALA B 385 42.26 10.58 -32.28
CA ALA B 385 43.30 10.00 -33.11
C ALA B 385 42.77 8.70 -33.77
N ASP B 386 43.52 8.18 -34.74
CA ASP B 386 43.12 6.98 -35.49
C ASP B 386 43.81 5.72 -34.98
N GLU B 387 43.38 4.55 -35.46
CA GLU B 387 44.01 3.28 -35.04
C GLU B 387 45.54 3.26 -35.14
N ASP B 388 46.08 3.69 -36.27
CA ASP B 388 47.53 3.79 -36.36
C ASP B 388 48.13 4.54 -35.19
N VAL B 389 47.61 5.74 -34.95
CA VAL B 389 48.23 6.63 -33.99
C VAL B 389 48.13 6.12 -32.57
N ALA B 390 46.95 5.63 -32.25
CA ALA B 390 46.66 5.07 -30.98
C ALA B 390 47.50 3.82 -30.84
N GLU B 391 47.64 3.03 -31.89
CA GLU B 391 48.43 1.85 -31.64
C GLU B 391 49.85 2.21 -31.31
N LYS B 392 50.41 3.29 -31.87
CA LYS B 392 51.80 3.64 -31.49
C LYS B 392 51.90 4.19 -30.08
N ALA B 393 50.92 5.01 -29.69
CA ALA B 393 50.96 5.54 -28.34
C ALA B 393 50.92 4.34 -27.44
N LEU B 394 49.98 3.45 -27.75
CA LEU B 394 49.93 2.22 -27.00
C LEU B 394 51.34 1.67 -26.77
N GLN B 395 52.03 1.31 -27.85
CA GLN B 395 53.29 0.62 -27.66
C GLN B 395 54.27 1.49 -26.92
N ALA B 396 54.23 2.78 -27.17
CA ALA B 396 55.08 3.71 -26.41
C ALA B 396 54.70 3.63 -24.92
N MET B 397 53.41 3.75 -24.63
CA MET B 397 52.93 3.69 -23.25
C MET B 397 53.42 2.41 -22.54
N LYS B 398 53.51 1.30 -23.29
CA LYS B 398 54.01 0.06 -22.71
C LYS B 398 55.49 0.10 -22.34
N ALA B 399 56.23 1.07 -22.81
CA ALA B 399 57.63 1.11 -22.45
C ALA B 399 57.91 2.04 -21.27
N ILE B 400 56.88 2.52 -20.60
CA ILE B 400 57.14 3.46 -19.52
C ILE B 400 57.64 2.66 -18.34
N PRO B 401 58.70 3.14 -17.66
CA PRO B 401 59.11 2.41 -16.47
C PRO B 401 58.00 2.36 -15.43
N GLY B 402 57.76 1.17 -14.89
CA GLY B 402 56.70 0.99 -13.92
C GLY B 402 55.48 0.33 -14.55
N THR B 403 55.33 0.53 -15.85
CA THR B 403 54.14 0.06 -16.54
C THR B 403 53.78 -1.37 -16.18
N ILE B 404 52.63 -1.60 -15.53
CA ILE B 404 52.27 -2.98 -15.31
C ILE B 404 51.57 -3.59 -16.52
N ARG B 405 50.74 -2.79 -17.16
CA ARG B 405 49.85 -3.28 -18.17
C ARG B 405 49.27 -2.04 -18.88
N ALA B 406 48.95 -2.13 -20.15
CA ALA B 406 48.31 -0.98 -20.84
C ALA B 406 47.52 -1.49 -22.03
N ARG B 407 46.49 -0.76 -22.43
CA ARG B 407 45.56 -1.31 -23.37
C ARG B 407 44.81 -0.18 -24.10
N LEU B 408 44.70 -0.33 -25.42
CA LEU B 408 43.74 0.40 -26.25
C LEU B 408 42.35 -0.27 -26.18
N LEU B 409 41.39 0.44 -25.57
CA LEU B 409 40.05 -0.08 -25.32
C LEU B 409 39.09 0.18 -26.50
N TYR B 410 39.51 1.06 -27.41
CA TYR B 410 38.68 1.40 -28.55
C TYR B 410 39.02 2.79 -29.11
N SER C 5 38.11 29.91 7.20
CA SER C 5 36.76 30.41 7.58
C SER C 5 36.69 31.92 7.49
N LEU C 6 37.84 32.56 7.67
CA LEU C 6 37.97 33.97 7.36
C LEU C 6 38.26 34.02 5.87
N GLU C 7 38.85 32.94 5.37
CA GLU C 7 39.05 32.79 3.94
C GLU C 7 37.71 33.01 3.25
N LYS C 8 36.71 32.29 3.77
CA LYS C 8 35.38 32.28 3.19
C LYS C 8 34.71 33.66 3.20
N ASP C 9 34.86 34.39 4.30
CA ASP C 9 34.20 35.70 4.40
C ASP C 9 34.45 36.59 3.17
N LYS C 10 35.55 36.33 2.48
CA LYS C 10 35.97 37.11 1.32
C LYS C 10 34.99 36.96 0.13
N ILE C 11 34.34 35.79 0.07
CA ILE C 11 33.62 35.28 -1.11
C ILE C 11 32.13 35.57 -1.16
N LYS C 12 31.78 36.58 -1.95
CA LYS C 12 30.46 37.16 -1.95
C LYS C 12 29.44 36.37 -2.78
N PHE C 13 28.34 36.03 -2.14
CA PHE C 13 27.21 35.42 -2.79
C PHE C 13 26.13 36.44 -3.07
N LEU C 14 25.75 36.60 -4.32
CA LEU C 14 24.73 37.55 -4.69
C LEU C 14 23.49 36.78 -5.11
N LEU C 15 22.43 36.88 -4.31
CA LEU C 15 21.21 36.14 -4.60
C LEU C 15 20.12 37.07 -5.08
N VAL C 16 19.57 36.88 -6.27
CA VAL C 16 18.45 37.74 -6.65
C VAL C 16 17.13 36.99 -6.76
N GLU C 17 16.06 37.74 -7.05
CA GLU C 17 14.72 37.19 -7.22
C GLU C 17 14.25 36.33 -6.05
N GLY C 18 14.90 36.50 -4.91
CA GLY C 18 14.37 35.92 -3.69
C GLY C 18 14.24 34.42 -3.79
N VAL C 19 15.32 33.73 -3.49
CA VAL C 19 15.30 32.30 -3.50
C VAL C 19 15.00 31.91 -2.06
N HIS C 20 14.71 30.65 -1.83
CA HIS C 20 14.26 30.16 -0.54
C HIS C 20 15.36 30.25 0.47
N GLN C 21 14.98 30.37 1.75
CA GLN C 21 15.94 30.57 2.85
C GLN C 21 16.84 29.37 3.01
N LYS C 22 16.29 28.15 2.90
CA LYS C 22 17.13 26.95 3.03
C LYS C 22 18.43 27.09 2.23
N ALA C 23 18.37 27.86 1.15
CA ALA C 23 19.57 28.13 0.41
C ALA C 23 20.51 28.88 1.31
N LEU C 24 19.98 29.80 2.12
CA LEU C 24 20.87 30.58 3.02
C LEU C 24 21.35 29.77 4.21
N GLU C 25 20.60 28.78 4.65
CA GLU C 25 21.06 27.99 5.77
C GLU C 25 22.22 27.10 5.36
N SER C 26 22.22 26.59 4.13
CA SER C 26 23.35 25.79 3.62
C SER C 26 24.57 26.68 3.50
N LEU C 27 24.36 27.82 2.85
CA LEU C 27 25.37 28.84 2.71
C LEU C 27 26.09 29.20 4.01
N ARG C 28 25.33 29.40 5.08
CA ARG C 28 25.91 29.83 6.35
C ARG C 28 26.28 28.59 7.10
N ALA C 29 25.64 27.48 6.80
CA ALA C 29 26.02 26.27 7.48
C ALA C 29 27.36 25.77 6.96
N ALA C 30 27.99 26.50 6.04
CA ALA C 30 29.23 26.00 5.47
C ALA C 30 30.31 27.02 5.57
N GLY C 31 30.18 27.92 6.52
CA GLY C 31 31.13 29.02 6.71
C GLY C 31 30.97 30.14 5.68
N TYR C 32 30.02 29.99 4.74
CA TYR C 32 29.88 31.03 3.69
C TYR C 32 28.89 32.07 4.14
N THR C 33 29.39 33.29 4.35
CA THR C 33 28.61 34.28 5.09
C THR C 33 28.40 35.66 4.48
N ASN C 34 29.24 36.06 3.53
CA ASN C 34 29.04 37.33 2.84
C ASN C 34 28.00 37.00 1.81
N ILE C 35 26.74 37.30 2.11
CA ILE C 35 25.59 37.02 1.24
C ILE C 35 24.87 38.34 0.95
N GLU C 36 24.80 38.76 -0.31
CA GLU C 36 23.99 39.92 -0.63
C GLU C 36 22.62 39.48 -1.12
N PHE C 37 21.73 39.16 -0.17
CA PHE C 37 20.36 38.71 -0.44
C PHE C 37 19.40 39.79 -1.01
N HIS C 38 18.72 39.48 -2.10
CA HIS C 38 17.67 40.38 -2.61
C HIS C 38 16.38 39.58 -2.88
N LYS C 39 15.25 40.24 -2.70
CA LYS C 39 13.98 39.58 -2.77
C LYS C 39 13.55 39.57 -4.20
N GLY C 40 13.99 40.58 -4.93
CA GLY C 40 13.35 40.90 -6.18
C GLY C 40 14.41 40.97 -7.22
N ALA C 41 14.04 41.48 -8.38
CA ALA C 41 14.93 41.60 -9.52
C ALA C 41 15.71 42.90 -9.45
N LEU C 42 16.83 42.95 -10.16
CA LEU C 42 17.62 44.17 -10.21
C LEU C 42 17.70 44.76 -11.63
N ASP C 43 17.71 46.09 -11.68
CA ASP C 43 18.00 46.76 -12.92
C ASP C 43 19.51 46.88 -13.04
N ASP C 44 19.91 47.34 -14.22
CA ASP C 44 21.29 47.30 -14.63
C ASP C 44 22.21 48.06 -13.70
N GLU C 45 21.88 49.31 -13.39
CA GLU C 45 22.69 50.03 -12.42
C GLU C 45 22.73 49.23 -11.10
N GLN C 46 21.62 48.61 -10.72
CA GLN C 46 21.60 47.84 -9.50
C GLN C 46 22.44 46.59 -9.58
N LEU C 47 22.45 46.00 -10.78
CA LEU C 47 23.12 44.73 -11.00
C LEU C 47 24.63 44.81 -11.17
N LYS C 48 25.13 45.68 -12.05
CA LYS C 48 26.56 45.76 -12.24
C LYS C 48 27.00 46.14 -10.87
N GLU C 49 26.36 47.18 -10.37
CA GLU C 49 26.71 47.68 -9.05
C GLU C 49 26.85 46.53 -8.05
N SER C 50 25.76 45.79 -7.84
CA SER C 50 25.80 44.71 -6.88
C SER C 50 26.45 43.40 -7.37
N ILE C 51 26.83 43.29 -8.64
CA ILE C 51 27.59 42.08 -9.05
C ILE C 51 29.13 42.17 -9.18
N ARG C 52 29.65 43.39 -9.34
CA ARG C 52 31.03 43.61 -9.69
C ARG C 52 32.05 42.89 -8.79
N ASP C 53 31.73 42.71 -7.53
CA ASP C 53 32.67 42.00 -6.69
C ASP C 53 32.06 40.73 -6.12
N ALA C 54 31.03 40.24 -6.80
CA ALA C 54 30.43 38.93 -6.52
C ALA C 54 31.27 37.67 -6.93
N HIS C 55 31.49 36.77 -5.99
CA HIS C 55 32.19 35.54 -6.30
C HIS C 55 31.24 34.48 -6.84
N PHE C 56 30.05 34.38 -6.25
CA PHE C 56 28.98 33.60 -6.80
C PHE C 56 27.73 34.43 -6.99
N ILE C 57 26.79 33.96 -7.80
CA ILE C 57 25.46 34.60 -7.84
C ILE C 57 24.38 33.54 -8.02
N GLY C 58 23.26 33.65 -7.30
CA GLY C 58 22.13 32.77 -7.53
C GLY C 58 21.06 33.66 -8.10
N LEU C 59 20.48 33.28 -9.22
CA LEU C 59 19.35 34.02 -9.74
C LEU C 59 18.17 33.09 -10.08
N ARG C 60 17.16 33.63 -10.75
CA ARG C 60 16.03 32.82 -11.14
C ARG C 60 15.76 33.15 -12.57
N SER C 61 14.50 33.29 -12.93
CA SER C 61 14.15 33.35 -14.36
C SER C 61 14.16 34.73 -14.96
N ARG C 62 14.05 35.76 -14.13
CA ARG C 62 13.89 37.10 -14.66
C ARG C 62 15.24 37.81 -14.83
N THR C 63 16.19 37.52 -13.97
CA THR C 63 17.51 38.14 -14.06
C THR C 63 18.17 37.75 -15.37
N HIS C 64 18.64 38.73 -16.11
CA HIS C 64 19.24 38.42 -17.40
C HIS C 64 20.74 38.57 -17.33
N LEU C 65 21.45 37.46 -17.11
CA LEU C 65 22.92 37.49 -17.12
C LEU C 65 23.47 37.47 -18.56
N THR C 66 23.68 38.61 -19.18
CA THR C 66 24.10 38.56 -20.58
C THR C 66 25.61 38.61 -20.65
N GLU C 67 26.14 38.60 -21.86
CA GLU C 67 27.57 38.77 -21.98
C GLU C 67 28.06 40.14 -21.44
N ASP C 68 27.30 41.23 -21.66
CA ASP C 68 27.75 42.56 -21.19
C ASP C 68 27.79 42.68 -19.67
N VAL C 69 26.92 41.93 -18.98
CA VAL C 69 26.88 41.88 -17.50
C VAL C 69 27.96 40.96 -16.96
N ILE C 70 28.03 39.78 -17.58
CA ILE C 70 29.05 38.79 -17.25
C ILE C 70 30.48 39.30 -17.47
N ASN C 71 30.67 39.99 -18.59
CA ASN C 71 32.00 40.44 -18.91
C ASN C 71 32.33 41.66 -18.07
N ALA C 72 31.47 41.88 -17.08
CA ALA C 72 31.66 42.93 -16.07
C ALA C 72 31.92 42.33 -14.71
N ALA C 73 31.10 41.35 -14.30
CA ALA C 73 31.31 40.63 -13.03
C ALA C 73 32.76 40.19 -12.84
N GLU C 74 33.48 40.99 -12.06
CA GLU C 74 34.93 40.87 -12.01
C GLU C 74 35.41 39.67 -11.24
N LYS C 75 34.65 39.17 -10.29
CA LYS C 75 35.21 38.10 -9.45
C LYS C 75 34.38 36.83 -9.55
N LEU C 76 33.58 36.77 -10.61
CA LEU C 76 32.51 35.78 -10.77
C LEU C 76 33.08 34.40 -11.02
N VAL C 77 32.98 33.56 -10.00
CA VAL C 77 33.53 32.24 -10.00
C VAL C 77 32.54 31.21 -10.59
N ALA C 78 31.25 31.38 -10.27
CA ALA C 78 30.20 30.44 -10.74
C ALA C 78 28.78 30.99 -10.62
N ILE C 79 27.87 30.36 -11.34
CA ILE C 79 26.55 30.84 -11.42
C ILE C 79 25.58 29.70 -11.15
N GLY C 80 24.69 29.96 -10.18
CA GLY C 80 23.62 29.06 -9.83
C GLY C 80 22.32 29.65 -10.35
N ALA C 81 21.65 28.90 -11.22
CA ALA C 81 20.32 29.25 -11.63
C ALA C 81 19.37 28.52 -10.69
N PHE C 82 18.85 29.21 -9.68
CA PHE C 82 17.99 28.54 -8.69
C PHE C 82 16.64 28.27 -9.32
N ALA C 83 16.63 27.33 -10.27
CA ALA C 83 15.52 27.07 -11.21
C ALA C 83 15.81 25.85 -12.06
N ILE C 84 14.84 25.49 -12.89
CA ILE C 84 15.05 24.58 -14.01
C ILE C 84 15.73 25.26 -15.18
N GLY C 85 15.20 26.40 -15.62
CA GLY C 85 15.70 27.10 -16.81
C GLY C 85 17.07 27.73 -16.66
N THR C 86 17.74 27.92 -17.81
CA THR C 86 19.03 28.60 -17.90
C THR C 86 19.11 29.56 -19.13
N ASN C 87 17.97 29.74 -19.81
CA ASN C 87 17.85 30.59 -21.02
C ASN C 87 18.15 32.05 -20.75
N GLN C 88 17.85 32.49 -19.54
CA GLN C 88 18.20 33.83 -19.09
C GLN C 88 19.74 34.04 -18.88
N VAL C 89 20.50 32.95 -18.84
CA VAL C 89 21.97 32.98 -18.73
C VAL C 89 22.70 32.70 -20.05
N ASP C 90 23.84 33.36 -20.26
CA ASP C 90 24.62 33.23 -21.51
C ASP C 90 25.73 32.24 -21.23
N LEU C 91 25.48 30.99 -21.59
CA LEU C 91 26.34 29.92 -21.12
C LEU C 91 27.68 29.98 -21.79
N ASP C 92 27.68 30.21 -23.10
CA ASP C 92 28.96 30.26 -23.81
C ASP C 92 29.80 31.37 -23.22
N ALA C 93 29.20 32.55 -23.07
CA ALA C 93 29.84 33.69 -22.37
C ALA C 93 30.44 33.33 -21.01
N ALA C 94 29.70 32.69 -20.11
CA ALA C 94 30.32 32.29 -18.84
C ALA C 94 31.29 31.13 -19.05
N ALA C 95 31.08 30.33 -20.07
CA ALA C 95 32.04 29.25 -20.29
C ALA C 95 33.32 29.90 -20.78
N LYS C 96 33.22 30.80 -21.74
CA LYS C 96 34.40 31.50 -22.17
C LYS C 96 35.20 31.99 -20.95
N ARG C 97 34.53 32.41 -19.87
CA ARG C 97 35.25 32.89 -18.68
C ARG C 97 35.62 31.87 -17.62
N GLY C 98 35.30 30.61 -17.84
CA GLY C 98 35.61 29.61 -16.84
C GLY C 98 34.63 29.67 -15.69
N ILE C 99 33.38 29.96 -15.99
CA ILE C 99 32.34 30.01 -14.97
C ILE C 99 31.30 28.91 -15.18
N PRO C 100 31.31 27.90 -14.31
CA PRO C 100 30.32 26.87 -14.38
C PRO C 100 29.01 27.55 -14.08
N VAL C 101 27.92 27.01 -14.64
CA VAL C 101 26.56 27.34 -14.32
C VAL C 101 25.82 26.09 -13.92
N PHE C 102 25.04 26.14 -12.83
CA PHE C 102 24.33 24.97 -12.37
C PHE C 102 22.88 25.29 -12.27
N ASN C 103 22.05 24.25 -12.16
CA ASN C 103 20.62 24.41 -12.00
C ASN C 103 19.99 23.27 -11.24
N ALA C 104 18.67 23.14 -11.31
CA ALA C 104 17.98 22.08 -10.56
C ALA C 104 17.07 21.45 -11.55
N PRO C 105 17.56 20.46 -12.31
CA PRO C 105 16.62 19.93 -13.32
C PRO C 105 15.35 19.21 -12.75
N PHE C 106 15.41 18.59 -11.59
CA PHE C 106 14.38 17.62 -11.21
C PHE C 106 13.99 17.90 -9.81
N SER C 107 13.80 19.16 -9.52
CA SER C 107 13.44 19.56 -8.19
C SER C 107 11.93 19.88 -8.02
N ASN C 108 11.18 19.85 -9.14
CA ASN C 108 9.77 20.21 -9.14
C ASN C 108 8.89 18.96 -9.17
N THR C 109 9.51 17.78 -9.14
CA THR C 109 8.81 16.51 -9.39
C THR C 109 7.44 16.35 -8.68
N ARG C 110 7.44 16.38 -7.36
CA ARG C 110 6.21 16.18 -6.58
C ARG C 110 5.20 17.32 -6.83
N SER C 111 5.72 18.53 -7.00
CA SER C 111 4.82 19.60 -7.19
C SER C 111 4.05 19.43 -8.49
N VAL C 112 4.69 18.94 -9.56
CA VAL C 112 3.94 18.64 -10.79
C VAL C 112 2.98 17.42 -10.75
N ALA C 113 3.48 16.26 -10.32
CA ALA C 113 2.55 15.15 -10.05
C ALA C 113 1.37 15.58 -9.18
N GLU C 114 1.59 16.33 -8.11
CA GLU C 114 0.45 16.69 -7.21
C GLU C 114 -0.60 17.52 -7.97
N LEU C 115 -0.16 18.43 -8.82
CA LEU C 115 -1.12 19.23 -9.57
C LEU C 115 -2.01 18.42 -10.48
N VAL C 116 -1.40 17.49 -11.22
CA VAL C 116 -2.13 16.65 -12.18
C VAL C 116 -3.23 15.80 -11.51
N ILE C 117 -2.97 15.29 -10.31
CA ILE C 117 -3.97 14.52 -9.58
C ILE C 117 -5.14 15.42 -9.23
N GLY C 118 -4.83 16.62 -8.73
CA GLY C 118 -5.88 17.51 -8.31
C GLY C 118 -6.69 17.79 -9.53
N GLU C 119 -6.02 18.12 -10.62
CA GLU C 119 -6.76 18.47 -11.82
C GLU C 119 -7.59 17.35 -12.37
N LEU C 120 -7.04 16.13 -12.33
CA LEU C 120 -7.74 15.07 -13.05
C LEU C 120 -8.98 14.70 -12.24
N LEU C 121 -8.88 14.82 -10.92
CA LEU C 121 -10.01 14.56 -10.05
C LEU C 121 -11.16 15.47 -10.30
N LEU C 122 -10.88 16.76 -10.57
CA LEU C 122 -11.93 17.77 -10.68
C LEU C 122 -12.47 17.80 -12.07
N LEU C 123 -11.58 17.58 -13.03
CA LEU C 123 -11.99 17.42 -14.43
C LEU C 123 -12.93 16.23 -14.64
N LEU C 124 -12.54 15.05 -14.16
CA LEU C 124 -13.42 13.88 -14.27
C LEU C 124 -14.81 14.16 -13.69
N ARG C 125 -14.87 15.17 -12.84
CA ARG C 125 -16.04 15.40 -12.01
C ARG C 125 -16.80 16.57 -12.55
N GLY C 126 -16.23 17.24 -13.57
CA GLY C 126 -16.87 18.39 -14.23
C GLY C 126 -17.00 19.60 -13.31
N VAL C 127 -16.05 19.67 -12.38
CA VAL C 127 -16.02 20.68 -11.34
C VAL C 127 -15.65 22.09 -11.84
N PRO C 128 -14.60 22.23 -12.68
CA PRO C 128 -14.26 23.53 -13.20
C PRO C 128 -15.41 24.23 -13.83
N GLU C 129 -16.27 23.49 -14.51
CA GLU C 129 -17.40 24.12 -15.17
C GLU C 129 -18.49 24.48 -14.18
N ALA C 130 -18.69 23.65 -13.16
CA ALA C 130 -19.76 23.92 -12.19
C ALA C 130 -19.34 25.10 -11.34
N ASN C 131 -18.03 25.19 -11.14
CA ASN C 131 -17.53 26.30 -10.37
C ASN C 131 -17.76 27.57 -11.16
N ALA C 132 -17.28 27.60 -12.40
CA ALA C 132 -17.47 28.84 -13.15
C ALA C 132 -18.94 29.07 -13.38
N LYS C 133 -19.75 28.03 -13.38
CA LYS C 133 -21.16 28.33 -13.50
C LYS C 133 -21.67 29.01 -12.23
N ALA C 134 -21.30 28.43 -11.10
CA ALA C 134 -21.77 28.98 -9.85
C ALA C 134 -21.41 30.48 -9.75
N HIS C 135 -20.16 30.83 -10.00
CA HIS C 135 -19.78 32.20 -9.75
C HIS C 135 -20.55 33.12 -10.68
N ARG C 136 -20.94 32.66 -11.86
CA ARG C 136 -21.75 33.53 -12.70
C ARG C 136 -23.25 33.48 -12.35
N GLY C 137 -23.63 32.67 -11.37
CA GLY C 137 -25.03 32.61 -10.82
C GLY C 137 -25.89 31.42 -11.32
N VAL C 138 -25.29 30.52 -12.07
CA VAL C 138 -25.98 29.35 -12.57
C VAL C 138 -25.75 28.07 -11.74
N TRP C 139 -26.81 27.38 -11.36
CA TRP C 139 -26.69 26.11 -10.62
C TRP C 139 -26.82 24.90 -11.55
N ASN C 140 -25.79 24.05 -11.59
CA ASN C 140 -25.79 22.89 -12.48
C ASN C 140 -25.51 21.54 -11.83
N LYS C 141 -26.50 21.03 -11.11
CA LYS C 141 -26.34 19.76 -10.44
C LYS C 141 -26.65 18.67 -11.43
N LEU C 142 -25.69 17.80 -11.66
CA LEU C 142 -25.93 16.58 -12.41
C LEU C 142 -24.95 15.50 -12.01
N ALA C 143 -25.33 14.27 -12.33
CA ALA C 143 -24.45 13.14 -12.24
C ALA C 143 -24.05 12.54 -13.61
N ALA C 144 -24.75 12.85 -14.71
CA ALA C 144 -24.32 12.38 -16.05
C ALA C 144 -22.92 12.91 -16.38
N GLY C 145 -21.97 12.05 -16.65
CA GLY C 145 -20.70 12.60 -17.05
C GLY C 145 -19.65 12.71 -15.96
N SER C 146 -20.03 12.67 -14.68
CA SER C 146 -18.99 12.74 -13.62
C SER C 146 -18.44 11.39 -13.19
N PHE C 147 -17.16 11.35 -12.81
CA PHE C 147 -16.58 10.10 -12.38
C PHE C 147 -15.60 10.22 -11.22
N GLU C 148 -15.55 9.19 -10.39
CA GLU C 148 -14.49 9.02 -9.48
C GLU C 148 -13.30 8.58 -10.32
N ALA C 149 -12.10 8.75 -9.75
CA ALA C 149 -10.89 8.37 -10.43
C ALA C 149 -10.47 6.91 -10.16
N ARG C 150 -10.97 6.28 -9.11
CA ARG C 150 -10.63 4.86 -8.86
C ARG C 150 -11.07 3.93 -9.98
N GLY C 151 -10.16 3.10 -10.47
CA GLY C 151 -10.48 2.19 -11.55
C GLY C 151 -10.59 2.83 -12.93
N LYS C 152 -10.33 4.13 -13.02
CA LYS C 152 -10.11 4.70 -14.35
C LYS C 152 -8.63 4.51 -14.73
N LYS C 153 -8.33 4.67 -16.01
CA LYS C 153 -6.98 4.38 -16.51
C LYS C 153 -6.20 5.66 -16.81
N LEU C 154 -4.99 5.78 -16.28
CA LEU C 154 -4.14 6.92 -16.59
C LEU C 154 -3.01 6.51 -17.62
N GLY C 155 -3.03 7.16 -18.78
CA GLY C 155 -1.95 7.11 -19.71
C GLY C 155 -0.95 8.25 -19.48
N ILE C 156 0.24 7.89 -19.04
CA ILE C 156 1.30 8.83 -18.87
C ILE C 156 2.25 8.85 -20.07
N ILE C 157 2.34 9.98 -20.74
CA ILE C 157 3.26 10.09 -21.84
C ILE C 157 4.61 10.65 -21.40
N GLY C 158 5.54 9.75 -21.08
CA GLY C 158 6.89 10.14 -20.69
C GLY C 158 7.12 9.60 -19.30
N TYR C 159 7.93 8.58 -19.20
CA TYR C 159 7.94 7.87 -17.98
C TYR C 159 9.24 8.15 -17.23
N GLY C 160 9.41 9.39 -16.83
CA GLY C 160 10.66 9.79 -16.18
C GLY C 160 10.55 10.20 -14.73
N HIS C 161 11.25 11.26 -14.36
CA HIS C 161 11.16 11.73 -12.99
C HIS C 161 9.69 11.97 -12.58
N ILE C 162 8.95 12.72 -13.39
CA ILE C 162 7.61 13.13 -13.02
C ILE C 162 6.58 12.07 -13.34
N GLY C 163 6.66 11.57 -14.56
CA GLY C 163 5.87 10.42 -14.87
C GLY C 163 5.94 9.33 -13.81
N THR C 164 7.14 8.91 -13.39
CA THR C 164 7.18 7.79 -12.45
C THR C 164 6.36 8.18 -11.25
N GLN C 165 6.73 9.34 -10.67
CA GLN C 165 6.08 9.83 -9.48
C GLN C 165 4.61 10.00 -9.72
N LEU C 166 4.20 10.53 -10.88
CA LEU C 166 2.76 10.68 -11.17
C LEU C 166 2.00 9.36 -11.01
N GLY C 167 2.51 8.32 -11.67
CA GLY C 167 1.93 6.98 -11.52
C GLY C 167 1.90 6.41 -10.10
N ILE C 168 2.88 6.72 -9.24
CA ILE C 168 2.80 6.22 -7.87
C ILE C 168 1.58 6.77 -7.10
N LEU C 169 1.39 8.09 -7.18
CA LEU C 169 0.28 8.73 -6.52
C LEU C 169 -0.99 8.21 -7.12
N ALA C 170 -1.02 8.09 -8.45
CA ALA C 170 -2.22 7.59 -9.12
C ALA C 170 -2.59 6.17 -8.66
N GLU C 171 -1.58 5.35 -8.35
CA GLU C 171 -1.91 4.02 -7.88
C GLU C 171 -2.40 4.13 -6.46
N SER C 172 -1.79 4.99 -5.64
CA SER C 172 -2.32 5.24 -4.29
C SER C 172 -3.85 5.46 -4.30
N LEU C 173 -4.36 6.05 -5.38
CA LEU C 173 -5.77 6.37 -5.50
C LEU C 173 -6.58 5.29 -6.27
N GLY C 174 -5.98 4.16 -6.54
CA GLY C 174 -6.69 3.14 -7.29
C GLY C 174 -6.90 3.34 -8.80
N MET C 175 -6.04 4.11 -9.46
CA MET C 175 -6.10 4.18 -10.93
C MET C 175 -5.25 3.08 -11.56
N TYR C 176 -5.61 2.71 -12.77
CA TYR C 176 -4.80 1.82 -13.57
C TYR C 176 -3.82 2.68 -14.33
N VAL C 177 -2.56 2.26 -14.29
CA VAL C 177 -1.52 3.15 -14.78
C VAL C 177 -0.78 2.57 -15.96
N TYR C 178 -0.85 3.27 -17.08
CA TYR C 178 -0.18 2.84 -18.29
C TYR C 178 0.72 3.98 -18.75
N PHE C 179 1.91 3.65 -19.24
CA PHE C 179 2.78 4.66 -19.89
C PHE C 179 3.36 4.28 -21.21
N TYR C 180 3.65 5.31 -22.00
CA TYR C 180 4.30 5.16 -23.26
C TYR C 180 5.55 6.00 -23.24
N ASP C 181 6.70 5.39 -23.47
CA ASP C 181 7.93 6.14 -23.51
C ASP C 181 8.75 5.77 -24.79
N ILE C 182 9.62 6.64 -25.31
CA ILE C 182 10.40 6.21 -26.47
C ILE C 182 11.50 5.22 -26.08
N GLU C 183 11.88 5.22 -24.81
CA GLU C 183 12.84 4.25 -24.35
C GLU C 183 12.13 3.23 -23.41
N ASN C 184 12.75 2.07 -23.17
CA ASN C 184 12.15 0.99 -22.35
C ASN C 184 12.32 1.21 -20.84
N LYS C 185 11.21 1.32 -20.12
CA LYS C 185 11.40 1.65 -18.70
C LYS C 185 10.91 0.53 -17.80
N LEU C 186 11.57 0.41 -16.65
CA LEU C 186 11.13 -0.47 -15.58
C LEU C 186 9.93 0.20 -14.92
N PRO C 187 8.74 -0.46 -14.98
CA PRO C 187 7.52 0.10 -14.44
C PRO C 187 7.53 0.02 -12.95
N LEU C 188 7.14 1.10 -12.28
CA LEU C 188 6.96 1.11 -10.83
C LEU C 188 5.54 0.67 -10.40
N GLY C 189 5.47 0.06 -9.22
CA GLY C 189 4.20 -0.36 -8.68
C GLY C 189 3.66 -1.30 -9.70
N ASN C 190 2.38 -1.14 -10.07
CA ASN C 190 1.77 -2.01 -11.06
C ASN C 190 1.67 -1.34 -12.42
N ALA C 191 2.47 -0.28 -12.61
CA ALA C 191 2.48 0.46 -13.86
C ALA C 191 2.74 -0.48 -15.03
N THR C 192 2.05 -0.25 -16.16
CA THR C 192 2.25 -1.03 -17.38
C THR C 192 2.73 -0.18 -18.57
N GLN C 193 3.92 -0.49 -19.13
CA GLN C 193 4.38 0.13 -20.36
C GLN C 193 3.58 -0.32 -21.60
N VAL C 194 3.00 0.63 -22.35
CA VAL C 194 2.29 0.35 -23.60
C VAL C 194 3.19 0.65 -24.80
N GLN C 195 3.47 -0.34 -25.64
CA GLN C 195 4.52 -0.16 -26.68
C GLN C 195 4.18 0.78 -27.86
N HIS C 196 2.91 0.81 -28.27
CA HIS C 196 2.46 1.72 -29.33
C HIS C 196 1.61 2.84 -28.73
N LEU C 197 2.06 4.08 -28.91
CA LEU C 197 1.41 5.27 -28.36
C LEU C 197 -0.09 5.32 -28.69
N SER C 198 -0.47 4.76 -29.83
CA SER C 198 -1.89 4.72 -30.18
C SER C 198 -2.75 3.78 -29.30
N ASP C 199 -2.19 2.72 -28.75
CA ASP C 199 -3.07 1.95 -27.88
C ASP C 199 -3.30 2.76 -26.63
N LEU C 200 -2.23 3.43 -26.17
CA LEU C 200 -2.32 4.22 -24.96
C LEU C 200 -3.30 5.35 -25.12
N LEU C 201 -3.32 6.02 -26.25
CA LEU C 201 -4.27 7.09 -26.41
C LEU C 201 -5.63 6.44 -26.47
N ASN C 202 -5.66 5.17 -26.87
CA ASN C 202 -6.94 4.52 -27.07
C ASN C 202 -7.67 4.10 -25.78
N MET C 203 -6.90 3.65 -24.78
CA MET C 203 -7.44 3.05 -23.55
C MET C 203 -7.69 4.09 -22.44
N SER C 204 -6.95 5.20 -22.48
CA SER C 204 -6.79 6.10 -21.33
C SER C 204 -7.95 7.03 -21.16
N ASP C 205 -8.33 7.24 -19.92
CA ASP C 205 -9.41 8.13 -19.55
C ASP C 205 -8.83 9.55 -19.38
N VAL C 206 -7.66 9.62 -18.79
CA VAL C 206 -6.88 10.83 -18.67
C VAL C 206 -5.51 10.51 -19.25
N VAL C 207 -4.96 11.44 -20.05
CA VAL C 207 -3.59 11.32 -20.60
C VAL C 207 -2.79 12.53 -20.13
N SER C 208 -1.65 12.34 -19.44
CA SER C 208 -0.92 13.47 -18.94
C SER C 208 0.45 13.52 -19.57
N LEU C 209 0.80 14.67 -20.16
CA LEU C 209 2.07 14.81 -20.85
C LEU C 209 3.27 15.13 -19.94
N HIS C 210 4.34 14.36 -20.04
CA HIS C 210 5.53 14.66 -19.23
C HIS C 210 6.84 14.43 -19.94
N VAL C 211 6.94 15.03 -21.13
CA VAL C 211 8.07 14.78 -22.03
C VAL C 211 9.00 16.01 -22.14
N PRO C 212 10.22 15.85 -22.69
CA PRO C 212 11.00 17.07 -22.87
C PRO C 212 10.53 17.89 -24.05
N GLU C 213 11.23 18.99 -24.30
CA GLU C 213 11.03 19.80 -25.47
C GLU C 213 12.10 19.52 -26.50
N ASN C 214 11.64 19.34 -27.73
CA ASN C 214 12.50 18.93 -28.83
C ASN C 214 11.69 18.41 -30.03
N PRO C 215 12.37 18.27 -31.17
CA PRO C 215 11.65 17.90 -32.38
C PRO C 215 10.76 16.64 -32.20
N SER C 216 11.23 15.66 -31.44
CA SER C 216 10.44 14.45 -31.28
C SER C 216 9.14 14.76 -30.55
N THR C 217 9.15 15.75 -29.66
CA THR C 217 7.90 16.12 -28.95
C THR C 217 7.07 17.20 -29.64
N LYS C 218 7.64 17.92 -30.60
CA LYS C 218 6.99 19.15 -31.03
C LYS C 218 5.63 18.87 -31.73
N ASN C 219 4.54 19.30 -31.13
CA ASN C 219 3.19 19.02 -31.64
C ASN C 219 2.91 17.53 -31.69
N MET C 220 3.70 16.76 -30.98
CA MET C 220 3.48 15.31 -30.91
C MET C 220 2.07 14.91 -30.51
N MET C 221 1.31 15.84 -29.91
CA MET C 221 -0.15 15.60 -29.69
C MET C 221 -1.02 16.49 -30.55
N GLY C 222 -1.36 15.99 -31.73
CA GLY C 222 -2.07 16.77 -32.73
C GLY C 222 -3.48 16.27 -33.00
N ALA C 223 -4.06 16.69 -34.10
CA ALA C 223 -5.42 16.29 -34.36
C ALA C 223 -5.50 14.76 -34.51
N LYS C 224 -4.48 14.16 -35.11
CA LYS C 224 -4.54 12.73 -35.29
C LYS C 224 -4.62 12.09 -33.89
N GLU C 225 -3.63 12.46 -33.06
CA GLU C 225 -3.49 11.91 -31.72
C GLU C 225 -4.69 12.24 -30.85
N ILE C 226 -5.22 13.43 -30.96
CA ILE C 226 -6.41 13.76 -30.18
C ILE C 226 -7.60 12.84 -30.52
N SER C 227 -7.77 12.51 -31.80
CA SER C 227 -8.91 11.66 -32.15
C SER C 227 -8.65 10.21 -31.76
N LEU C 228 -7.39 9.83 -31.58
CA LEU C 228 -7.17 8.46 -31.16
C LEU C 228 -7.65 8.34 -29.73
N MET C 229 -7.84 9.50 -29.11
CA MET C 229 -8.22 9.61 -27.72
C MET C 229 -9.67 9.10 -27.45
N LYS C 230 -9.84 8.45 -26.32
CA LYS C 230 -11.12 7.92 -25.89
C LYS C 230 -12.24 8.99 -25.80
N PRO C 231 -13.39 8.73 -26.42
CA PRO C 231 -14.51 9.67 -26.20
C PRO C 231 -14.76 10.08 -24.72
N GLY C 232 -14.91 11.39 -24.53
CA GLY C 232 -15.17 11.95 -23.20
C GLY C 232 -13.98 11.84 -22.28
N SER C 233 -12.77 11.66 -22.84
CA SER C 233 -11.53 11.65 -22.07
C SER C 233 -11.01 13.07 -21.79
N LEU C 234 -9.87 13.14 -21.10
CA LEU C 234 -9.32 14.36 -20.58
C LEU C 234 -7.83 14.47 -20.88
N LEU C 235 -7.37 15.61 -21.38
CA LEU C 235 -5.91 15.85 -21.59
C LEU C 235 -5.33 16.84 -20.58
N ILE C 236 -4.11 16.57 -20.21
CA ILE C 236 -3.40 17.38 -19.25
C ILE C 236 -1.94 17.59 -19.69
N ASN C 237 -1.55 18.83 -19.91
CA ASN C 237 -0.16 19.07 -20.29
C ASN C 237 0.46 20.12 -19.41
N ALA C 238 1.35 19.63 -18.59
CA ALA C 238 2.15 20.45 -17.73
C ALA C 238 3.62 20.10 -18.05
N SER C 239 3.88 19.66 -19.25
CA SER C 239 5.28 19.47 -19.65
C SER C 239 5.79 20.76 -20.25
N ARG C 240 5.60 20.91 -21.56
CA ARG C 240 6.12 22.07 -22.23
C ARG C 240 5.04 22.70 -23.12
N GLY C 241 5.23 23.96 -23.51
CA GLY C 241 4.26 24.67 -24.33
C GLY C 241 4.14 24.21 -25.78
N THR C 242 5.15 23.53 -26.30
CA THR C 242 5.14 23.18 -27.73
C THR C 242 4.54 21.84 -28.07
N VAL C 243 4.23 21.05 -27.06
CA VAL C 243 3.87 19.64 -27.28
C VAL C 243 2.41 19.42 -27.74
N VAL C 244 1.52 20.36 -27.44
CA VAL C 244 0.14 20.21 -27.90
C VAL C 244 -0.31 21.30 -28.87
N ASP C 245 -1.03 20.86 -29.90
CA ASP C 245 -1.65 21.69 -30.89
C ASP C 245 -2.93 22.27 -30.28
N ILE C 246 -2.83 23.46 -29.73
CA ILE C 246 -3.89 23.98 -28.90
C ILE C 246 -5.18 24.14 -29.69
N PRO C 247 -5.06 24.63 -30.93
CA PRO C 247 -6.27 24.77 -31.73
C PRO C 247 -6.91 23.41 -32.07
N ALA C 248 -6.10 22.36 -32.23
CA ALA C 248 -6.67 20.98 -32.34
C ALA C 248 -7.46 20.55 -31.07
N LEU C 249 -6.83 20.76 -29.93
CA LEU C 249 -7.45 20.47 -28.67
C LEU C 249 -8.68 21.34 -28.57
N ALA C 250 -8.55 22.61 -28.94
CA ALA C 250 -9.74 23.48 -28.85
C ALA C 250 -10.86 22.95 -29.72
N ASP C 251 -10.51 22.25 -30.81
CA ASP C 251 -11.59 21.79 -31.69
C ASP C 251 -12.21 20.56 -31.09
N ALA C 252 -11.36 19.72 -30.53
CA ALA C 252 -11.83 18.48 -29.95
C ALA C 252 -12.64 18.81 -28.71
N LEU C 253 -12.32 19.93 -28.07
CA LEU C 253 -13.09 20.38 -26.91
C LEU C 253 -14.46 20.85 -27.35
N ALA C 254 -14.49 21.76 -28.32
CA ALA C 254 -15.73 22.24 -28.99
C ALA C 254 -16.68 21.11 -29.45
N SER C 255 -16.10 20.05 -30.02
CA SER C 255 -16.86 18.91 -30.55
C SER C 255 -17.22 17.85 -29.50
N LYS C 256 -16.63 17.94 -28.30
CA LYS C 256 -16.92 17.05 -27.17
C LYS C 256 -16.30 15.68 -27.30
N HIS C 257 -15.53 15.48 -28.35
CA HIS C 257 -14.68 14.29 -28.39
C HIS C 257 -13.97 14.18 -27.06
N LEU C 258 -13.55 15.33 -26.50
CA LEU C 258 -12.97 15.41 -25.14
C LEU C 258 -13.88 16.08 -24.14
N ALA C 259 -13.73 15.67 -22.87
CA ALA C 259 -14.57 16.18 -21.79
C ALA C 259 -13.94 17.41 -21.13
N GLY C 260 -12.61 17.51 -21.17
CA GLY C 260 -11.96 18.69 -20.61
C GLY C 260 -10.47 18.62 -20.72
N ALA C 261 -9.77 19.61 -20.19
CA ALA C 261 -8.32 19.57 -20.28
C ALA C 261 -7.70 20.44 -19.20
N ALA C 262 -6.39 20.33 -18.99
CA ALA C 262 -5.70 21.20 -18.04
C ALA C 262 -4.39 21.54 -18.65
N ILE C 263 -4.19 22.80 -18.99
CA ILE C 263 -2.96 23.21 -19.64
C ILE C 263 -2.27 24.21 -18.73
N ASP C 264 -1.09 23.88 -18.30
CA ASP C 264 -0.31 24.83 -17.51
C ASP C 264 0.73 25.57 -18.39
N VAL C 265 0.95 25.08 -19.60
CA VAL C 265 1.98 25.64 -20.46
C VAL C 265 1.48 25.91 -21.87
N PHE C 266 2.16 26.81 -22.56
CA PHE C 266 1.61 27.43 -23.76
C PHE C 266 2.71 27.77 -24.77
N PRO C 267 2.39 27.72 -26.05
CA PRO C 267 3.38 28.11 -27.07
C PRO C 267 3.89 29.54 -26.80
N THR C 268 2.97 30.46 -26.55
CA THR C 268 3.36 31.81 -26.15
C THR C 268 2.82 32.24 -24.77
N GLU C 269 3.75 32.57 -23.90
CA GLU C 269 3.45 32.94 -22.53
C GLU C 269 3.90 34.39 -22.33
N PRO C 270 3.12 35.16 -21.55
CA PRO C 270 3.43 36.52 -21.16
C PRO C 270 4.80 36.58 -20.54
N ALA C 271 5.54 37.67 -20.77
CA ALA C 271 6.85 37.82 -20.17
C ALA C 271 6.75 38.05 -18.65
N THR C 272 5.70 38.73 -18.20
CA THR C 272 5.55 39.05 -16.78
C THR C 272 4.10 38.97 -16.32
N ASN C 273 3.89 38.90 -15.02
CA ASN C 273 2.52 38.88 -14.53
C ASN C 273 1.72 40.12 -14.88
N SER C 274 2.33 41.03 -15.63
CA SER C 274 1.64 42.25 -16.12
C SER C 274 1.11 42.13 -17.56
N ASP C 275 1.65 41.21 -18.33
CA ASP C 275 1.26 41.09 -19.71
C ASP C 275 0.01 40.23 -19.81
N PRO C 276 -0.91 40.57 -20.72
CA PRO C 276 -2.12 39.74 -20.88
C PRO C 276 -1.73 38.38 -21.49
N PHE C 277 -2.63 37.41 -21.30
CA PHE C 277 -2.53 36.04 -21.71
C PHE C 277 -3.78 35.80 -22.54
N THR C 278 -3.62 35.12 -23.66
CA THR C 278 -4.76 34.79 -24.51
C THR C 278 -4.60 33.36 -25.01
N SER C 279 -5.75 32.75 -25.22
CA SER C 279 -5.76 31.39 -25.64
C SER C 279 -7.12 31.13 -26.17
N PRO C 280 -7.17 30.33 -27.22
CA PRO C 280 -8.48 29.97 -27.66
C PRO C 280 -9.05 28.99 -26.63
N LEU C 281 -8.22 28.43 -25.74
CA LEU C 281 -8.79 27.68 -24.57
C LEU C 281 -9.57 28.55 -23.54
N ALA C 282 -9.22 29.82 -23.38
CA ALA C 282 -9.98 30.74 -22.53
C ALA C 282 -11.51 30.66 -22.67
N GLU C 283 -11.98 30.30 -23.85
CA GLU C 283 -13.43 30.25 -24.11
C GLU C 283 -14.20 29.11 -23.37
N PHE C 284 -13.45 28.10 -22.92
CA PHE C 284 -14.02 26.86 -22.39
C PHE C 284 -13.94 26.72 -20.90
N ASP C 285 -15.10 26.79 -20.24
CA ASP C 285 -15.17 26.61 -18.79
C ASP C 285 -14.70 25.25 -18.30
N ASN C 286 -14.71 24.24 -19.15
CA ASN C 286 -14.34 22.90 -18.73
C ASN C 286 -12.88 22.56 -18.90
N VAL C 287 -12.06 23.61 -19.06
CA VAL C 287 -10.58 23.50 -19.19
C VAL C 287 -9.92 24.24 -18.02
N LEU C 288 -8.98 23.62 -17.34
CA LEU C 288 -8.17 24.42 -16.44
C LEU C 288 -6.98 24.94 -17.15
N LEU C 289 -6.79 26.24 -16.99
CA LEU C 289 -5.63 26.95 -17.50
C LEU C 289 -4.83 27.52 -16.31
N THR C 290 -3.54 27.24 -16.26
CA THR C 290 -2.74 27.66 -15.12
C THR C 290 -1.47 28.37 -15.55
N PRO C 291 -1.11 29.47 -14.87
CA PRO C 291 -0.03 30.29 -15.42
C PRO C 291 1.33 29.65 -15.26
N HIS C 292 1.53 28.49 -15.86
CA HIS C 292 2.84 27.81 -15.84
C HIS C 292 3.35 27.65 -14.40
N ILE C 293 2.42 27.23 -13.53
CA ILE C 293 2.76 27.03 -12.13
C ILE C 293 2.89 25.56 -11.67
N GLY C 294 3.03 24.66 -12.65
CA GLY C 294 3.42 23.25 -12.40
C GLY C 294 4.45 23.02 -11.28
N GLY C 295 5.54 23.77 -11.27
CA GLY C 295 6.53 23.53 -10.24
C GLY C 295 6.57 24.65 -9.21
N SER C 296 5.57 25.53 -9.19
CA SER C 296 5.60 26.69 -8.30
C SER C 296 5.05 26.42 -6.93
N THR C 297 5.85 25.84 -6.03
CA THR C 297 5.37 25.65 -4.66
C THR C 297 6.46 26.08 -3.74
N GLN C 298 6.23 26.07 -2.45
CA GLN C 298 7.32 26.46 -1.60
C GLN C 298 8.23 25.27 -1.36
N GLU C 299 7.69 24.05 -1.40
CA GLU C 299 8.52 22.89 -1.13
C GLU C 299 9.47 22.76 -2.29
N ALA C 300 8.97 23.07 -3.48
CA ALA C 300 9.79 22.96 -4.67
C ALA C 300 10.93 23.99 -4.60
N GLN C 301 10.57 25.24 -4.35
CA GLN C 301 11.56 26.31 -4.12
C GLN C 301 12.62 25.97 -3.04
N GLU C 302 12.26 25.09 -2.12
CA GLU C 302 13.18 24.66 -1.06
C GLU C 302 14.05 23.49 -1.52
N ASN C 303 13.49 22.58 -2.32
CA ASN C 303 14.29 21.58 -3.01
C ASN C 303 15.37 22.35 -3.76
N ILE C 304 14.94 23.31 -4.56
CA ILE C 304 15.86 24.09 -5.37
C ILE C 304 16.95 24.75 -4.50
N GLY C 305 16.57 25.36 -3.40
CA GLY C 305 17.55 26.11 -2.61
C GLY C 305 18.64 25.20 -2.14
N LEU C 306 18.26 24.03 -1.59
CA LEU C 306 19.19 23.00 -1.22
C LEU C 306 20.07 22.49 -2.39
N GLU C 307 19.45 22.09 -3.51
CA GLU C 307 20.22 21.44 -4.54
C GLU C 307 21.27 22.44 -5.00
N VAL C 308 20.79 23.59 -5.47
CA VAL C 308 21.69 24.59 -6.07
C VAL C 308 22.73 25.28 -5.14
N ALA C 309 22.34 25.63 -3.93
CA ALA C 309 23.34 25.97 -2.91
C ALA C 309 24.38 24.86 -2.70
N GLY C 310 23.92 23.65 -2.43
CA GLY C 310 24.86 22.55 -2.19
C GLY C 310 25.90 22.55 -3.32
N LYS C 311 25.44 22.69 -4.56
CA LYS C 311 26.34 22.52 -5.66
C LYS C 311 27.41 23.61 -5.68
N LEU C 312 26.97 24.88 -5.61
CA LEU C 312 27.92 26.01 -5.59
C LEU C 312 28.84 25.90 -4.39
N ILE C 313 28.34 25.35 -3.30
CA ILE C 313 29.18 25.09 -2.14
C ILE C 313 30.21 24.05 -2.52
N LYS C 314 29.73 22.89 -2.98
CA LYS C 314 30.63 21.82 -3.34
C LYS C 314 31.72 22.30 -4.33
N TYR C 315 31.40 23.23 -5.19
CA TYR C 315 32.35 23.55 -6.21
C TYR C 315 33.42 24.42 -5.60
N SER C 316 32.95 25.38 -4.80
CA SER C 316 33.85 26.27 -4.13
C SER C 316 34.78 25.53 -3.17
N ASP C 317 34.35 24.39 -2.62
CA ASP C 317 35.09 23.65 -1.58
C ASP C 317 35.97 22.52 -2.12
N ASN C 318 35.53 21.90 -3.22
CA ASN C 318 36.17 20.69 -3.74
C ASN C 318 36.27 20.60 -5.26
N GLY C 319 35.95 21.68 -5.97
CA GLY C 319 36.14 21.71 -7.41
C GLY C 319 35.04 21.09 -8.24
N SER C 320 34.10 20.42 -7.60
CA SER C 320 33.20 19.58 -8.36
C SER C 320 32.41 20.37 -9.37
N THR C 321 32.54 20.01 -10.65
CA THR C 321 31.62 20.57 -11.66
C THR C 321 30.67 19.52 -12.15
N LEU C 322 30.68 18.40 -11.45
CA LEU C 322 29.71 17.37 -11.68
C LEU C 322 28.38 18.11 -11.86
N SER C 323 27.75 18.05 -13.02
CA SER C 323 26.41 18.65 -13.15
C SER C 323 26.34 19.98 -13.92
N ALA C 324 27.41 20.73 -13.93
CA ALA C 324 27.46 21.95 -14.74
C ALA C 324 26.74 21.76 -16.07
N VAL C 325 26.06 22.79 -16.54
CA VAL C 325 25.37 22.63 -17.80
C VAL C 325 26.15 23.25 -18.95
N ASN C 326 27.28 23.88 -18.68
CA ASN C 326 28.02 24.56 -19.77
C ASN C 326 29.53 24.31 -19.64
N PHE C 327 29.89 23.39 -18.77
CA PHE C 327 31.26 23.25 -18.42
C PHE C 327 31.71 21.79 -18.33
N PRO C 328 32.96 21.54 -18.64
CA PRO C 328 33.42 20.17 -18.44
C PRO C 328 33.08 19.66 -17.00
N GLU C 329 32.68 18.40 -16.88
CA GLU C 329 32.31 17.87 -15.59
C GLU C 329 33.44 17.09 -14.98
N VAL C 330 33.89 17.53 -13.81
CA VAL C 330 34.94 16.86 -13.07
C VAL C 330 34.56 16.57 -11.62
N SER C 331 35.00 15.44 -11.07
CA SER C 331 34.80 15.19 -9.64
C SER C 331 35.78 14.17 -9.11
N LEU C 332 36.41 14.49 -7.98
CA LEU C 332 37.25 13.50 -7.33
C LEU C 332 36.90 13.31 -5.87
N PRO C 333 36.71 12.06 -5.45
CA PRO C 333 36.43 11.79 -4.02
C PRO C 333 37.52 12.40 -3.19
N LEU C 334 37.30 12.51 -1.90
CA LEU C 334 38.31 13.06 -1.05
C LEU C 334 39.21 11.94 -0.57
N HIS C 335 40.52 12.20 -0.56
CA HIS C 335 41.38 11.71 0.55
C HIS C 335 42.70 12.43 0.69
N VAL C 336 43.48 11.94 1.68
CA VAL C 336 44.65 12.63 2.26
C VAL C 336 45.46 13.57 1.34
N GLY C 337 45.66 14.82 1.78
CA GLY C 337 46.51 15.74 1.04
C GLY C 337 45.89 17.10 0.82
N ARG C 338 46.36 17.77 -0.21
CA ARG C 338 45.88 19.09 -0.60
C ARG C 338 45.45 18.88 -2.06
N ARG C 339 44.66 19.83 -2.59
CA ARG C 339 43.97 19.73 -3.86
C ARG C 339 43.94 21.04 -4.66
N LEU C 340 44.52 20.98 -5.86
CA LEU C 340 44.47 22.07 -6.83
C LEU C 340 43.41 21.92 -7.93
N MET C 341 42.97 23.04 -8.52
CA MET C 341 42.16 23.01 -9.72
C MET C 341 42.72 24.02 -10.70
N HIS C 342 42.42 23.88 -11.98
CA HIS C 342 43.03 24.72 -13.01
C HIS C 342 42.14 24.77 -14.26
N ILE C 343 41.64 25.96 -14.58
CA ILE C 343 40.87 26.21 -15.79
C ILE C 343 41.71 26.92 -16.85
N HIS C 344 41.71 26.37 -18.06
CA HIS C 344 42.48 26.90 -19.20
C HIS C 344 41.87 26.67 -20.54
N GLU C 345 42.04 27.65 -21.40
CA GLU C 345 41.90 27.42 -22.79
C GLU C 345 42.81 26.26 -23.03
N ASN C 346 42.39 25.35 -23.88
CA ASN C 346 43.23 24.22 -24.23
C ASN C 346 44.35 24.67 -25.18
N ARG C 347 45.53 24.93 -24.68
CA ARG C 347 46.58 25.46 -25.56
C ARG C 347 47.71 24.51 -25.73
N PRO C 348 48.41 24.60 -26.86
CA PRO C 348 49.42 23.56 -26.88
C PRO C 348 50.27 23.68 -25.61
N GLY C 349 50.40 22.58 -24.87
CA GLY C 349 51.44 22.50 -23.89
C GLY C 349 51.02 22.67 -22.45
N VAL C 350 49.72 22.89 -22.21
CA VAL C 350 49.24 23.06 -20.82
C VAL C 350 49.56 21.92 -19.82
N LEU C 351 49.20 20.70 -20.18
CA LEU C 351 49.40 19.55 -19.32
C LEU C 351 50.87 19.24 -19.17
N THR C 352 51.65 19.69 -20.15
CA THR C 352 53.07 19.53 -20.08
C THR C 352 53.63 20.46 -19.05
N ALA C 353 53.20 21.73 -19.05
CA ALA C 353 53.63 22.70 -18.02
C ALA C 353 53.23 22.26 -16.62
N LEU C 354 51.94 21.92 -16.46
CA LEU C 354 51.44 21.30 -15.25
C LEU C 354 52.38 20.27 -14.70
N ASN C 355 52.76 19.32 -15.51
CA ASN C 355 53.59 18.27 -14.96
C ASN C 355 55.04 18.72 -14.76
N LYS C 356 55.52 19.61 -15.63
CA LYS C 356 56.88 20.18 -15.48
C LYS C 356 57.03 20.83 -14.12
N ILE C 357 56.10 21.72 -13.80
CA ILE C 357 56.00 22.36 -12.49
C ILE C 357 56.07 21.35 -11.33
N PHE C 358 55.09 20.46 -11.27
CA PHE C 358 55.04 19.51 -10.18
C PHE C 358 56.40 18.89 -10.01
N ALA C 359 57.07 18.51 -11.09
CA ALA C 359 58.45 18.03 -10.94
C ALA C 359 59.52 19.12 -10.71
N GLU C 360 59.26 20.37 -11.09
CA GLU C 360 60.17 21.41 -10.64
C GLU C 360 60.15 21.38 -9.10
N GLN C 361 58.96 21.60 -8.54
CA GLN C 361 58.76 21.70 -7.08
C GLN C 361 58.83 20.37 -6.34
N GLY C 362 58.94 19.27 -7.10
CA GLY C 362 59.08 17.94 -6.49
C GLY C 362 57.82 17.25 -6.00
N VAL C 363 56.68 17.56 -6.59
CA VAL C 363 55.39 17.13 -6.04
C VAL C 363 54.87 15.87 -6.72
N ASN C 364 54.45 14.94 -5.88
CA ASN C 364 53.91 13.65 -6.30
C ASN C 364 52.38 13.68 -6.45
N ILE C 365 51.89 13.32 -7.64
CA ILE C 365 50.46 13.48 -7.98
C ILE C 365 49.70 12.27 -7.47
N ALA C 366 48.69 12.47 -6.64
CA ALA C 366 47.90 11.35 -6.12
C ALA C 366 46.76 10.96 -7.04
N ALA C 367 46.17 11.96 -7.70
CA ALA C 367 44.96 11.75 -8.48
C ALA C 367 44.85 13.01 -9.28
N GLN C 368 44.18 12.92 -10.43
CA GLN C 368 44.09 14.00 -11.44
C GLN C 368 42.96 13.62 -12.34
N TYR C 369 42.07 14.59 -12.60
CA TYR C 369 40.90 14.39 -13.45
C TYR C 369 40.75 15.61 -14.31
N LEU C 370 40.97 15.44 -15.62
CA LEU C 370 40.89 16.49 -16.60
C LEU C 370 39.74 16.19 -17.50
N GLN C 371 38.95 17.19 -17.86
CA GLN C 371 37.91 16.95 -18.85
C GLN C 371 37.87 18.14 -19.78
N THR C 372 37.28 18.02 -20.95
CA THR C 372 37.33 19.19 -21.80
C THR C 372 36.07 19.36 -22.54
N SER C 373 35.65 20.60 -22.73
CA SER C 373 34.67 20.72 -23.73
C SER C 373 35.35 21.15 -24.99
N ALA C 374 35.10 22.30 -25.55
CA ALA C 374 35.66 22.45 -26.87
C ALA C 374 37.09 22.97 -26.68
N GLN C 375 37.18 24.27 -26.50
CA GLN C 375 38.45 24.93 -26.29
C GLN C 375 38.69 25.07 -24.82
N MET C 376 37.72 24.67 -24.03
CA MET C 376 37.81 24.83 -22.59
C MET C 376 38.28 23.53 -21.91
N GLY C 377 39.12 23.62 -20.89
CA GLY C 377 39.57 22.45 -20.13
C GLY C 377 39.73 22.73 -18.63
N TYR C 378 39.54 21.69 -17.79
CA TYR C 378 39.40 21.85 -16.35
C TYR C 378 40.04 20.65 -15.74
N VAL C 379 41.03 20.87 -14.89
CA VAL C 379 41.71 19.74 -14.30
C VAL C 379 41.85 19.96 -12.81
N VAL C 380 41.60 18.91 -12.07
CA VAL C 380 41.55 18.97 -10.62
C VAL C 380 42.57 17.92 -10.16
N ILE C 381 43.49 18.32 -9.29
CA ILE C 381 44.69 17.55 -9.07
C ILE C 381 44.88 17.44 -7.59
N ASP C 382 44.82 16.23 -7.07
CA ASP C 382 45.16 15.96 -5.71
C ASP C 382 46.66 15.62 -5.76
N ILE C 383 47.39 16.08 -4.75
CA ILE C 383 48.85 16.00 -4.65
C ILE C 383 49.10 15.81 -3.14
N GLU C 384 50.20 15.17 -2.74
CA GLU C 384 50.51 15.05 -1.28
C GLU C 384 51.69 15.90 -0.90
N ALA C 385 51.44 16.91 -0.05
CA ALA C 385 52.48 17.89 0.32
C ALA C 385 52.02 19.06 1.20
N ASP C 386 53.02 19.82 1.67
CA ASP C 386 52.76 20.89 2.64
C ASP C 386 52.73 22.29 2.05
N GLU C 387 51.98 23.14 2.74
CA GLU C 387 51.45 24.38 2.17
C GLU C 387 52.46 25.30 1.47
N ASP C 388 53.76 25.13 1.70
CA ASP C 388 54.69 26.04 1.05
C ASP C 388 54.91 25.56 -0.37
N VAL C 389 55.04 24.24 -0.48
CA VAL C 389 55.19 23.58 -1.78
C VAL C 389 53.97 23.79 -2.64
N ALA C 390 52.81 23.58 -2.04
CA ALA C 390 51.57 23.84 -2.75
C ALA C 390 51.53 25.19 -3.41
N GLU C 391 51.64 26.26 -2.62
CA GLU C 391 51.37 27.59 -3.15
C GLU C 391 52.52 28.08 -3.95
N LYS C 392 53.64 27.37 -3.86
CA LYS C 392 54.75 27.58 -4.80
C LYS C 392 54.33 27.13 -6.21
N ALA C 393 53.70 25.96 -6.26
CA ALA C 393 53.19 25.37 -7.49
C ALA C 393 52.08 26.19 -8.11
N LEU C 394 51.04 26.48 -7.34
CA LEU C 394 49.92 27.23 -7.90
C LEU C 394 50.29 28.59 -8.53
N GLN C 395 51.41 29.19 -8.09
CA GLN C 395 51.76 30.48 -8.68
C GLN C 395 52.32 30.34 -10.06
N ALA C 396 53.04 29.24 -10.27
CA ALA C 396 53.48 28.84 -11.58
C ALA C 396 52.30 28.45 -12.49
N MET C 397 51.26 27.82 -11.91
CA MET C 397 50.10 27.41 -12.70
C MET C 397 49.40 28.58 -13.33
N LYS C 398 49.29 29.69 -12.63
CA LYS C 398 48.59 30.83 -13.24
C LYS C 398 49.39 31.41 -14.37
N ALA C 399 50.66 31.04 -14.49
CA ALA C 399 51.53 31.63 -15.51
C ALA C 399 51.46 30.91 -16.85
N ILE C 400 50.92 29.69 -16.84
CA ILE C 400 50.85 28.92 -18.05
C ILE C 400 49.99 29.60 -19.11
N PRO C 401 50.56 29.85 -20.30
CA PRO C 401 49.78 30.63 -21.28
C PRO C 401 48.49 29.86 -21.65
N GLY C 402 47.35 30.44 -21.32
CA GLY C 402 46.09 29.73 -21.41
C GLY C 402 45.32 29.77 -20.09
N THR C 403 46.02 29.66 -18.96
CA THR C 403 45.33 29.56 -17.66
C THR C 403 44.24 30.60 -17.55
N ILE C 404 43.11 30.22 -16.96
CA ILE C 404 41.99 31.17 -16.77
C ILE C 404 41.79 31.38 -15.27
N ARG C 405 42.12 30.38 -14.46
CA ARG C 405 41.86 30.41 -13.02
C ARG C 405 42.50 29.20 -12.45
N ALA C 406 43.31 29.35 -11.39
CA ALA C 406 43.81 28.18 -10.66
C ALA C 406 43.80 28.49 -9.17
N ARG C 407 43.44 27.50 -8.36
CA ARG C 407 43.20 27.76 -6.96
C ARG C 407 43.68 26.56 -6.17
N LEU C 408 44.34 26.85 -5.06
CA LEU C 408 44.65 25.80 -4.17
C LEU C 408 43.35 25.73 -3.40
N LEU C 409 42.55 24.71 -3.64
CA LEU C 409 41.26 24.60 -2.96
C LEU C 409 41.36 24.24 -1.47
N TYR C 410 42.17 23.24 -1.13
CA TYR C 410 42.31 22.91 0.27
C TYR C 410 43.68 22.38 0.76
N LYS D 8 -43.87 -13.97 -13.57
CA LYS D 8 -42.82 -12.96 -13.24
C LYS D 8 -42.77 -11.83 -14.30
N ASP D 9 -43.31 -12.09 -15.49
CA ASP D 9 -43.45 -11.04 -16.50
C ASP D 9 -44.66 -10.16 -16.24
N LYS D 10 -45.61 -10.64 -15.47
CA LYS D 10 -46.79 -9.81 -15.28
C LYS D 10 -46.52 -8.67 -14.28
N ILE D 11 -45.31 -8.61 -13.75
CA ILE D 11 -45.00 -7.57 -12.75
C ILE D 11 -44.32 -6.35 -13.39
N LYS D 12 -44.95 -5.19 -13.24
CA LYS D 12 -44.56 -3.95 -13.97
C LYS D 12 -43.78 -2.98 -13.09
N PHE D 13 -42.54 -2.70 -13.50
CA PHE D 13 -41.70 -1.66 -12.87
C PHE D 13 -41.65 -0.36 -13.69
N LEU D 14 -41.91 0.72 -13.00
CA LEU D 14 -41.77 2.03 -13.61
C LEU D 14 -40.55 2.76 -13.04
N LEU D 15 -39.46 2.79 -13.81
CA LEU D 15 -38.26 3.54 -13.45
C LEU D 15 -38.14 4.85 -14.22
N VAL D 16 -38.42 5.96 -13.55
CA VAL D 16 -38.35 7.27 -14.19
C VAL D 16 -37.05 7.97 -13.79
N GLU D 17 -36.59 8.89 -14.65
CA GLU D 17 -35.44 9.81 -14.41
C GLU D 17 -34.03 9.19 -14.56
N GLY D 18 -33.89 8.18 -15.41
CA GLY D 18 -32.58 7.59 -15.72
C GLY D 18 -31.78 7.07 -14.54
N VAL D 19 -32.33 6.08 -13.85
CA VAL D 19 -31.58 5.33 -12.86
C VAL D 19 -30.49 4.60 -13.64
N HIS D 20 -29.42 4.23 -12.96
CA HIS D 20 -28.30 3.61 -13.64
C HIS D 20 -28.70 2.28 -14.27
N GLN D 21 -28.08 1.92 -15.40
CA GLN D 21 -28.51 0.76 -16.18
C GLN D 21 -28.29 -0.55 -15.40
N LYS D 22 -27.51 -0.48 -14.33
CA LYS D 22 -27.28 -1.64 -13.44
C LYS D 22 -28.60 -1.95 -12.71
N ALA D 23 -29.44 -0.95 -12.53
CA ALA D 23 -30.77 -1.23 -11.98
C ALA D 23 -31.59 -2.15 -12.90
N LEU D 24 -31.53 -1.87 -14.19
CA LEU D 24 -32.26 -2.67 -15.16
C LEU D 24 -31.63 -4.06 -15.31
N GLU D 25 -30.28 -4.11 -15.40
CA GLU D 25 -29.50 -5.36 -15.52
C GLU D 25 -29.82 -6.36 -14.41
N SER D 26 -30.05 -5.83 -13.20
CA SER D 26 -30.45 -6.55 -11.98
C SER D 26 -31.89 -7.03 -11.99
N LEU D 27 -32.81 -6.18 -12.45
CA LEU D 27 -34.21 -6.60 -12.56
C LEU D 27 -34.29 -7.70 -13.62
N ARG D 28 -33.67 -7.45 -14.76
CA ARG D 28 -33.51 -8.52 -15.76
C ARG D 28 -32.89 -9.82 -15.15
N ALA D 29 -31.83 -9.70 -14.35
CA ALA D 29 -31.25 -10.92 -13.80
C ALA D 29 -32.28 -11.67 -12.97
N ALA D 30 -32.80 -11.01 -11.94
CA ALA D 30 -33.78 -11.61 -11.07
C ALA D 30 -35.07 -12.00 -11.82
N GLY D 31 -35.05 -11.96 -13.14
CA GLY D 31 -36.12 -12.50 -13.95
C GLY D 31 -37.32 -11.59 -14.09
N TYR D 32 -37.16 -10.33 -13.70
CA TYR D 32 -38.24 -9.35 -13.88
C TYR D 32 -38.13 -8.53 -15.18
N THR D 33 -38.80 -8.91 -16.25
CA THR D 33 -38.59 -8.20 -17.53
C THR D 33 -39.55 -7.06 -17.95
N ASN D 34 -40.74 -6.97 -17.35
CA ASN D 34 -41.65 -5.86 -17.69
C ASN D 34 -41.26 -4.48 -17.11
N ILE D 35 -40.45 -3.72 -17.87
CA ILE D 35 -39.88 -2.41 -17.46
C ILE D 35 -40.18 -1.19 -18.37
N GLU D 36 -40.96 -0.26 -17.85
CA GLU D 36 -41.20 1.00 -18.53
C GLU D 36 -40.11 2.01 -18.11
N PHE D 37 -39.00 2.06 -18.86
CA PHE D 37 -37.89 2.96 -18.50
C PHE D 37 -38.02 4.39 -19.01
N HIS D 38 -37.63 5.35 -18.20
CA HIS D 38 -37.69 6.76 -18.60
C HIS D 38 -36.46 7.57 -18.22
N LYS D 39 -35.68 7.94 -19.23
CA LYS D 39 -34.56 8.85 -19.08
C LYS D 39 -34.83 10.03 -18.17
N GLY D 40 -36.05 10.57 -18.17
CA GLY D 40 -36.34 11.78 -17.38
C GLY D 40 -37.65 11.72 -16.63
N ALA D 41 -38.09 12.84 -16.06
CA ALA D 41 -39.33 12.90 -15.26
C ALA D 41 -40.61 12.96 -16.09
N LEU D 42 -41.66 12.28 -15.64
CA LEU D 42 -42.93 12.38 -16.35
C LEU D 42 -43.75 13.58 -15.84
N ASP D 43 -44.41 14.29 -16.75
CA ASP D 43 -45.38 15.29 -16.34
C ASP D 43 -46.71 14.60 -15.98
N ASP D 44 -47.57 15.30 -15.22
CA ASP D 44 -48.65 14.67 -14.41
C ASP D 44 -49.66 13.71 -15.03
N GLU D 45 -49.70 13.65 -16.35
CA GLU D 45 -50.71 12.83 -17.01
C GLU D 45 -50.04 11.49 -17.33
N GLN D 46 -48.82 11.56 -17.86
CA GLN D 46 -48.04 10.38 -18.21
C GLN D 46 -47.79 9.58 -16.95
N LEU D 47 -47.25 10.23 -15.93
CA LEU D 47 -47.02 9.62 -14.65
C LEU D 47 -48.25 8.85 -14.19
N LYS D 48 -49.39 9.54 -14.20
CA LYS D 48 -50.67 8.94 -13.82
C LYS D 48 -51.01 7.72 -14.69
N GLU D 49 -50.57 7.74 -15.94
CA GLU D 49 -50.87 6.64 -16.87
C GLU D 49 -49.87 5.49 -16.80
N SER D 50 -48.60 5.79 -16.61
CA SER D 50 -47.60 4.72 -16.54
C SER D 50 -47.67 4.00 -15.21
N ILE D 51 -47.99 4.76 -14.16
CA ILE D 51 -48.00 4.25 -12.81
C ILE D 51 -49.33 3.57 -12.47
N ARG D 52 -50.37 3.94 -13.20
CA ARG D 52 -51.73 3.49 -12.87
C ARG D 52 -51.85 1.98 -12.81
N ASP D 53 -50.88 1.26 -13.37
CA ASP D 53 -50.87 -0.19 -13.20
C ASP D 53 -49.55 -0.72 -12.68
N ALA D 54 -48.67 0.15 -12.21
CA ALA D 54 -47.32 -0.28 -11.89
C ALA D 54 -47.33 -0.93 -10.52
N HIS D 55 -46.44 -1.92 -10.33
CA HIS D 55 -46.28 -2.62 -9.07
C HIS D 55 -45.20 -1.97 -8.27
N PHE D 56 -44.22 -1.49 -9.00
CA PHE D 56 -43.06 -0.91 -8.42
C PHE D 56 -42.66 0.28 -9.21
N ILE D 57 -42.58 1.39 -8.53
CA ILE D 57 -42.02 2.54 -9.15
C ILE D 57 -40.66 2.82 -8.51
N GLY D 58 -39.69 3.10 -9.37
CA GLY D 58 -38.38 3.59 -8.95
C GLY D 58 -38.18 4.99 -9.49
N LEU D 59 -38.10 5.97 -8.59
CA LEU D 59 -38.00 7.37 -8.96
C LEU D 59 -36.71 7.99 -8.44
N ARG D 60 -36.49 9.26 -8.78
CA ARG D 60 -35.35 9.99 -8.24
C ARG D 60 -35.81 11.21 -7.41
N SER D 61 -35.11 12.34 -7.46
CA SER D 61 -35.56 13.45 -6.61
C SER D 61 -36.55 14.40 -7.19
N ARG D 62 -36.78 14.35 -8.51
CA ARG D 62 -37.71 15.31 -9.13
C ARG D 62 -39.15 14.81 -9.10
N THR D 63 -39.37 13.50 -9.15
CA THR D 63 -40.74 12.99 -9.16
C THR D 63 -41.39 13.17 -7.78
N HIS D 64 -42.66 13.55 -7.77
CA HIS D 64 -43.39 13.62 -6.53
C HIS D 64 -44.46 12.58 -6.61
N LEU D 65 -44.36 11.60 -5.71
CA LEU D 65 -45.43 10.67 -5.50
C LEU D 65 -46.17 11.17 -4.29
N THR D 66 -47.22 11.93 -4.58
CA THR D 66 -48.14 12.55 -3.62
C THR D 66 -49.24 11.56 -3.28
N GLU D 67 -50.05 11.85 -2.26
CA GLU D 67 -51.16 10.96 -1.95
C GLU D 67 -51.97 10.73 -3.20
N ASP D 68 -52.41 11.82 -3.81
CA ASP D 68 -53.28 11.73 -4.97
C ASP D 68 -52.73 10.72 -5.99
N VAL D 69 -51.45 10.81 -6.35
CA VAL D 69 -50.88 9.87 -7.32
C VAL D 69 -50.75 8.48 -6.73
N ILE D 70 -50.18 8.40 -5.53
CA ILE D 70 -49.98 7.13 -4.88
C ILE D 70 -51.33 6.44 -4.82
N ASN D 71 -52.35 7.16 -4.31
CA ASN D 71 -53.70 6.61 -4.11
C ASN D 71 -54.39 6.03 -5.37
N ALA D 72 -54.27 6.72 -6.50
CA ALA D 72 -54.83 6.21 -7.73
C ALA D 72 -53.93 5.13 -8.34
N ALA D 73 -52.72 4.98 -7.78
CA ALA D 73 -51.78 3.94 -8.20
C ALA D 73 -52.31 2.56 -7.81
N GLU D 74 -52.96 1.92 -8.78
CA GLU D 74 -53.77 0.74 -8.51
C GLU D 74 -52.96 -0.51 -8.15
N LYS D 75 -51.99 -0.87 -8.97
CA LYS D 75 -51.35 -2.18 -8.80
C LYS D 75 -50.07 -2.14 -7.94
N LEU D 76 -49.79 -0.99 -7.35
CA LEU D 76 -48.44 -0.68 -6.82
C LEU D 76 -48.11 -1.23 -5.43
N VAL D 77 -46.97 -1.91 -5.33
CA VAL D 77 -46.61 -2.71 -4.14
C VAL D 77 -45.45 -2.15 -3.30
N ALA D 78 -44.46 -1.58 -3.96
CA ALA D 78 -43.39 -0.99 -3.22
C ALA D 78 -42.79 0.20 -3.96
N ILE D 79 -42.28 1.19 -3.21
CA ILE D 79 -41.60 2.35 -3.78
C ILE D 79 -40.06 2.36 -3.65
N GLY D 80 -39.39 2.69 -4.74
CA GLY D 80 -37.94 2.78 -4.72
C GLY D 80 -37.38 4.14 -5.10
N ALA D 81 -36.99 4.91 -4.08
CA ALA D 81 -36.11 6.07 -4.24
C ALA D 81 -34.65 5.68 -4.56
N PHE D 82 -34.24 5.88 -5.81
CA PHE D 82 -32.86 5.62 -6.20
C PHE D 82 -32.08 6.87 -5.93
N ALA D 83 -31.82 7.06 -4.65
CA ALA D 83 -31.35 8.35 -4.17
C ALA D 83 -31.23 8.23 -2.65
N ILE D 84 -31.03 9.34 -1.94
CA ILE D 84 -30.95 9.27 -0.49
C ILE D 84 -32.16 9.95 0.10
N GLY D 85 -32.68 10.95 -0.60
CA GLY D 85 -33.79 11.72 -0.05
C GLY D 85 -35.09 10.99 -0.26
N THR D 86 -36.03 11.15 0.67
CA THR D 86 -37.36 10.58 0.46
C THR D 86 -38.43 11.63 0.79
N ASN D 87 -38.02 12.88 0.64
CA ASN D 87 -38.87 13.98 0.98
C ASN D 87 -39.76 14.37 -0.18
N GLN D 88 -39.40 13.87 -1.36
CA GLN D 88 -40.28 13.98 -2.52
C GLN D 88 -41.35 12.87 -2.53
N VAL D 89 -41.30 11.98 -1.53
CA VAL D 89 -42.26 10.90 -1.48
C VAL D 89 -43.05 11.07 -0.25
N ASP D 90 -44.38 10.95 -0.37
CA ASP D 90 -45.28 10.99 0.78
C ASP D 90 -45.29 9.61 1.42
N LEU D 91 -44.50 9.48 2.48
CA LEU D 91 -44.28 8.20 3.06
C LEU D 91 -45.57 7.73 3.70
N ASP D 92 -46.24 8.61 4.42
CA ASP D 92 -47.50 8.20 5.03
C ASP D 92 -48.49 7.68 3.99
N ALA D 93 -48.82 8.48 2.99
CA ALA D 93 -49.86 8.00 2.10
C ALA D 93 -49.47 6.57 1.70
N ALA D 94 -48.17 6.31 1.66
CA ALA D 94 -47.67 5.05 1.13
C ALA D 94 -47.85 3.90 2.11
N ALA D 95 -47.54 4.13 3.37
CA ALA D 95 -47.83 3.14 4.41
C ALA D 95 -49.31 2.79 4.48
N LYS D 96 -50.17 3.81 4.57
CA LYS D 96 -51.60 3.59 4.74
C LYS D 96 -52.01 2.51 3.80
N ARG D 97 -51.55 2.61 2.56
CA ARG D 97 -51.91 1.65 1.56
C ARG D 97 -50.97 0.43 1.55
N GLY D 98 -50.21 0.24 2.63
CA GLY D 98 -49.25 -0.88 2.75
C GLY D 98 -48.14 -0.99 1.70
N ILE D 99 -47.57 0.16 1.33
CA ILE D 99 -46.52 0.25 0.33
C ILE D 99 -45.18 0.68 0.96
N PRO D 100 -44.22 -0.24 1.03
CA PRO D 100 -42.98 0.15 1.66
C PRO D 100 -42.14 1.05 0.76
N VAL D 101 -41.35 1.90 1.42
CA VAL D 101 -40.46 2.86 0.77
C VAL D 101 -39.00 2.60 1.10
N PHE D 102 -38.24 2.26 0.05
CA PHE D 102 -36.85 1.96 0.21
C PHE D 102 -36.03 3.14 -0.38
N ASN D 103 -34.74 3.20 -0.10
CA ASN D 103 -33.86 4.26 -0.60
C ASN D 103 -32.38 3.83 -0.43
N ALA D 104 -31.43 4.75 -0.61
CA ALA D 104 -30.00 4.37 -0.48
C ALA D 104 -29.11 5.23 0.47
N PRO D 105 -29.16 4.96 1.78
CA PRO D 105 -28.50 5.76 2.82
C PRO D 105 -27.06 6.23 2.55
N PHE D 106 -26.16 5.36 2.07
CA PHE D 106 -24.75 5.73 2.01
C PHE D 106 -24.06 5.16 0.80
N SER D 107 -24.37 5.64 -0.38
CA SER D 107 -23.80 4.94 -1.49
C SER D 107 -22.74 5.75 -2.24
N ASN D 108 -22.27 6.83 -1.65
CA ASN D 108 -21.30 7.67 -2.36
C ASN D 108 -20.14 8.16 -1.51
N THR D 109 -19.89 7.47 -0.40
CA THR D 109 -18.76 7.81 0.46
C THR D 109 -17.49 8.13 -0.32
N ARG D 110 -17.13 7.35 -1.31
CA ARG D 110 -15.86 7.65 -1.98
C ARG D 110 -15.96 8.97 -2.80
N SER D 111 -17.10 9.15 -3.46
CA SER D 111 -17.32 10.30 -4.27
C SER D 111 -17.09 11.58 -3.49
N VAL D 112 -17.68 11.68 -2.30
CA VAL D 112 -17.40 12.84 -1.46
C VAL D 112 -15.93 12.90 -1.09
N ALA D 113 -15.31 11.78 -0.72
CA ALA D 113 -13.90 11.84 -0.32
C ALA D 113 -12.99 12.28 -1.45
N GLU D 114 -13.29 11.83 -2.65
CA GLU D 114 -12.50 12.23 -3.81
C GLU D 114 -12.59 13.73 -4.08
N LEU D 115 -13.80 14.25 -4.09
CA LEU D 115 -14.00 15.66 -4.37
C LEU D 115 -13.13 16.51 -3.43
N VAL D 116 -13.22 16.19 -2.14
CA VAL D 116 -12.38 16.84 -1.14
C VAL D 116 -10.85 16.78 -1.46
N ILE D 117 -10.35 15.61 -1.83
CA ILE D 117 -8.93 15.48 -2.13
C ILE D 117 -8.56 16.41 -3.27
N GLY D 118 -9.30 16.36 -4.37
CA GLY D 118 -9.02 17.25 -5.50
C GLY D 118 -9.13 18.73 -5.15
N GLU D 119 -10.13 19.05 -4.35
CA GLU D 119 -10.34 20.41 -3.97
C GLU D 119 -9.20 20.89 -3.09
N LEU D 120 -8.83 20.15 -2.05
CA LEU D 120 -7.74 20.66 -1.20
C LEU D 120 -6.43 20.80 -1.95
N LEU D 121 -6.11 19.81 -2.77
CA LEU D 121 -4.89 19.90 -3.55
C LEU D 121 -4.82 21.16 -4.39
N LEU D 122 -5.91 21.57 -5.05
CA LEU D 122 -5.79 22.72 -5.95
C LEU D 122 -5.86 24.00 -5.15
N LEU D 123 -6.59 23.91 -4.05
CA LEU D 123 -6.90 25.07 -3.30
C LEU D 123 -5.59 25.39 -2.62
N LEU D 124 -4.84 24.37 -2.21
CA LEU D 124 -3.53 24.69 -1.65
C LEU D 124 -2.56 25.30 -2.69
N ARG D 125 -2.93 25.26 -3.97
CA ARG D 125 -2.03 25.82 -4.99
C ARG D 125 -2.52 27.14 -5.54
N GLY D 126 -3.71 27.56 -5.16
CA GLY D 126 -4.24 28.83 -5.66
C GLY D 126 -4.65 28.61 -7.09
N VAL D 127 -4.91 27.35 -7.43
CA VAL D 127 -5.32 27.07 -8.78
C VAL D 127 -6.72 27.64 -9.18
N PRO D 128 -7.73 27.50 -8.32
CA PRO D 128 -9.02 28.19 -8.67
C PRO D 128 -8.95 29.72 -9.00
N GLU D 129 -8.26 30.52 -8.18
CA GLU D 129 -8.07 31.91 -8.52
C GLU D 129 -7.26 32.00 -9.81
N ALA D 130 -6.18 31.21 -9.88
CA ALA D 130 -5.25 31.31 -11.00
C ALA D 130 -6.01 31.06 -12.26
N ASN D 131 -6.89 30.06 -12.22
CA ASN D 131 -7.62 29.63 -13.41
C ASN D 131 -8.63 30.69 -13.82
N ALA D 132 -9.35 31.19 -12.84
CA ALA D 132 -10.33 32.23 -13.05
C ALA D 132 -9.64 33.44 -13.61
N LYS D 133 -8.45 33.75 -13.12
CA LYS D 133 -7.73 34.87 -13.69
C LYS D 133 -7.31 34.59 -15.11
N ALA D 134 -6.68 33.45 -15.34
CA ALA D 134 -6.32 33.09 -16.73
C ALA D 134 -7.49 33.08 -17.72
N HIS D 135 -8.70 32.70 -17.30
CA HIS D 135 -9.86 32.85 -18.22
C HIS D 135 -10.17 34.34 -18.57
N ARG D 136 -9.69 35.27 -17.75
CA ARG D 136 -9.91 36.69 -18.03
C ARG D 136 -8.77 37.39 -18.77
N GLY D 137 -7.62 36.74 -18.93
CA GLY D 137 -6.51 37.41 -19.62
C GLY D 137 -5.36 37.63 -18.65
N VAL D 138 -5.61 37.40 -17.36
CA VAL D 138 -4.64 37.75 -16.32
C VAL D 138 -3.75 36.55 -15.99
N TRP D 139 -2.46 36.73 -16.20
CA TRP D 139 -1.47 35.71 -15.94
C TRP D 139 -0.93 36.02 -14.56
N ASN D 140 -0.70 35.01 -13.73
CA ASN D 140 -0.27 35.25 -12.37
C ASN D 140 0.59 34.16 -11.85
N LYS D 141 1.80 34.05 -12.38
CA LYS D 141 2.64 32.95 -12.03
C LYS D 141 3.35 33.32 -10.72
N LEU D 142 3.25 32.47 -9.69
CA LEU D 142 3.78 32.82 -8.38
C LEU D 142 4.10 31.56 -7.63
N ALA D 143 5.17 31.55 -6.87
CA ALA D 143 5.34 30.41 -6.00
C ALA D 143 4.95 30.73 -4.55
N ALA D 144 5.20 31.96 -4.10
CA ALA D 144 4.80 32.41 -2.77
C ALA D 144 3.39 31.94 -2.45
N GLY D 145 3.19 31.30 -1.32
CA GLY D 145 1.81 30.92 -0.94
C GLY D 145 1.19 29.71 -1.65
N SER D 146 1.97 29.01 -2.49
CA SER D 146 1.53 27.81 -3.11
C SER D 146 2.16 26.67 -2.37
N PHE D 147 1.41 25.59 -2.21
CA PHE D 147 1.76 24.54 -1.28
C PHE D 147 1.41 23.17 -1.79
N GLU D 148 2.32 22.21 -1.56
CA GLU D 148 2.08 20.82 -1.88
C GLU D 148 1.23 20.29 -0.75
N ALA D 149 0.41 19.29 -1.04
CA ALA D 149 -0.36 18.61 0.03
C ALA D 149 0.47 17.77 0.93
N ARG D 150 1.52 17.12 0.42
CA ARG D 150 2.14 16.14 1.30
C ARG D 150 2.83 16.84 2.45
N GLY D 151 2.61 16.36 3.66
CA GLY D 151 3.38 16.86 4.81
C GLY D 151 2.56 17.89 5.56
N LYS D 152 1.33 18.05 5.11
CA LYS D 152 0.41 19.04 5.63
C LYS D 152 -0.56 18.36 6.58
N LYS D 153 -1.16 19.13 7.49
CA LYS D 153 -2.11 18.57 8.47
C LYS D 153 -3.50 18.74 7.94
N LEU D 154 -4.20 17.62 7.78
CA LEU D 154 -5.61 17.69 7.41
C LEU D 154 -6.46 17.32 8.63
N GLY D 155 -7.42 18.18 8.96
CA GLY D 155 -8.27 18.04 10.15
C GLY D 155 -9.70 17.73 9.72
N ILE D 156 -10.22 16.61 10.21
CA ILE D 156 -11.48 16.19 9.69
C ILE D 156 -12.40 16.34 10.84
N ILE D 157 -13.53 16.98 10.62
CA ILE D 157 -14.49 17.16 11.66
C ILE D 157 -15.67 16.22 11.39
N GLY D 158 -15.86 15.21 12.23
CA GLY D 158 -16.85 14.16 11.89
C GLY D 158 -16.17 12.94 11.24
N TYR D 159 -16.01 11.90 12.02
CA TYR D 159 -15.21 10.81 11.58
C TYR D 159 -16.11 9.56 11.28
N GLY D 160 -17.13 9.74 10.46
CA GLY D 160 -17.96 8.60 10.12
C GLY D 160 -17.54 7.96 8.81
N HIS D 161 -18.54 7.66 7.98
CA HIS D 161 -18.31 6.87 6.78
C HIS D 161 -17.33 7.63 5.92
N ILE D 162 -17.72 8.84 5.56
CA ILE D 162 -16.92 9.74 4.74
C ILE D 162 -15.66 10.30 5.40
N GLY D 163 -15.71 10.63 6.68
CA GLY D 163 -14.51 11.18 7.32
C GLY D 163 -13.45 10.11 7.35
N THR D 164 -13.85 8.98 7.87
CA THR D 164 -13.01 7.82 7.92
C THR D 164 -12.35 7.62 6.58
N GLN D 165 -13.13 7.66 5.50
CA GLN D 165 -12.54 7.33 4.19
C GLN D 165 -11.54 8.37 3.74
N LEU D 166 -11.93 9.63 3.91
CA LEU D 166 -11.15 10.77 3.47
C LEU D 166 -9.76 10.76 4.12
N GLY D 167 -9.70 10.43 5.39
CA GLY D 167 -8.43 10.30 6.06
C GLY D 167 -7.51 9.24 5.50
N ILE D 168 -8.08 8.22 4.86
CA ILE D 168 -7.23 7.19 4.25
C ILE D 168 -6.57 7.72 2.98
N LEU D 169 -7.38 8.38 2.15
CA LEU D 169 -6.86 9.04 0.95
C LEU D 169 -5.81 10.06 1.36
N ALA D 170 -6.18 10.92 2.27
CA ALA D 170 -5.26 11.95 2.68
C ALA D 170 -3.95 11.27 3.05
N GLU D 171 -4.03 10.05 3.58
CA GLU D 171 -2.82 9.45 4.12
C GLU D 171 -1.99 8.91 2.99
N SER D 172 -2.66 8.45 1.93
CA SER D 172 -1.98 7.90 0.77
C SER D 172 -1.32 8.98 -0.05
N LEU D 173 -1.62 10.22 0.31
CA LEU D 173 -1.05 11.38 -0.33
C LEU D 173 0.12 11.90 0.44
N GLY D 174 0.23 11.45 1.68
CA GLY D 174 1.29 11.88 2.59
C GLY D 174 0.82 12.99 3.52
N MET D 175 -0.48 13.16 3.70
CA MET D 175 -0.85 14.19 4.61
C MET D 175 -0.91 13.52 5.95
N TYR D 176 -0.80 14.29 7.02
CA TYR D 176 -1.06 13.77 8.34
C TYR D 176 -2.53 14.10 8.65
N VAL D 177 -3.25 13.10 9.19
CA VAL D 177 -4.67 13.20 9.37
C VAL D 177 -5.07 13.32 10.83
N TYR D 178 -5.72 14.43 11.15
CA TYR D 178 -6.35 14.58 12.46
C TYR D 178 -7.86 14.69 12.38
N PHE D 179 -8.50 14.38 13.49
CA PHE D 179 -9.95 14.44 13.53
C PHE D 179 -10.61 14.81 14.85
N TYR D 180 -11.81 15.37 14.69
CA TYR D 180 -12.64 15.75 15.80
C TYR D 180 -14.01 15.10 15.62
N ASP D 181 -14.44 14.38 16.65
CA ASP D 181 -15.75 13.76 16.64
C ASP D 181 -16.34 13.81 18.05
N ILE D 182 -17.66 14.00 18.15
CA ILE D 182 -18.27 14.07 19.48
C ILE D 182 -18.25 12.75 20.21
N GLU D 183 -17.88 11.68 19.53
CA GLU D 183 -17.47 10.53 20.31
C GLU D 183 -16.13 10.01 19.91
N ASN D 184 -15.62 9.22 20.84
CA ASN D 184 -14.43 8.46 20.65
C ASN D 184 -14.60 7.46 19.52
N LYS D 185 -13.62 7.43 18.62
CA LYS D 185 -13.61 6.45 17.53
C LYS D 185 -12.24 5.81 17.40
N LEU D 186 -12.22 4.64 16.79
CA LEU D 186 -10.98 3.92 16.50
C LEU D 186 -10.32 4.54 15.31
N PRO D 187 -9.16 5.15 15.53
CA PRO D 187 -8.53 5.75 14.37
C PRO D 187 -8.08 4.65 13.41
N LEU D 188 -8.22 4.89 12.11
CA LEU D 188 -7.67 4.03 11.05
C LEU D 188 -6.31 4.58 10.59
N GLY D 189 -5.36 3.71 10.25
CA GLY D 189 -4.03 4.18 9.86
C GLY D 189 -3.44 5.11 10.90
N ASN D 190 -2.68 6.11 10.45
CA ASN D 190 -1.98 7.03 11.36
C ASN D 190 -2.86 8.18 11.95
N ALA D 191 -4.18 8.09 11.74
CA ALA D 191 -5.15 9.09 12.19
C ALA D 191 -5.06 9.29 13.66
N THR D 192 -5.08 10.54 14.08
CA THR D 192 -5.04 10.89 15.48
C THR D 192 -6.36 11.58 15.88
N GLN D 193 -7.06 11.08 16.90
CA GLN D 193 -8.27 11.77 17.39
C GLN D 193 -7.89 13.02 18.23
N VAL D 194 -8.59 14.10 18.01
CA VAL D 194 -8.23 15.32 18.68
C VAL D 194 -9.41 15.76 19.54
N GLN D 195 -9.14 15.80 20.84
CA GLN D 195 -10.14 15.90 21.87
C GLN D 195 -10.82 17.28 21.92
N HIS D 196 -10.15 18.32 21.47
CA HIS D 196 -10.76 19.64 21.44
C HIS D 196 -10.84 20.25 20.03
N LEU D 197 -12.03 20.72 19.65
CA LEU D 197 -12.20 21.37 18.37
C LEU D 197 -11.23 22.51 18.14
N SER D 198 -10.99 23.30 19.16
CA SER D 198 -10.09 24.46 19.04
C SER D 198 -8.64 24.05 18.72
N ASP D 199 -8.23 22.89 19.23
CA ASP D 199 -6.89 22.44 19.06
C ASP D 199 -6.69 21.93 17.65
N LEU D 200 -7.73 21.26 17.13
CA LEU D 200 -7.74 20.79 15.77
C LEU D 200 -7.63 21.96 14.81
N LEU D 201 -8.60 22.87 14.95
CA LEU D 201 -8.66 24.11 14.22
C LEU D 201 -7.31 24.84 14.20
N ASN D 202 -6.65 24.98 15.34
CA ASN D 202 -5.40 25.69 15.28
C ASN D 202 -4.28 25.00 14.48
N MET D 203 -4.31 23.66 14.43
CA MET D 203 -3.16 22.87 13.88
C MET D 203 -3.30 22.57 12.37
N SER D 204 -4.53 22.54 11.87
CA SER D 204 -4.79 22.05 10.53
C SER D 204 -4.51 23.06 9.42
N ASP D 205 -3.85 22.61 8.37
CA ASP D 205 -3.68 23.42 7.18
C ASP D 205 -4.92 23.42 6.32
N VAL D 206 -5.76 22.40 6.49
CA VAL D 206 -6.99 22.26 5.73
C VAL D 206 -8.04 21.59 6.62
N VAL D 207 -9.20 22.20 6.76
CA VAL D 207 -10.22 21.61 7.60
C VAL D 207 -11.37 21.22 6.74
N SER D 208 -11.89 20.01 6.95
CA SER D 208 -12.99 19.52 6.17
C SER D 208 -14.04 19.00 7.12
N LEU D 209 -15.27 18.94 6.65
CA LEU D 209 -16.39 18.76 7.54
C LEU D 209 -17.25 17.65 7.03
N HIS D 210 -17.70 16.84 7.96
CA HIS D 210 -18.56 15.75 7.59
C HIS D 210 -19.48 15.38 8.74
N VAL D 211 -20.29 16.34 9.19
CA VAL D 211 -21.17 16.07 10.31
C VAL D 211 -22.59 16.05 9.79
N PRO D 212 -23.52 15.59 10.61
CA PRO D 212 -24.88 15.58 10.12
C PRO D 212 -25.59 16.92 10.34
N GLU D 213 -26.86 16.99 10.01
CA GLU D 213 -27.61 18.21 10.19
C GLU D 213 -28.43 18.03 11.42
N ASN D 214 -28.03 18.70 12.50
CA ASN D 214 -28.84 18.71 13.71
C ASN D 214 -28.45 19.88 14.62
N PRO D 215 -29.16 20.09 15.73
CA PRO D 215 -28.75 21.29 16.47
C PRO D 215 -27.29 21.29 16.88
N SER D 216 -26.67 20.13 16.99
CA SER D 216 -25.36 20.11 17.60
C SER D 216 -24.48 20.73 16.56
N THR D 217 -25.04 20.77 15.38
CA THR D 217 -24.30 20.96 14.18
C THR D 217 -24.50 22.37 13.58
N LYS D 218 -25.72 22.92 13.67
CA LYS D 218 -26.00 24.27 13.18
C LYS D 218 -24.84 25.25 13.45
N ASN D 219 -24.43 25.91 12.39
CA ASN D 219 -23.32 26.87 12.41
C ASN D 219 -22.24 26.57 13.41
N MET D 220 -21.80 25.33 13.46
CA MET D 220 -20.84 25.00 14.47
C MET D 220 -19.54 25.68 14.07
N MET D 221 -19.40 26.01 12.79
CA MET D 221 -18.25 26.80 12.31
C MET D 221 -18.70 28.20 12.09
N GLY D 222 -18.53 29.02 13.12
CA GLY D 222 -18.88 30.44 13.07
C GLY D 222 -17.66 31.35 13.21
N ALA D 223 -17.91 32.63 13.39
CA ALA D 223 -16.83 33.59 13.46
C ALA D 223 -15.70 33.11 14.34
N LYS D 224 -16.06 32.62 15.52
CA LYS D 224 -15.07 32.13 16.46
C LYS D 224 -14.23 31.04 15.83
N GLU D 225 -14.88 30.02 15.24
CA GLU D 225 -14.15 28.78 14.92
C GLU D 225 -13.26 29.08 13.76
N ILE D 226 -13.78 29.92 12.86
CA ILE D 226 -13.00 30.33 11.72
C ILE D 226 -11.81 31.11 12.16
N SER D 227 -11.99 32.02 13.11
CA SER D 227 -10.84 32.77 13.54
C SER D 227 -9.81 31.89 14.27
N LEU D 228 -10.24 30.80 14.90
CA LEU D 228 -9.29 29.86 15.49
C LEU D 228 -8.53 28.98 14.44
N MET D 229 -9.02 28.94 13.20
CA MET D 229 -8.29 28.27 12.15
C MET D 229 -6.98 29.01 11.86
N LYS D 230 -5.94 28.24 11.59
CA LYS D 230 -4.64 28.74 11.34
C LYS D 230 -4.66 29.76 10.22
N PRO D 231 -4.04 30.93 10.46
CA PRO D 231 -3.87 32.00 9.44
C PRO D 231 -3.40 31.40 8.16
N GLY D 232 -4.18 31.60 7.10
CA GLY D 232 -3.78 31.15 5.79
C GLY D 232 -4.19 29.73 5.46
N SER D 233 -5.08 29.16 6.27
CA SER D 233 -5.57 27.81 5.99
C SER D 233 -6.82 27.74 5.09
N LEU D 234 -7.37 26.55 4.90
CA LEU D 234 -8.54 26.31 4.02
C LEU D 234 -9.69 25.58 4.73
N LEU D 235 -10.93 25.92 4.35
CA LEU D 235 -12.09 25.28 4.89
C LEU D 235 -12.90 24.67 3.75
N ILE D 236 -13.23 23.39 3.91
CA ILE D 236 -14.03 22.69 2.93
C ILE D 236 -15.23 22.07 3.61
N ASN D 237 -16.39 22.34 3.02
CA ASN D 237 -17.64 21.76 3.48
C ASN D 237 -18.47 21.13 2.37
N ALA D 238 -18.52 19.81 2.38
CA ALA D 238 -19.34 19.10 1.48
C ALA D 238 -20.30 18.30 2.33
N SER D 239 -20.49 18.72 3.59
CA SER D 239 -21.38 17.98 4.49
C SER D 239 -22.83 18.45 4.33
N ARG D 240 -23.18 19.50 5.09
CA ARG D 240 -24.53 20.13 5.08
C ARG D 240 -24.54 21.67 4.96
N GLY D 241 -25.53 22.21 4.29
CA GLY D 241 -25.58 23.67 4.13
C GLY D 241 -25.69 24.47 5.41
N THR D 242 -25.97 23.82 6.54
CA THR D 242 -26.31 24.54 7.75
C THR D 242 -25.17 24.57 8.72
N VAL D 243 -24.07 23.96 8.34
CA VAL D 243 -22.94 23.83 9.24
C VAL D 243 -22.00 25.04 9.31
N VAL D 244 -21.98 25.87 8.26
CA VAL D 244 -21.04 26.96 8.21
C VAL D 244 -21.72 28.33 8.24
N ASP D 245 -21.35 29.21 9.16
CA ASP D 245 -21.86 30.58 9.13
C ASP D 245 -21.24 31.22 7.87
N ILE D 246 -22.00 31.26 6.78
CA ILE D 246 -21.41 31.66 5.53
C ILE D 246 -20.85 33.11 5.54
N PRO D 247 -21.66 34.07 6.01
CA PRO D 247 -21.24 35.47 6.14
C PRO D 247 -19.92 35.64 6.88
N ALA D 248 -19.72 34.84 7.92
CA ALA D 248 -18.45 34.84 8.66
C ALA D 248 -17.30 34.32 7.79
N LEU D 249 -17.58 33.28 7.03
CA LEU D 249 -16.61 32.72 6.08
C LEU D 249 -16.20 33.75 5.04
N ALA D 250 -17.22 34.43 4.47
CA ALA D 250 -17.02 35.54 3.54
C ALA D 250 -16.02 36.50 4.13
N ASP D 251 -16.30 36.84 5.36
CA ASP D 251 -15.56 37.88 6.03
C ASP D 251 -14.11 37.45 6.08
N ALA D 252 -13.93 36.17 6.38
CA ALA D 252 -12.61 35.63 6.64
C ALA D 252 -11.86 35.40 5.35
N LEU D 253 -12.61 35.28 4.25
CA LEU D 253 -11.91 35.22 2.96
C LEU D 253 -11.52 36.65 2.53
N ALA D 254 -12.41 37.60 2.73
CA ALA D 254 -12.12 39.01 2.56
C ALA D 254 -10.92 39.56 3.33
N SER D 255 -10.70 39.12 4.59
CA SER D 255 -9.61 39.64 5.46
C SER D 255 -8.35 38.83 5.25
N LYS D 256 -8.51 37.70 4.58
CA LYS D 256 -7.42 36.82 4.15
C LYS D 256 -6.89 35.95 5.26
N HIS D 257 -7.72 35.79 6.28
CA HIS D 257 -7.41 34.86 7.35
C HIS D 257 -7.39 33.47 6.75
N LEU D 258 -8.29 33.22 5.79
CA LEU D 258 -8.31 31.94 5.02
C LEU D 258 -7.82 32.18 3.62
N ALA D 259 -6.98 31.30 3.12
CA ALA D 259 -6.46 31.45 1.74
C ALA D 259 -7.46 30.98 0.67
N GLY D 260 -8.53 30.30 1.08
CA GLY D 260 -9.62 29.79 0.19
C GLY D 260 -10.59 28.79 0.85
N ALA D 261 -11.59 28.33 0.13
CA ALA D 261 -12.52 27.34 0.68
C ALA D 261 -13.07 26.59 -0.51
N ALA D 262 -13.86 25.54 -0.23
CA ALA D 262 -14.70 24.90 -1.23
C ALA D 262 -16.06 24.51 -0.61
N ILE D 263 -17.14 25.02 -1.17
CA ILE D 263 -18.44 24.82 -0.58
C ILE D 263 -19.34 24.20 -1.65
N ASP D 264 -19.91 23.03 -1.34
CA ASP D 264 -20.74 22.27 -2.27
C ASP D 264 -22.14 22.25 -1.75
N VAL D 265 -22.33 22.67 -0.51
CA VAL D 265 -23.67 22.66 0.08
C VAL D 265 -23.95 24.00 0.72
N PHE D 266 -25.19 24.42 0.71
CA PHE D 266 -25.51 25.82 1.05
C PHE D 266 -26.77 25.86 1.89
N PRO D 267 -26.91 26.87 2.77
CA PRO D 267 -28.14 26.95 3.59
C PRO D 267 -29.41 26.81 2.74
N THR D 268 -29.40 27.37 1.53
CA THR D 268 -30.55 27.40 0.64
C THR D 268 -30.04 27.05 -0.72
N GLU D 269 -30.68 26.12 -1.40
CA GLU D 269 -30.17 25.68 -2.67
C GLU D 269 -31.23 25.85 -3.75
N PRO D 270 -30.82 26.23 -4.98
CA PRO D 270 -31.79 26.22 -6.03
C PRO D 270 -32.58 24.93 -5.96
N ALA D 271 -33.85 24.98 -6.32
CA ALA D 271 -34.68 23.76 -6.37
C ALA D 271 -34.34 22.94 -7.62
N THR D 272 -33.80 23.58 -8.66
CA THR D 272 -33.53 22.93 -9.95
C THR D 272 -32.35 23.59 -10.67
N ASN D 273 -31.85 23.02 -11.77
CA ASN D 273 -30.75 23.68 -12.48
C ASN D 273 -31.19 25.02 -13.10
N SER D 274 -32.49 25.20 -13.24
CA SER D 274 -32.97 26.43 -13.89
C SER D 274 -33.22 27.62 -12.95
N ASP D 275 -33.17 27.40 -11.64
CA ASP D 275 -33.36 28.51 -10.71
C ASP D 275 -32.06 29.28 -10.38
N PRO D 276 -32.15 30.61 -10.18
CA PRO D 276 -30.96 31.39 -9.91
C PRO D 276 -30.24 30.89 -8.64
N PHE D 277 -28.92 30.88 -8.70
CA PHE D 277 -28.09 30.66 -7.53
C PHE D 277 -27.37 31.95 -7.12
N THR D 278 -27.47 32.31 -5.83
CA THR D 278 -26.72 33.47 -5.33
C THR D 278 -25.98 33.21 -3.99
N SER D 279 -24.94 33.99 -3.78
CA SER D 279 -24.18 33.82 -2.58
C SER D 279 -23.03 34.76 -2.46
N PRO D 280 -22.88 35.30 -1.25
CA PRO D 280 -21.79 36.19 -0.89
C PRO D 280 -20.40 35.64 -1.26
N LEU D 281 -20.25 34.32 -1.38
CA LEU D 281 -18.95 33.69 -1.75
C LEU D 281 -18.59 33.79 -3.24
N ALA D 282 -19.61 34.09 -4.02
CA ALA D 282 -19.51 34.14 -5.46
C ALA D 282 -18.48 35.18 -5.90
N GLU D 283 -17.99 35.97 -4.98
CA GLU D 283 -17.17 37.06 -5.43
C GLU D 283 -15.71 36.68 -5.24
N PHE D 284 -15.49 35.45 -4.75
CA PHE D 284 -14.15 35.00 -4.39
C PHE D 284 -13.61 33.95 -5.34
N ASP D 285 -12.67 34.36 -6.16
CA ASP D 285 -12.08 33.46 -7.13
C ASP D 285 -11.30 32.36 -6.43
N ASN D 286 -10.93 32.56 -5.16
CA ASN D 286 -10.21 31.53 -4.48
C ASN D 286 -11.13 30.63 -3.73
N VAL D 287 -12.34 30.49 -4.22
CA VAL D 287 -13.30 29.64 -3.57
C VAL D 287 -13.91 28.80 -4.63
N LEU D 288 -13.81 27.48 -4.48
CA LEU D 288 -14.64 26.58 -5.30
C LEU D 288 -16.09 26.53 -4.84
N LEU D 289 -17.03 26.69 -5.78
CA LEU D 289 -18.45 26.62 -5.49
C LEU D 289 -19.11 25.53 -6.34
N THR D 290 -19.75 24.56 -5.72
CA THR D 290 -20.25 23.47 -6.55
C THR D 290 -21.65 23.12 -6.14
N PRO D 291 -22.47 22.80 -7.12
CA PRO D 291 -23.89 22.68 -6.96
C PRO D 291 -24.34 21.39 -6.25
N HIS D 292 -23.83 21.12 -5.06
CA HIS D 292 -24.27 19.94 -4.31
C HIS D 292 -24.05 18.67 -5.12
N ILE D 293 -22.83 18.46 -5.60
CA ILE D 293 -22.54 17.26 -6.39
C ILE D 293 -21.50 16.38 -5.66
N GLY D 294 -21.31 16.64 -4.38
CA GLY D 294 -20.37 15.80 -3.63
C GLY D 294 -20.59 14.31 -3.81
N GLY D 295 -21.85 13.89 -3.94
CA GLY D 295 -22.20 12.52 -4.33
C GLY D 295 -22.61 12.27 -5.80
N SER D 296 -22.66 13.31 -6.61
CA SER D 296 -23.17 13.14 -7.96
C SER D 296 -22.17 12.50 -8.92
N THR D 297 -21.99 11.19 -8.84
CA THR D 297 -21.17 10.50 -9.84
C THR D 297 -21.78 9.21 -10.35
N GLN D 298 -21.26 8.70 -11.45
CA GLN D 298 -21.86 7.51 -12.03
C GLN D 298 -21.58 6.35 -11.14
N GLU D 299 -20.44 6.34 -10.43
CA GLU D 299 -20.13 5.15 -9.66
C GLU D 299 -21.15 5.05 -8.55
N ALA D 300 -21.48 6.19 -7.96
CA ALA D 300 -22.54 6.22 -6.94
C ALA D 300 -23.89 5.95 -7.52
N GLN D 301 -24.15 6.40 -8.73
CA GLN D 301 -25.46 6.15 -9.29
C GLN D 301 -25.63 4.65 -9.54
N GLU D 302 -24.54 4.01 -9.92
CA GLU D 302 -24.55 2.57 -10.08
C GLU D 302 -24.68 1.83 -8.73
N ASN D 303 -24.00 2.32 -7.71
CA ASN D 303 -24.09 1.70 -6.41
C ASN D 303 -25.49 1.74 -5.87
N ILE D 304 -26.12 2.88 -6.06
CA ILE D 304 -27.50 3.07 -5.74
C ILE D 304 -28.34 2.16 -6.62
N GLY D 305 -27.92 1.98 -7.87
CA GLY D 305 -28.67 1.12 -8.79
C GLY D 305 -28.85 -0.31 -8.28
N LEU D 306 -27.74 -0.94 -7.91
CA LEU D 306 -27.80 -2.29 -7.40
C LEU D 306 -28.53 -2.32 -6.08
N GLU D 307 -28.31 -1.31 -5.25
CA GLU D 307 -28.81 -1.39 -3.90
C GLU D 307 -30.31 -1.37 -3.87
N VAL D 308 -30.89 -0.37 -4.54
CA VAL D 308 -32.31 -0.14 -4.44
C VAL D 308 -33.09 -1.10 -5.32
N ALA D 309 -32.52 -1.46 -6.48
CA ALA D 309 -33.06 -2.57 -7.23
C ALA D 309 -33.03 -3.79 -6.32
N GLY D 310 -31.95 -3.93 -5.56
CA GLY D 310 -31.80 -5.06 -4.69
C GLY D 310 -32.92 -5.15 -3.68
N LYS D 311 -33.43 -4.00 -3.26
CA LYS D 311 -34.33 -4.04 -2.14
C LYS D 311 -35.79 -4.31 -2.56
N LEU D 312 -36.16 -3.80 -3.73
CA LEU D 312 -37.44 -4.07 -4.35
C LEU D 312 -37.51 -5.52 -4.78
N ILE D 313 -36.44 -6.04 -5.38
CA ILE D 313 -36.40 -7.42 -5.77
C ILE D 313 -36.58 -8.27 -4.50
N LYS D 314 -35.81 -7.95 -3.45
CA LYS D 314 -35.92 -8.68 -2.19
C LYS D 314 -37.31 -8.64 -1.59
N TYR D 315 -37.97 -7.49 -1.61
CA TYR D 315 -39.29 -7.37 -1.00
C TYR D 315 -40.37 -8.24 -1.70
N SER D 316 -40.24 -8.33 -3.03
CA SER D 316 -41.20 -8.98 -3.88
C SER D 316 -41.01 -10.51 -3.86
N ASP D 317 -39.75 -10.96 -4.06
CA ASP D 317 -39.34 -12.36 -3.91
C ASP D 317 -39.58 -12.96 -2.51
N ASN D 318 -39.17 -12.27 -1.45
CA ASN D 318 -39.27 -12.83 -0.10
C ASN D 318 -39.88 -11.98 0.99
N GLY D 319 -40.42 -10.80 0.68
CA GLY D 319 -41.00 -9.93 1.72
C GLY D 319 -40.10 -9.17 2.72
N SER D 320 -38.79 -9.13 2.49
CA SER D 320 -37.97 -8.29 3.36
C SER D 320 -38.29 -6.83 3.27
N THR D 321 -38.43 -6.20 4.43
CA THR D 321 -38.70 -4.79 4.48
C THR D 321 -37.58 -4.23 5.28
N LEU D 322 -36.49 -4.99 5.40
CA LEU D 322 -35.30 -4.45 6.08
C LEU D 322 -34.86 -3.14 5.39
N SER D 323 -34.74 -2.06 6.16
CA SER D 323 -34.30 -0.71 5.66
C SER D 323 -35.34 0.18 4.99
N ALA D 324 -36.54 -0.37 4.85
CA ALA D 324 -37.65 0.41 4.37
C ALA D 324 -37.71 1.66 5.28
N VAL D 325 -37.97 2.85 4.74
CA VAL D 325 -37.91 4.03 5.65
C VAL D 325 -39.24 4.38 6.27
N ASN D 326 -40.30 3.66 5.91
CA ASN D 326 -41.65 3.98 6.36
C ASN D 326 -42.54 2.81 6.83
N PHE D 327 -41.92 1.74 7.32
CA PHE D 327 -42.58 0.42 7.42
C PHE D 327 -41.92 -0.38 8.54
N PRO D 328 -42.66 -1.28 9.20
CA PRO D 328 -41.97 -2.05 10.19
C PRO D 328 -41.02 -2.94 9.44
N GLU D 329 -39.84 -3.18 10.00
CA GLU D 329 -38.84 -4.03 9.34
C GLU D 329 -38.93 -5.46 9.82
N VAL D 330 -39.20 -6.37 8.88
CA VAL D 330 -39.31 -7.77 9.16
C VAL D 330 -38.47 -8.37 8.07
N SER D 331 -37.84 -9.49 8.38
CA SER D 331 -37.00 -10.19 7.42
C SER D 331 -36.97 -11.65 7.80
N LEU D 332 -37.10 -12.58 6.85
CA LEU D 332 -37.07 -14.00 7.28
C LEU D 332 -36.23 -14.94 6.44
N PRO D 333 -35.29 -15.66 7.06
CA PRO D 333 -34.48 -16.44 6.09
C PRO D 333 -35.41 -17.41 5.41
N LEU D 334 -35.00 -18.04 4.34
CA LEU D 334 -35.96 -18.88 3.68
C LEU D 334 -35.81 -20.38 4.04
N HIS D 335 -36.93 -21.10 4.01
CA HIS D 335 -36.99 -22.54 4.31
C HIS D 335 -38.07 -23.25 3.46
N VAL D 336 -38.01 -24.57 3.43
CA VAL D 336 -39.00 -25.33 2.69
C VAL D 336 -40.35 -24.80 3.09
N GLY D 337 -41.28 -24.80 2.14
CA GLY D 337 -42.66 -24.50 2.48
C GLY D 337 -43.18 -23.38 1.63
N ARG D 338 -44.34 -22.84 1.98
CA ARG D 338 -44.80 -21.65 1.31
C ARG D 338 -44.57 -20.48 2.24
N ARG D 339 -44.83 -19.29 1.74
CA ARG D 339 -44.57 -18.09 2.50
C ARG D 339 -45.64 -17.14 2.16
N LEU D 340 -46.27 -16.60 3.20
CA LEU D 340 -47.32 -15.64 3.02
C LEU D 340 -47.08 -14.40 3.83
N MET D 341 -47.83 -13.36 3.53
CA MET D 341 -47.51 -12.06 4.05
C MET D 341 -48.76 -11.28 4.41
N HIS D 342 -48.79 -10.68 5.58
CA HIS D 342 -49.94 -9.86 5.94
C HIS D 342 -49.55 -8.45 6.45
N ILE D 343 -50.14 -7.42 5.86
CA ILE D 343 -50.02 -6.06 6.35
C ILE D 343 -51.39 -5.54 6.77
N HIS D 344 -51.45 -4.89 7.93
CA HIS D 344 -52.71 -4.70 8.59
C HIS D 344 -52.60 -3.62 9.62
N GLU D 345 -53.75 -3.14 10.06
CA GLU D 345 -53.79 -2.03 10.96
C GLU D 345 -53.46 -2.59 12.33
N ASN D 346 -52.54 -1.96 13.05
CA ASN D 346 -52.19 -2.49 14.37
C ASN D 346 -53.31 -2.40 15.42
N ARG D 347 -54.07 -3.48 15.56
CA ARG D 347 -55.16 -3.54 16.53
C ARG D 347 -55.48 -5.00 16.86
N PRO D 348 -55.97 -5.24 18.07
CA PRO D 348 -56.06 -6.54 18.73
C PRO D 348 -56.44 -7.71 17.83
N GLY D 349 -55.87 -8.88 18.15
CA GLY D 349 -56.34 -10.17 17.61
C GLY D 349 -56.19 -10.51 16.14
N VAL D 350 -55.50 -9.66 15.38
CA VAL D 350 -55.13 -10.01 14.01
C VAL D 350 -54.24 -11.23 14.09
N LEU D 351 -53.12 -11.07 14.74
CA LEU D 351 -52.30 -12.22 14.98
C LEU D 351 -53.12 -13.40 15.58
N THR D 352 -54.09 -13.13 16.42
CA THR D 352 -54.86 -14.27 16.91
C THR D 352 -55.68 -14.98 15.82
N ALA D 353 -56.12 -14.26 14.80
CA ALA D 353 -56.97 -14.89 13.79
C ALA D 353 -56.10 -15.43 12.68
N LEU D 354 -55.01 -14.72 12.42
CA LEU D 354 -53.96 -15.25 11.55
C LEU D 354 -53.67 -16.68 11.93
N ASN D 355 -53.32 -16.86 13.21
CA ASN D 355 -52.75 -18.12 13.64
C ASN D 355 -53.83 -19.17 13.69
N LYS D 356 -55.07 -18.72 13.86
CA LYS D 356 -56.21 -19.61 13.97
C LYS D 356 -56.47 -20.26 12.62
N ILE D 357 -56.42 -19.47 11.57
CA ILE D 357 -56.55 -20.00 10.24
C ILE D 357 -55.69 -21.24 10.02
N PHE D 358 -54.44 -21.19 10.43
CA PHE D 358 -53.55 -22.34 10.17
C PHE D 358 -53.86 -23.49 11.17
N ALA D 359 -54.15 -23.14 12.41
CA ALA D 359 -54.57 -24.16 13.33
C ALA D 359 -55.64 -24.99 12.64
N GLU D 360 -56.58 -24.34 11.97
CA GLU D 360 -57.78 -25.07 11.68
C GLU D 360 -57.63 -25.96 10.48
N GLN D 361 -56.84 -25.52 9.52
CA GLN D 361 -56.70 -26.33 8.35
C GLN D 361 -55.65 -27.38 8.68
N GLY D 362 -55.25 -27.40 9.96
CA GLY D 362 -54.21 -28.30 10.46
C GLY D 362 -52.89 -28.18 9.71
N VAL D 363 -52.30 -26.99 9.76
CA VAL D 363 -51.13 -26.70 8.95
C VAL D 363 -50.16 -26.19 9.92
N ASN D 364 -48.95 -26.74 9.94
CA ASN D 364 -47.91 -26.30 10.86
C ASN D 364 -47.21 -25.00 10.40
N ILE D 365 -47.09 -24.04 11.32
CA ILE D 365 -46.41 -22.80 11.03
C ILE D 365 -44.89 -22.89 11.21
N ALA D 366 -44.13 -22.90 10.13
CA ALA D 366 -42.68 -23.10 10.32
C ALA D 366 -41.98 -21.90 10.94
N ALA D 367 -42.54 -20.71 10.79
CA ALA D 367 -41.98 -19.54 11.46
C ALA D 367 -42.83 -18.35 11.14
N GLN D 368 -42.59 -17.25 11.85
CA GLN D 368 -43.28 -16.05 11.51
C GLN D 368 -42.61 -14.93 12.23
N TYR D 369 -42.70 -13.75 11.64
CA TYR D 369 -42.05 -12.60 12.13
C TYR D 369 -43.07 -11.54 11.88
N LEU D 370 -43.46 -10.85 12.93
CA LEU D 370 -44.33 -9.74 12.86
C LEU D 370 -43.59 -8.58 13.54
N GLN D 371 -43.89 -7.39 13.08
CA GLN D 371 -43.37 -6.23 13.74
C GLN D 371 -44.42 -5.14 13.51
N THR D 372 -44.50 -4.16 14.41
CA THR D 372 -45.55 -3.15 14.37
C THR D 372 -44.94 -1.74 14.28
N SER D 373 -45.76 -0.75 13.90
CA SER D 373 -45.50 0.66 14.27
C SER D 373 -46.62 1.07 15.25
N ALA D 374 -46.98 2.35 15.33
CA ALA D 374 -48.06 2.72 16.23
C ALA D 374 -49.28 2.36 15.44
N GLN D 375 -49.24 2.71 14.17
CA GLN D 375 -50.42 2.64 13.38
C GLN D 375 -50.60 1.38 12.53
N MET D 376 -49.60 0.50 12.50
CA MET D 376 -49.64 -0.54 11.48
C MET D 376 -48.83 -1.78 11.89
N GLY D 377 -49.00 -2.89 11.17
CA GLY D 377 -48.37 -4.16 11.52
C GLY D 377 -48.00 -4.98 10.30
N TYR D 378 -46.87 -5.66 10.33
CA TYR D 378 -46.49 -6.50 9.18
C TYR D 378 -46.00 -7.85 9.65
N VAL D 379 -46.39 -8.92 8.95
CA VAL D 379 -46.00 -10.26 9.39
C VAL D 379 -45.76 -11.21 8.27
N VAL D 380 -44.62 -11.89 8.33
CA VAL D 380 -44.34 -12.91 7.30
C VAL D 380 -44.55 -14.27 7.89
N ILE D 381 -45.05 -15.22 7.09
CA ILE D 381 -45.37 -16.55 7.64
C ILE D 381 -44.87 -17.64 6.74
N ASP D 382 -44.10 -18.57 7.31
CA ASP D 382 -43.65 -19.75 6.60
C ASP D 382 -44.47 -20.95 7.06
N ILE D 383 -45.08 -21.60 6.08
CA ILE D 383 -45.96 -22.69 6.38
C ILE D 383 -45.59 -23.81 5.49
N GLU D 384 -45.87 -25.03 5.94
CA GLU D 384 -45.52 -26.24 5.20
C GLU D 384 -46.85 -26.77 4.68
N ALA D 385 -47.11 -26.60 3.39
CA ALA D 385 -48.43 -26.94 2.82
C ALA D 385 -48.38 -26.91 1.28
N ASP D 386 -49.31 -27.58 0.59
CA ASP D 386 -49.35 -27.48 -0.86
C ASP D 386 -49.96 -26.14 -1.25
N GLU D 387 -50.00 -25.88 -2.55
CA GLU D 387 -50.29 -24.55 -3.06
C GLU D 387 -51.74 -24.14 -2.83
N ASP D 388 -52.63 -25.08 -3.10
CA ASP D 388 -54.04 -24.96 -2.83
C ASP D 388 -54.40 -24.49 -1.41
N VAL D 389 -53.76 -25.07 -0.39
CA VAL D 389 -54.14 -24.77 1.00
C VAL D 389 -53.64 -23.38 1.34
N ALA D 390 -52.53 -23.02 0.71
CA ALA D 390 -51.95 -21.72 0.97
C ALA D 390 -52.88 -20.66 0.40
N GLU D 391 -53.42 -20.96 -0.77
CA GLU D 391 -54.47 -20.13 -1.40
C GLU D 391 -55.71 -19.88 -0.54
N LYS D 392 -56.33 -20.94 -0.02
CA LYS D 392 -57.49 -20.75 0.85
C LYS D 392 -57.09 -19.88 2.04
N ALA D 393 -55.90 -20.16 2.58
CA ALA D 393 -55.32 -19.33 3.64
C ALA D 393 -55.21 -17.86 3.24
N LEU D 394 -54.68 -17.59 2.05
CA LEU D 394 -54.57 -16.23 1.59
C LEU D 394 -55.96 -15.58 1.67
N GLN D 395 -56.90 -16.19 0.95
CA GLN D 395 -58.26 -15.73 0.92
C GLN D 395 -58.79 -15.52 2.33
N ALA D 396 -58.60 -16.46 3.22
CA ALA D 396 -59.05 -16.24 4.57
C ALA D 396 -58.32 -15.11 5.29
N MET D 397 -57.00 -14.98 5.10
CA MET D 397 -56.23 -13.85 5.73
C MET D 397 -56.67 -12.52 5.09
N LYS D 398 -57.10 -12.59 3.83
CA LYS D 398 -57.51 -11.35 3.23
C LYS D 398 -58.73 -10.79 3.94
N ALA D 399 -59.38 -11.59 4.79
CA ALA D 399 -60.69 -11.19 5.31
C ALA D 399 -60.67 -10.73 6.73
N ILE D 400 -59.55 -10.92 7.43
CA ILE D 400 -59.53 -10.46 8.79
C ILE D 400 -59.86 -8.95 8.76
N PRO D 401 -60.94 -8.53 9.43
CA PRO D 401 -61.03 -7.10 9.57
C PRO D 401 -59.66 -6.55 9.98
N GLY D 402 -59.24 -5.49 9.29
CA GLY D 402 -58.00 -4.80 9.65
C GLY D 402 -57.01 -4.90 8.52
N THR D 403 -57.29 -5.83 7.62
CA THR D 403 -56.37 -6.16 6.56
C THR D 403 -56.21 -5.04 5.54
N ILE D 404 -55.02 -4.43 5.51
CA ILE D 404 -54.66 -3.58 4.43
C ILE D 404 -54.27 -4.43 3.24
N ARG D 405 -53.57 -5.53 3.45
CA ARG D 405 -53.08 -6.32 2.30
C ARG D 405 -52.42 -7.66 2.67
N ALA D 406 -52.46 -8.59 1.74
CA ALA D 406 -51.96 -9.91 2.02
C ALA D 406 -51.53 -10.51 0.73
N ARG D 407 -50.40 -11.22 0.73
CA ARG D 407 -49.89 -11.79 -0.50
C ARG D 407 -49.14 -13.12 -0.24
N LEU D 408 -49.24 -14.07 -1.17
CA LEU D 408 -48.52 -15.35 -1.08
C LEU D 408 -47.35 -15.36 -2.02
N LEU D 409 -46.13 -15.45 -1.51
CA LEU D 409 -44.96 -15.01 -2.28
C LEU D 409 -44.39 -16.15 -3.09
N TYR D 410 -44.41 -17.33 -2.50
CA TYR D 410 -43.89 -18.52 -3.14
C TYR D 410 -44.41 -19.74 -2.40
P PO4 E . 24.23 -23.93 -5.88
O1 PO4 E . 24.38 -22.94 -4.78
O2 PO4 E . 23.11 -24.89 -5.58
O3 PO4 E . 24.00 -23.30 -7.23
O4 PO4 E . 25.49 -24.69 -5.83
P PO4 F . -17.24 -28.22 13.67
O1 PO4 F . -17.63 -26.73 13.54
O2 PO4 F . -15.90 -28.34 12.92
O3 PO4 F . -18.28 -29.15 13.03
O4 PO4 F . -17.15 -28.65 15.14
PA NAI G . -15.20 -19.66 4.80
O1A NAI G . -16.48 -20.36 4.83
O2A NAI G . -15.32 -18.21 5.15
O5B NAI G . -14.57 -19.91 3.35
C5B NAI G . -14.82 -21.12 2.66
C4B NAI G . -14.96 -20.86 1.16
O4B NAI G . -14.70 -22.01 0.37
C3B NAI G . -16.34 -20.39 0.77
O3B NAI G . -16.12 -19.18 0.06
C2B NAI G . -16.87 -21.48 -0.15
O2B NAI G . -17.59 -20.98 -1.24
C1B NAI G . -15.62 -22.15 -0.69
N9A NAI G . -15.83 -23.59 -0.97
C8A NAI G . -16.74 -24.46 -0.43
N7A NAI G . -16.59 -25.69 -0.99
C5A NAI G . -15.59 -25.62 -1.90
C6A NAI G . -15.03 -26.57 -2.74
N6A NAI G . -15.53 -27.80 -2.86
N1A NAI G . -14.00 -26.20 -3.56
C2A NAI G . -13.58 -24.88 -3.54
N3A NAI G . -14.12 -23.93 -2.69
C4A NAI G . -15.11 -24.31 -1.87
O3 NAI G . -14.24 -20.33 5.91
PN NAI G . -12.92 -19.66 6.55
O1N NAI G . -13.16 -18.82 7.76
O2N NAI G . -12.17 -19.09 5.41
O5D NAI G . -12.14 -21.01 6.97
C5D NAI G . -11.86 -21.94 5.95
C4D NAI G . -11.45 -23.27 6.57
O4D NAI G . -10.34 -23.06 7.42
C3D NAI G . -12.56 -23.85 7.43
O3D NAI G . -12.64 -25.24 7.18
C2D NAI G . -12.04 -23.66 8.83
O2D NAI G . -12.50 -24.62 9.75
C1D NAI G . -10.57 -23.85 8.56
N1N NAI G . -9.85 -23.39 9.73
C2N NAI G . -8.86 -24.18 10.28
C3N NAI G . -8.21 -23.71 11.41
C7N NAI G . -6.85 -24.18 11.77
O7N NAI G . -6.28 -23.48 12.83
N7N NAI G . -6.25 -25.17 11.09
C4N NAI G . -8.53 -22.47 11.95
C5N NAI G . -9.52 -21.71 11.39
C6N NAI G . -10.19 -22.18 10.25
C1 CIT H . -14.63 -28.05 -11.03
O1 CIT H . -14.30 -26.85 -10.97
O2 CIT H . -15.76 -28.36 -10.59
C2 CIT H . -13.69 -29.12 -11.63
C3 CIT H . -12.56 -28.46 -12.43
O7 CIT H . -12.09 -27.31 -11.68
C4 CIT H . -11.40 -29.42 -12.73
C5 CIT H . -10.91 -29.23 -14.16
O3 CIT H . -11.02 -28.17 -14.78
O4 CIT H . -10.37 -30.15 -14.80
C6 CIT H . -13.14 -27.91 -13.74
O5 CIT H . -13.33 -26.68 -13.88
O6 CIT H . -13.43 -28.69 -14.69
C1 CIT I . -7.29 -21.75 38.37
O1 CIT I . -8.44 -21.70 37.88
O2 CIT I . -6.68 -20.66 38.47
C2 CIT I . -6.70 -23.09 38.76
C3 CIT I . -7.45 -24.19 37.99
O7 CIT I . -7.76 -23.68 36.66
C4 CIT I . -6.72 -25.49 37.69
C5 CIT I . -7.78 -26.37 37.06
O3 CIT I . -8.57 -25.90 36.23
O4 CIT I . -7.93 -27.59 37.36
C6 CIT I . -8.70 -24.56 38.79
O5 CIT I . -9.83 -24.59 38.25
O6 CIT I . -8.62 -24.86 40.00
P PO4 J . 23.03 3.10 23.94
O1 PO4 J . 23.95 4.16 23.38
O2 PO4 J . 23.14 1.95 22.98
O3 PO4 J . 23.32 2.62 25.39
O4 PO4 J . 21.64 3.68 23.94
P PO4 K . -3.78 -22.69 25.83
O1 PO4 K . -4.38 -21.31 25.96
O2 PO4 K . -4.25 -23.50 26.97
O3 PO4 K . -4.14 -23.39 24.53
O4 PO4 K . -2.29 -22.61 25.92
PA NAI L . 24.98 -2.02 4.36
O1A NAI L . 26.39 -1.56 4.21
O2A NAI L . 24.21 -1.49 3.21
O5B NAI L . 24.33 -1.63 5.76
C5B NAI L . 24.86 -2.06 6.99
C4B NAI L . 24.33 -1.01 8.01
O4B NAI L . 24.72 -1.20 9.36
C3B NAI L . 24.81 0.39 7.66
O3B NAI L . 23.68 1.21 7.68
C2B NAI L . 25.71 0.83 8.77
O2B NAI L . 25.35 2.15 9.07
C1B NAI L . 25.18 0.01 9.91
N9A NAI L . 26.21 -0.23 10.92
C8A NAI L . 27.54 -0.42 10.71
N7A NAI L . 28.14 -0.65 11.91
C5A NAI L . 27.20 -0.61 12.87
C6A NAI L . 27.29 -0.82 14.24
N6A NAI L . 28.08 -1.85 14.57
N1A NAI L . 26.13 -0.69 14.97
C2A NAI L . 24.92 -0.43 14.36
N3A NAI L . 24.84 -0.27 13.00
C4A NAI L . 25.97 -0.36 12.27
O3 NAI L . 24.96 -3.63 4.52
PN NAI L . 23.79 -4.61 3.98
O1N NAI L . 23.97 -4.87 2.53
O2N NAI L . 22.46 -4.09 4.36
O5D NAI L . 24.10 -5.97 4.79
C5D NAI L . 24.57 -5.94 6.10
C4D NAI L . 25.11 -7.29 6.51
O4D NAI L . 24.31 -8.34 6.02
C3D NAI L . 26.53 -7.55 5.97
O3D NAI L . 27.33 -8.21 6.95
C2D NAI L . 26.31 -8.54 4.84
O2D NAI L . 27.44 -9.34 4.53
C1D NAI L . 25.19 -9.33 5.50
N1N NAI L . 24.65 -10.27 4.51
C2N NAI L . 24.58 -11.63 4.81
C3N NAI L . 24.08 -12.52 3.82
C7N NAI L . 23.69 -13.95 4.12
O7N NAI L . 23.59 -14.89 3.09
N7N NAI L . 23.41 -14.32 5.35
C4N NAI L . 23.68 -11.99 2.61
C5N NAI L . 23.76 -10.62 2.34
C6N NAI L . 24.26 -9.77 3.32
C1 CIT M . 26.79 -18.44 -2.76
O1 CIT M . 25.63 -17.98 -2.51
O2 CIT M . 26.79 -19.54 -3.36
C2 CIT M . 28.15 -17.81 -2.45
C3 CIT M . 28.02 -16.53 -1.59
O7 CIT M . 27.60 -16.83 -0.23
C4 CIT M . 29.40 -15.91 -1.46
C5 CIT M . 29.32 -14.87 -0.36
O3 CIT M . 28.24 -14.65 0.25
O4 CIT M . 30.34 -14.21 -0.07
C6 CIT M . 27.06 -15.43 -2.07
O5 CIT M . 25.88 -15.36 -1.62
O6 CIT M . 27.46 -14.54 -2.85
P PO4 N . 7.79 33.90 -6.30
O1 PO4 N . 8.18 35.15 -6.96
O2 PO4 N . 6.32 33.94 -5.92
O3 PO4 N . 7.94 32.79 -7.30
O4 PO4 N . 8.69 33.64 -5.13
P PO4 O . -28.42 13.28 -13.79
O1 PO4 O . -29.58 14.19 -14.17
O2 PO4 O . -28.81 11.83 -13.74
O3 PO4 O . -27.33 13.38 -14.85
O4 PO4 O . -28.03 13.65 -12.36
S SO4 P . 14.95 43.61 -2.69
O1 SO4 P . 14.99 42.94 -1.35
O2 SO4 P . 13.64 43.32 -3.29
O3 SO4 P . 15.16 45.07 -2.65
O4 SO4 P . 15.98 43.08 -3.58
PA NAI Q . 12.32 13.29 -17.55
O1A NAI Q . 13.44 13.45 -18.50
O2A NAI Q . 12.78 12.69 -16.27
O5B NAI Q . 11.20 12.45 -18.28
C5B NAI Q . 11.02 12.51 -19.66
C4B NAI Q . 10.73 11.10 -20.14
O4B NAI Q . 10.05 11.15 -21.38
C3B NAI Q . 12.04 10.37 -20.38
O3B NAI Q . 11.93 9.08 -19.81
C2B NAI Q . 12.15 10.36 -21.91
O2B NAI Q . 12.79 9.23 -22.45
C1B NAI Q . 10.70 10.31 -22.30
N9A NAI Q . 10.53 10.82 -23.65
C8A NAI Q . 11.41 11.58 -24.35
N7A NAI Q . 10.87 11.83 -25.58
C5A NAI Q . 9.66 11.24 -25.64
C6A NAI Q . 8.68 11.19 -26.62
N6A NAI Q . 8.89 11.73 -27.81
N1A NAI Q . 7.52 10.49 -26.41
C2A NAI Q . 7.34 9.83 -25.20
N3A NAI Q . 8.32 9.89 -24.23
C4A NAI Q . 9.45 10.59 -24.44
O3 NAI Q . 11.58 14.68 -17.33
PN NAI Q . 10.89 15.11 -15.95
O1N NAI Q . 11.95 15.63 -15.10
O2N NAI Q . 10.01 14.04 -15.43
O5D NAI Q . 10.07 16.33 -16.57
C5D NAI Q . 9.29 16.15 -17.73
C4D NAI Q . 8.95 17.46 -18.42
O4D NAI Q . 8.15 18.31 -17.60
C3D NAI Q . 10.15 18.28 -18.85
O3D NAI Q . 9.73 18.94 -20.01
C2D NAI Q . 10.19 19.39 -17.85
O2D NAI Q . 10.76 20.53 -18.44
C1D NAI Q . 8.71 19.61 -17.62
N1N NAI Q . 8.43 20.37 -16.38
C2N NAI Q . 7.40 21.27 -16.36
C3N NAI Q . 7.14 21.98 -15.19
C7N NAI Q . 5.98 22.93 -15.08
O7N NAI Q . 6.23 23.95 -14.16
N7N NAI Q . 4.82 22.80 -15.76
C4N NAI Q . 7.90 21.80 -14.05
C5N NAI Q . 8.93 20.86 -14.09
C6N NAI Q . 9.19 20.17 -15.27
C1 CIT R . 4.35 4.79 -31.49
O1 CIT R . 4.01 3.65 -31.16
O2 CIT R . 5.28 5.32 -30.83
C2 CIT R . 3.68 5.50 -32.66
C3 CIT R . 2.51 4.63 -33.09
O7 CIT R . 1.55 4.47 -32.03
C4 CIT R . 1.79 5.17 -34.32
C5 CIT R . 0.50 4.39 -34.49
O3 CIT R . 0.33 3.26 -33.93
O4 CIT R . -0.42 4.90 -35.18
C6 CIT R . 3.04 3.24 -33.32
O5 CIT R . 2.37 2.27 -32.88
O6 CIT R . 4.12 3.06 -33.93
C1 CIT S . 11.54 26.78 -11.97
O1 CIT S . 12.24 26.98 -12.99
O2 CIT S . 11.24 25.60 -11.65
C2 CIT S . 11.02 27.90 -11.10
C3 CIT S . 10.78 29.20 -11.84
O7 CIT S . 9.50 29.17 -12.54
C4 CIT S . 10.80 30.36 -10.87
C5 CIT S . 11.14 31.55 -11.70
O3 CIT S . 10.99 31.47 -12.93
O4 CIT S . 11.59 32.61 -11.21
C6 CIT S . 11.88 29.41 -12.85
O5 CIT S . 11.75 29.06 -14.05
O6 CIT S . 12.94 29.94 -12.47
P PO4 T . -30.76 13.18 -7.04
O1 PO4 T . -30.97 13.26 -8.55
O2 PO4 T . -31.77 12.21 -6.47
O3 PO4 T . -29.35 12.76 -6.75
O4 PO4 T . -30.97 14.49 -6.29
P PO4 U . -37.87 9.63 -21.66
O1 PO4 U . -39.36 9.45 -21.79
O2 PO4 U . -37.13 8.38 -22.16
O3 PO4 U . -37.36 10.79 -22.49
O4 PO4 U . -37.62 10.00 -20.21
PA NAI V . -21.75 9.55 9.29
O1A NAI V . -23.02 9.35 10.03
O2A NAI V . -21.01 8.31 8.91
O5B NAI V . -20.69 10.34 10.20
C5B NAI V . -21.04 11.39 11.05
C4B NAI V . -19.98 11.55 12.14
O4B NAI V . -20.01 12.86 12.68
C3B NAI V . -20.22 10.59 13.29
O3B NAI V . -18.97 9.99 13.55
C2B NAI V . -20.56 11.42 14.51
O2B NAI V . -19.75 11.02 15.59
C1B NAI V . -20.08 12.81 14.10
N9A NAI V . -20.82 13.94 14.69
C8A NAI V . -22.16 14.17 14.89
N7A NAI V . -22.26 15.40 15.50
C5A NAI V . -21.01 15.94 15.65
C6A NAI V . -20.49 17.13 16.16
N6A NAI V . -21.26 18.12 16.58
N1A NAI V . -19.12 17.35 16.14
C2A NAI V . -18.27 16.40 15.63
N3A NAI V . -18.76 15.22 15.13
C4A NAI V . -20.11 15.01 15.14
O3 NAI V . -22.19 10.42 8.01
PN NAI V . -21.55 10.32 6.53
O1N NAI V . -22.31 9.41 5.65
O2N NAI V . -20.10 10.04 6.61
O5D NAI V . -21.93 11.78 5.91
C5D NAI V . -21.50 13.00 6.47
C4D NAI V . -22.32 14.15 5.94
O4D NAI V . -22.05 14.35 4.56
C3D NAI V . -23.81 13.84 6.03
O3D NAI V . -24.47 15.03 6.31
C2D NAI V . -24.18 13.62 4.60
O2D NAI V . -25.53 13.89 4.34
C1D NAI V . -23.27 14.62 3.92
N1N NAI V . -23.27 14.24 2.53
C2N NAI V . -23.41 15.15 1.53
C3N NAI V . -23.43 14.73 0.20
C7N NAI V . -23.31 15.68 -0.94
O7N NAI V . -23.50 15.17 -2.24
N7N NAI V . -23.04 16.97 -0.73
C4N NAI V . -23.31 13.37 -0.08
C5N NAI V . -23.18 12.44 0.95
C6N NAI V . -23.17 12.90 2.26
C1 CIT W . -14.89 21.36 21.82
O1 CIT W . -13.67 21.06 21.92
O2 CIT W . -15.75 20.53 21.44
C2 CIT W . -15.33 22.76 22.18
C3 CIT W . -14.12 23.64 21.97
O7 CIT W . -13.59 23.44 20.64
C4 CIT W . -14.48 25.11 22.12
C5 CIT W . -14.41 25.64 20.71
O3 CIT W . -13.27 25.70 20.18
O4 CIT W . -15.42 25.99 20.04
C6 CIT W . -12.99 23.17 22.85
O5 CIT W . -11.82 23.48 22.59
O6 CIT W . -13.25 22.42 23.81
#